data_6M53
#
_entry.id   6M53
#
_cell.length_a   77.625
_cell.length_b   132.246
_cell.length_c   140.593
_cell.angle_alpha   90.000
_cell.angle_beta   90.000
_cell.angle_gamma   90.000
#
_symmetry.space_group_name_H-M   'P 21 21 21'
#
loop_
_entity.id
_entity.type
_entity.pdbx_description
1 polymer '2,3-dihydroxybenzoate decarboxylase'
2 non-polymer 'ZINC ION'
3 non-polymer GLYCEROL
4 water water
#
_entity_poly.entity_id   1
_entity_poly.type   'polypeptide(L)'
_entity_poly.pdbx_seq_one_letter_code
;HMLGKVALEEAFALPRHKERTRWWAGLFAIDPDKHAAEINDITEQRIKYMNEHGVGYTILSYTAPGVQDVWDPKEAQALA
VEVNDYIADAIKAHPDRLGAFATLSMHDPKEAAEELRRVVTKYGFKGALVNDTQRAGADGDDMIFYDGPEWDVFWSTVTD
LDVPFYLHPRNPTGSIHEKLWAKRSWLIGPPLSFAQGVSLHALGMVTNGVFDRHPKLQIVLGHLGEHIPFDMWRINHWFE
DIKKPLGLSCKLTIREYFARNLWITTSGHFSTSTLQFCLGEVGADRILFSIDYPFENFSDACTWYDGLAINDVDKRKIGK
DNAKKLFKLPQFYQSEDHHHHHH
;
_entity_poly.pdbx_strand_id   A,B,C,D
#
# COMPACT_ATOMS: atom_id res chain seq x y z
N MET A 2 -10.25 -20.49 21.62
CA MET A 2 -11.17 -19.53 21.04
C MET A 2 -10.48 -18.63 20.04
N LEU A 3 -11.06 -18.49 18.85
CA LEU A 3 -10.48 -17.64 17.82
C LEU A 3 -11.09 -16.25 17.85
N GLY A 4 -10.35 -15.28 17.31
CA GLY A 4 -10.88 -13.93 17.20
C GLY A 4 -10.92 -13.16 18.50
N LYS A 5 -10.10 -13.54 19.48
CA LYS A 5 -10.04 -12.79 20.72
C LYS A 5 -9.57 -11.37 20.46
N VAL A 6 -9.97 -10.47 21.36
CA VAL A 6 -9.57 -9.07 21.31
C VAL A 6 -8.77 -8.78 22.56
N ALA A 7 -7.62 -8.13 22.40
CA ALA A 7 -6.83 -7.71 23.54
C ALA A 7 -6.51 -6.23 23.40
N LEU A 8 -6.43 -5.53 24.54
CA LEU A 8 -6.36 -4.08 24.47
C LEU A 8 -5.54 -3.42 25.58
N GLU A 9 -4.61 -4.12 26.23
CA GLU A 9 -3.56 -3.48 27.02
C GLU A 9 -2.22 -3.88 26.44
N GLU A 10 -1.98 -3.45 25.20
CA GLU A 10 -0.92 -4.00 24.36
C GLU A 10 -0.02 -2.85 23.91
N ALA A 11 1.21 -2.85 24.38
CA ALA A 11 2.07 -1.67 24.31
C ALA A 11 3.00 -1.68 23.09
N PHE A 12 3.37 -0.48 22.68
CA PHE A 12 4.44 -0.23 21.72
C PHE A 12 5.30 0.93 22.23
N ALA A 13 6.51 1.03 21.68
CA ALA A 13 7.43 2.13 21.98
C ALA A 13 7.81 2.82 20.68
N LEU A 14 8.34 4.05 20.79
CA LEU A 14 8.87 4.72 19.60
C LEU A 14 10.27 4.17 19.30
N PRO A 15 10.52 3.69 18.08
CA PRO A 15 11.82 3.07 17.79
C PRO A 15 13.02 3.95 18.07
N ARG A 16 12.88 5.28 17.96
CA ARG A 16 14.03 6.15 18.20
C ARG A 16 14.44 6.20 19.66
N HIS A 17 13.55 5.79 20.58
CA HIS A 17 13.82 5.85 22.01
C HIS A 17 14.60 4.61 22.47
N LYS A 18 15.80 4.44 21.91
CA LYS A 18 16.54 3.22 22.18
C LYS A 18 16.93 3.11 23.66
N GLU A 19 17.38 4.22 24.26
CA GLU A 19 17.81 4.17 25.65
C GLU A 19 16.63 3.99 26.61
N ARG A 20 15.55 4.74 26.41
CA ARG A 20 14.39 4.59 27.30
C ARG A 20 13.82 3.18 27.21
N THR A 21 13.69 2.66 25.99
CA THR A 21 13.13 1.33 25.83
C THR A 21 13.99 0.28 26.52
N ARG A 22 15.32 0.40 26.39
CA ARG A 22 16.21 -0.56 27.02
C ARG A 22 16.19 -0.44 28.54
N TRP A 23 16.00 0.77 29.06
CA TRP A 23 15.91 0.95 30.51
C TRP A 23 14.68 0.24 31.06
N TRP A 24 13.51 0.53 30.49
CA TRP A 24 12.29 -0.12 30.93
C TRP A 24 12.37 -1.63 30.73
N ALA A 25 12.89 -2.06 29.58
CA ALA A 25 13.06 -3.49 29.33
C ALA A 25 13.89 -4.17 30.42
N GLY A 26 14.98 -3.52 30.84
CA GLY A 26 15.84 -4.11 31.86
C GLY A 26 15.19 -4.25 33.20
N LEU A 27 14.13 -3.48 33.45
CA LEU A 27 13.39 -3.57 34.70
C LEU A 27 12.21 -4.54 34.63
N PHE A 28 11.77 -4.91 33.43
CA PHE A 28 10.55 -5.69 33.28
C PHE A 28 10.72 -7.02 32.58
N ALA A 29 11.90 -7.35 32.07
CA ALA A 29 12.06 -8.54 31.24
C ALA A 29 13.38 -9.24 31.55
N ILE A 30 13.34 -10.58 31.56
CA ILE A 30 14.58 -11.33 31.73
C ILE A 30 15.42 -11.30 30.45
N ASP A 31 14.80 -11.03 29.30
CA ASP A 31 15.50 -10.91 28.03
C ASP A 31 15.20 -9.51 27.48
N PRO A 32 15.98 -8.50 27.87
CA PRO A 32 15.61 -7.11 27.49
C PRO A 32 15.76 -6.82 26.01
N ASP A 33 16.70 -7.46 25.30
CA ASP A 33 16.77 -7.22 23.86
C ASP A 33 15.56 -7.81 23.14
N LYS A 34 15.08 -8.96 23.61
CA LYS A 34 13.83 -9.51 23.08
C LYS A 34 12.66 -8.59 23.37
N HIS A 35 12.56 -8.11 24.61
CA HIS A 35 11.51 -7.17 24.96
C HIS A 35 11.53 -5.94 24.05
N ALA A 36 12.72 -5.37 23.84
CA ALA A 36 12.85 -4.19 23.01
C ALA A 36 12.40 -4.47 21.58
N ALA A 37 12.82 -5.61 21.02
CA ALA A 37 12.40 -5.96 19.67
C ALA A 37 10.88 -6.04 19.57
N GLU A 38 10.22 -6.59 20.59
CA GLU A 38 8.79 -6.82 20.48
C GLU A 38 7.98 -5.58 20.78
N ILE A 39 8.42 -4.76 21.75
CA ILE A 39 7.69 -3.52 21.98
C ILE A 39 7.89 -2.53 20.83
N ASN A 40 8.98 -2.66 20.06
CA ASN A 40 9.15 -1.81 18.88
C ASN A 40 8.39 -2.29 17.66
N ASP A 41 8.10 -3.59 17.57
CA ASP A 41 7.50 -4.17 16.38
C ASP A 41 5.99 -3.98 16.42
N ILE A 42 5.42 -3.54 15.29
CA ILE A 42 3.99 -3.31 15.16
C ILE A 42 3.33 -4.39 14.31
N THR A 43 3.94 -4.73 13.16
CA THR A 43 3.24 -5.52 12.16
C THR A 43 3.82 -6.89 11.88
N GLU A 44 5.00 -7.23 12.39
CA GLU A 44 5.59 -8.52 12.04
C GLU A 44 5.41 -9.55 13.13
N GLN A 45 6.29 -9.57 14.13
CA GLN A 45 6.16 -10.57 15.18
C GLN A 45 4.84 -10.44 15.92
N ARG A 46 4.34 -9.22 16.09
CA ARG A 46 3.10 -8.99 16.82
C ARG A 46 1.94 -9.70 16.14
N ILE A 47 1.85 -9.58 14.81
CA ILE A 47 0.76 -10.24 14.11
C ILE A 47 0.99 -11.74 14.01
N LYS A 48 2.25 -12.19 13.92
CA LYS A 48 2.49 -13.63 13.94
C LYS A 48 2.02 -14.26 15.24
N TYR A 49 2.27 -13.59 16.37
CA TYR A 49 1.76 -14.10 17.65
C TYR A 49 0.24 -14.12 17.65
N MET A 50 -0.41 -13.07 17.15
CA MET A 50 -1.86 -13.03 17.10
C MET A 50 -2.40 -14.19 16.27
N ASN A 51 -1.78 -14.45 15.11
CA ASN A 51 -2.19 -15.57 14.28
C ASN A 51 -1.99 -16.89 15.00
N GLU A 52 -0.90 -17.02 15.75
CA GLU A 52 -0.57 -18.28 16.41
C GLU A 52 -1.49 -18.57 17.59
N HIS A 53 -2.08 -17.54 18.21
CA HIS A 53 -2.74 -17.72 19.50
C HIS A 53 -4.21 -17.31 19.51
N GLY A 54 -4.84 -17.27 18.34
CA GLY A 54 -6.27 -17.02 18.27
C GLY A 54 -6.69 -15.61 18.67
N VAL A 55 -5.88 -14.62 18.39
CA VAL A 55 -6.23 -13.22 18.65
C VAL A 55 -6.53 -12.55 17.32
N GLY A 56 -7.79 -12.15 17.13
CA GLY A 56 -8.16 -11.48 15.89
C GLY A 56 -7.73 -10.03 15.81
N TYR A 57 -7.71 -9.34 16.95
CA TYR A 57 -7.58 -7.89 16.94
C TYR A 57 -6.95 -7.42 18.23
N THR A 58 -5.99 -6.52 18.13
CA THR A 58 -5.48 -5.86 19.32
C THR A 58 -5.52 -4.34 19.15
N ILE A 59 -5.85 -3.64 20.23
CA ILE A 59 -5.83 -2.19 20.28
C ILE A 59 -4.53 -1.80 20.97
N LEU A 60 -3.69 -1.05 20.28
CA LEU A 60 -2.34 -0.74 20.76
C LEU A 60 -2.32 0.58 21.53
N SER A 61 -1.41 0.67 22.47
CA SER A 61 -1.24 1.85 23.30
C SER A 61 0.23 2.10 23.55
N TYR A 62 0.55 3.32 23.94
CA TYR A 62 1.93 3.72 24.15
C TYR A 62 2.42 3.21 25.50
N THR A 63 3.68 2.75 25.51
CA THR A 63 4.33 2.22 26.71
C THR A 63 4.21 3.17 27.89
N ALA A 64 4.22 2.59 29.09
CA ALA A 64 4.43 3.34 30.30
C ALA A 64 5.93 3.53 30.54
N PRO A 65 6.33 4.58 31.28
CA PRO A 65 5.42 5.64 31.76
C PRO A 65 4.99 6.58 30.65
N GLY A 66 5.76 6.61 29.55
CA GLY A 66 5.31 7.30 28.36
C GLY A 66 5.16 8.79 28.58
N VAL A 67 4.10 9.36 28.00
CA VAL A 67 3.90 10.79 28.11
C VAL A 67 3.66 11.21 29.56
N GLN A 68 3.15 10.30 30.39
CA GLN A 68 2.89 10.67 31.76
C GLN A 68 4.15 10.80 32.60
N ASP A 69 5.32 10.51 32.06
CA ASP A 69 6.59 10.79 32.73
C ASP A 69 7.13 12.18 32.40
N VAL A 70 6.56 12.86 31.42
CA VAL A 70 7.15 14.09 30.87
C VAL A 70 6.54 15.28 31.59
N TRP A 71 7.33 15.93 32.45
CA TRP A 71 6.79 16.99 33.29
C TRP A 71 6.78 18.37 32.62
N ASP A 72 7.52 18.54 31.52
CA ASP A 72 7.43 19.79 30.77
C ASP A 72 6.22 19.74 29.82
N PRO A 73 5.24 20.62 29.97
CA PRO A 73 4.01 20.48 29.17
C PRO A 73 4.22 20.53 27.67
N LYS A 74 5.13 21.38 27.19
CA LYS A 74 5.32 21.45 25.74
C LYS A 74 5.99 20.19 25.21
N GLU A 75 6.98 19.67 25.94
CA GLU A 75 7.60 18.42 25.55
C GLU A 75 6.61 17.26 25.60
N ALA A 76 5.73 17.25 26.61
CA ALA A 76 4.75 16.18 26.73
C ALA A 76 3.76 16.21 25.58
N GLN A 77 3.24 17.39 25.27
CA GLN A 77 2.31 17.53 24.16
C GLN A 77 2.96 17.11 22.86
N ALA A 78 4.20 17.54 22.61
CA ALA A 78 4.87 17.17 21.37
C ALA A 78 5.06 15.66 21.27
N LEU A 79 5.36 15.00 22.39
CA LEU A 79 5.52 13.55 22.36
C LEU A 79 4.20 12.84 22.11
N ALA A 80 3.11 13.34 22.72
CA ALA A 80 1.80 12.74 22.47
C ALA A 80 1.43 12.84 20.99
N VAL A 81 1.61 14.02 20.39
CA VAL A 81 1.29 14.19 18.98
C VAL A 81 2.16 13.27 18.14
N GLU A 82 3.47 13.24 18.42
CA GLU A 82 4.39 12.39 17.67
C GLU A 82 3.97 10.92 17.75
N VAL A 83 3.61 10.46 18.95
CA VAL A 83 3.20 9.06 19.14
C VAL A 83 1.94 8.76 18.34
N ASN A 84 0.94 9.64 18.44
CA ASN A 84 -0.34 9.41 17.77
C ASN A 84 -0.17 9.35 16.26
N ASP A 85 0.56 10.31 15.69
CA ASP A 85 0.80 10.30 14.26
C ASP A 85 1.60 9.05 13.85
N TYR A 86 2.59 8.66 14.66
CA TYR A 86 3.39 7.48 14.36
C TYR A 86 2.54 6.22 14.29
N ILE A 87 1.72 5.98 15.33
CA ILE A 87 1.04 4.70 15.40
C ILE A 87 -0.11 4.62 14.40
N ALA A 88 -0.76 5.75 14.11
CA ALA A 88 -1.78 5.75 13.07
C ALA A 88 -1.19 5.28 11.75
N ASP A 89 -0.02 5.80 11.39
CA ASP A 89 0.62 5.38 10.16
C ASP A 89 1.10 3.94 10.25
N ALA A 90 1.71 3.56 11.38
CA ALA A 90 2.34 2.25 11.49
C ALA A 90 1.35 1.10 11.39
N ILE A 91 0.09 1.31 11.79
CA ILE A 91 -0.92 0.25 11.75
C ILE A 91 -1.75 0.28 10.47
N LYS A 92 -1.49 1.25 9.60
CA LYS A 92 -2.32 1.48 8.38
C LYS A 92 -2.51 0.25 7.48
N ALA A 93 -1.53 -0.65 7.43
CA ALA A 93 -1.64 -1.79 6.53
C ALA A 93 -2.55 -2.88 7.08
N HIS A 94 -2.90 -2.86 8.37
CA HIS A 94 -3.65 -3.95 8.99
C HIS A 94 -4.86 -3.47 9.78
N PRO A 95 -5.77 -2.71 9.16
CA PRO A 95 -6.95 -2.25 9.91
C PRO A 95 -7.84 -3.40 10.37
N ASP A 96 -7.69 -4.58 9.79
CA ASP A 96 -8.45 -5.75 10.21
C ASP A 96 -7.82 -6.44 11.42
N ARG A 97 -6.60 -6.07 11.82
CA ARG A 97 -5.93 -6.67 12.98
C ARG A 97 -5.58 -5.68 14.07
N LEU A 98 -5.40 -4.40 13.75
CA LEU A 98 -4.82 -3.45 14.70
C LEU A 98 -5.65 -2.18 14.77
N GLY A 99 -5.95 -1.76 16.00
CA GLY A 99 -6.42 -0.42 16.28
C GLY A 99 -5.47 0.24 17.25
N ALA A 100 -5.79 1.49 17.61
CA ALA A 100 -4.96 2.24 18.54
C ALA A 100 -5.82 3.04 19.51
N PHE A 101 -5.29 3.20 20.73
CA PHE A 101 -5.75 4.18 21.70
C PHE A 101 -4.94 5.46 21.58
N ALA A 102 -5.60 6.58 21.85
CA ALA A 102 -4.91 7.86 21.89
C ALA A 102 -3.91 7.91 23.03
N THR A 103 -2.77 8.52 22.76
CA THR A 103 -1.78 8.92 23.75
C THR A 103 -1.93 10.41 24.00
N LEU A 104 -1.91 10.81 25.27
CA LEU A 104 -2.28 12.18 25.59
C LEU A 104 -1.30 12.78 26.58
N SER A 105 -0.99 14.06 26.39
CA SER A 105 -0.48 14.84 27.51
C SER A 105 -1.65 15.28 28.36
N MET A 106 -1.55 15.05 29.67
CA MET A 106 -2.64 15.35 30.58
C MET A 106 -2.29 16.51 31.52
N HIS A 107 -1.46 17.45 31.03
CA HIS A 107 -1.17 18.65 31.79
C HIS A 107 -2.34 19.63 31.79
N ASP A 108 -3.08 19.68 30.70
CA ASP A 108 -4.16 20.66 30.57
C ASP A 108 -5.41 20.02 29.98
N PRO A 109 -6.55 20.12 30.69
CA PRO A 109 -7.78 19.45 30.21
C PRO A 109 -8.21 19.83 28.81
N LYS A 110 -8.17 21.12 28.47
CA LYS A 110 -8.61 21.56 27.12
C LYS A 110 -7.68 20.98 26.05
N GLU A 111 -6.37 21.02 26.29
CA GLU A 111 -5.39 20.50 25.35
C GLU A 111 -5.56 19.01 25.14
N ALA A 112 -5.75 18.26 26.23
CA ALA A 112 -5.96 16.82 26.09
C ALA A 112 -7.25 16.53 25.32
N ALA A 113 -8.31 17.29 25.60
CA ALA A 113 -9.57 17.11 24.90
C ALA A 113 -9.39 17.32 23.40
N GLU A 114 -8.67 18.37 23.01
CA GLU A 114 -8.49 18.66 21.59
C GLU A 114 -7.67 17.58 20.89
N GLU A 115 -6.62 17.08 21.53
CA GLU A 115 -5.82 16.03 20.90
C GLU A 115 -6.59 14.72 20.82
N LEU A 116 -7.34 14.38 21.88
CA LEU A 116 -8.19 13.20 21.78
C LEU A 116 -9.17 13.32 20.63
N ARG A 117 -9.86 14.47 20.53
CA ARG A 117 -10.79 14.68 19.43
C ARG A 117 -10.07 14.58 18.09
N ARG A 118 -8.87 15.15 17.99
CA ARG A 118 -8.14 15.13 16.73
C ARG A 118 -7.92 13.70 16.25
N VAL A 119 -7.40 12.84 17.11
CA VAL A 119 -6.96 11.52 16.64
C VAL A 119 -8.12 10.52 16.60
N VAL A 120 -9.16 10.68 17.41
CA VAL A 120 -10.34 9.84 17.26
C VAL A 120 -11.03 10.16 15.93
N THR A 121 -11.18 11.46 15.62
CA THR A 121 -11.85 11.86 14.39
C THR A 121 -11.00 11.54 13.17
N LYS A 122 -9.72 11.90 13.19
CA LYS A 122 -8.89 11.75 12.00
C LYS A 122 -8.47 10.31 11.77
N TYR A 123 -8.11 9.59 12.83
CA TYR A 123 -7.49 8.29 12.70
C TYR A 123 -8.40 7.14 13.12
N GLY A 124 -9.57 7.42 13.66
CA GLY A 124 -10.41 6.35 14.16
C GLY A 124 -9.85 5.62 15.36
N PHE A 125 -9.07 6.29 16.20
CA PHE A 125 -8.61 5.67 17.44
C PHE A 125 -9.82 5.28 18.29
N LYS A 126 -9.64 4.26 19.15
CA LYS A 126 -10.75 3.60 19.81
C LYS A 126 -11.04 4.12 21.22
N GLY A 127 -10.28 5.10 21.66
CA GLY A 127 -10.35 5.61 23.02
C GLY A 127 -9.03 6.22 23.38
N ALA A 128 -8.80 6.37 24.69
CA ALA A 128 -7.53 6.86 25.20
C ALA A 128 -6.97 5.86 26.20
N LEU A 129 -5.65 5.78 26.25
CA LEU A 129 -4.96 5.08 27.33
C LEU A 129 -3.93 6.03 27.92
N VAL A 130 -4.01 6.22 29.24
CA VAL A 130 -3.17 7.17 29.97
C VAL A 130 -2.54 6.42 31.14
N ASN A 131 -1.26 6.66 31.37
CA ASN A 131 -0.53 5.93 32.41
C ASN A 131 -0.65 6.69 33.73
N ASP A 132 -1.86 6.64 34.29
CA ASP A 132 -2.19 7.15 35.64
C ASP A 132 -1.94 8.66 35.66
N THR A 133 -1.34 9.19 36.73
CA THR A 133 -1.28 10.64 36.88
C THR A 133 -0.22 11.22 35.97
N GLN A 134 -0.38 12.50 35.65
CA GLN A 134 0.59 13.19 34.81
C GLN A 134 1.70 13.74 35.70
N ARG A 135 2.93 13.26 35.48
CA ARG A 135 4.07 13.80 36.21
C ARG A 135 4.26 15.26 35.82
N ALA A 136 4.51 16.11 36.79
CA ALA A 136 4.40 17.54 36.56
C ALA A 136 5.30 18.29 37.52
N GLY A 137 5.26 19.61 37.44
CA GLY A 137 6.15 20.46 38.18
C GLY A 137 7.43 20.76 37.41
N ALA A 138 8.08 21.86 37.80
CA ALA A 138 9.28 22.30 37.11
C ALA A 138 10.36 21.23 37.10
N ASP A 139 10.44 20.41 38.15
CA ASP A 139 11.46 19.38 38.24
C ASP A 139 10.86 17.98 38.40
N GLY A 140 9.61 17.81 37.97
CA GLY A 140 9.03 16.47 37.89
C GLY A 140 8.57 15.88 39.21
N ASP A 141 8.38 16.69 40.25
CA ASP A 141 8.04 16.19 41.57
C ASP A 141 6.55 16.11 41.84
N ASP A 142 5.72 16.71 41.00
CA ASP A 142 4.30 16.80 41.25
C ASP A 142 3.55 15.78 40.39
N MET A 143 2.24 15.71 40.61
CA MET A 143 1.41 14.78 39.87
C MET A 143 0.03 15.39 39.69
N ILE A 144 -0.60 15.09 38.57
CA ILE A 144 -1.92 15.64 38.24
C ILE A 144 -2.91 14.48 38.19
N PHE A 145 -3.92 14.53 39.05
CA PHE A 145 -5.07 13.64 39.02
C PHE A 145 -6.18 14.27 38.18
N TYR A 146 -7.08 13.41 37.68
CA TYR A 146 -8.12 13.85 36.76
C TYR A 146 -9.51 13.82 37.37
N ASP A 147 -9.63 13.83 38.71
CA ASP A 147 -10.95 13.68 39.30
C ASP A 147 -11.58 15.00 39.77
N GLY A 148 -10.92 16.13 39.58
CA GLY A 148 -11.49 17.42 39.91
C GLY A 148 -12.38 17.97 38.82
N PRO A 149 -13.23 18.95 39.17
CA PRO A 149 -14.17 19.49 38.17
C PRO A 149 -13.49 20.20 37.01
N GLU A 150 -12.25 20.64 37.16
CA GLU A 150 -11.53 21.26 36.04
C GLU A 150 -11.30 20.29 34.89
N TRP A 151 -11.44 18.98 35.14
CA TRP A 151 -11.37 18.00 34.08
C TRP A 151 -12.70 17.75 33.38
N ASP A 152 -13.76 18.45 33.78
CA ASP A 152 -15.06 18.22 33.14
C ASP A 152 -15.01 18.45 31.64
N VAL A 153 -14.28 19.47 31.19
CA VAL A 153 -14.22 19.75 29.75
C VAL A 153 -13.58 18.58 29.01
N PHE A 154 -12.67 17.85 29.68
CA PHE A 154 -12.09 16.66 29.06
C PHE A 154 -13.04 15.48 29.09
N TRP A 155 -13.64 15.20 30.25
CA TRP A 155 -14.52 14.05 30.33
C TRP A 155 -15.75 14.22 29.45
N SER A 156 -16.24 15.45 29.28
CA SER A 156 -17.35 15.68 28.37
C SER A 156 -16.97 15.43 26.91
N THR A 157 -15.70 15.67 26.56
CA THR A 157 -15.24 15.29 25.24
C THR A 157 -15.20 13.78 25.09
N VAL A 158 -14.71 13.08 26.11
CA VAL A 158 -14.66 11.63 26.06
C VAL A 158 -16.06 11.05 25.85
N THR A 159 -17.05 11.57 26.57
CA THR A 159 -18.40 11.01 26.44
C THR A 159 -19.08 11.45 25.15
N ASP A 160 -18.77 12.67 24.67
CA ASP A 160 -19.30 13.10 23.38
C ASP A 160 -18.80 12.20 22.25
N LEU A 161 -17.50 11.89 22.27
CA LEU A 161 -16.94 10.94 21.33
C LEU A 161 -17.44 9.53 21.61
N ASP A 162 -17.89 9.27 22.84
CA ASP A 162 -18.37 7.97 23.30
C ASP A 162 -17.33 6.87 23.09
N VAL A 163 -16.12 7.11 23.61
CA VAL A 163 -15.03 6.13 23.54
C VAL A 163 -14.53 5.93 24.97
N PRO A 164 -13.98 4.76 25.31
CA PRO A 164 -13.50 4.54 26.68
C PRO A 164 -12.13 5.15 26.95
N PHE A 165 -11.83 5.25 28.23
CA PHE A 165 -10.55 5.75 28.72
C PHE A 165 -9.94 4.65 29.58
N TYR A 166 -8.75 4.17 29.19
CA TYR A 166 -8.06 3.09 29.89
C TYR A 166 -7.08 3.71 30.87
N LEU A 167 -7.30 3.47 32.16
CA LEU A 167 -6.47 4.05 33.20
C LEU A 167 -5.40 3.03 33.59
N HIS A 168 -4.23 3.15 32.97
CA HIS A 168 -3.07 2.25 33.05
C HIS A 168 -2.14 2.73 34.15
N PRO A 169 -1.37 1.84 34.77
CA PRO A 169 -0.45 2.26 35.83
C PRO A 169 0.78 2.97 35.27
N ARG A 170 1.46 3.62 36.19
CA ARG A 170 2.77 4.23 36.00
C ARG A 170 3.60 3.91 37.24
N ASN A 171 4.94 3.98 37.11
CA ASN A 171 5.83 3.79 38.23
C ASN A 171 5.73 4.99 39.20
N PRO A 172 6.07 4.78 40.47
CA PRO A 172 6.03 5.89 41.43
C PRO A 172 7.26 6.77 41.29
N THR A 173 7.06 8.08 41.41
CA THR A 173 8.15 9.01 41.17
C THR A 173 8.20 10.07 42.27
N GLY A 174 9.32 10.78 42.32
CA GLY A 174 9.47 11.90 43.23
C GLY A 174 9.48 11.47 44.69
N SER A 175 8.99 12.38 45.55
CA SER A 175 9.08 12.14 46.99
C SER A 175 8.30 10.89 47.42
N ILE A 176 7.22 10.56 46.71
CA ILE A 176 6.47 9.34 47.02
C ILE A 176 7.36 8.12 46.78
N HIS A 177 8.05 8.10 45.63
CA HIS A 177 9.01 7.05 45.33
C HIS A 177 10.05 6.93 46.44
N GLU A 178 10.66 8.06 46.83
CA GLU A 178 11.72 8.03 47.83
C GLU A 178 11.22 7.54 49.18
N LYS A 179 10.05 8.00 49.61
CA LYS A 179 9.59 7.71 50.96
C LYS A 179 9.01 6.30 51.12
N LEU A 180 8.34 5.78 50.10
CA LEU A 180 7.62 4.52 50.23
C LEU A 180 8.26 3.33 49.53
N TRP A 181 8.91 3.53 48.36
CA TRP A 181 9.22 2.43 47.46
C TRP A 181 10.71 2.17 47.28
N ALA A 182 11.57 3.19 47.42
CA ALA A 182 12.99 3.02 47.11
C ALA A 182 13.63 1.91 47.93
N LYS A 183 13.21 1.74 49.19
CA LYS A 183 13.80 0.73 50.06
C LYS A 183 13.07 -0.61 50.01
N ARG A 184 12.05 -0.76 49.16
CA ARG A 184 11.40 -2.05 48.89
C ARG A 184 11.06 -2.04 47.40
N SER A 185 12.09 -1.83 46.58
CA SER A 185 11.93 -1.48 45.18
C SER A 185 11.56 -2.68 44.31
N TRP A 186 11.66 -3.91 44.83
CA TRP A 186 11.15 -5.04 44.06
C TRP A 186 9.62 -5.07 44.01
N LEU A 187 8.99 -4.17 44.76
CA LEU A 187 7.50 -4.10 44.78
C LEU A 187 7.04 -3.09 43.72
N ILE A 188 7.97 -2.34 43.12
CA ILE A 188 7.57 -1.36 42.08
C ILE A 188 7.08 -2.13 40.84
N GLY A 189 5.94 -1.72 40.29
CA GLY A 189 5.40 -2.38 39.09
C GLY A 189 4.29 -3.35 39.44
N PRO A 190 4.14 -4.45 38.69
CA PRO A 190 3.07 -5.42 38.92
C PRO A 190 2.88 -5.96 40.36
N PRO A 191 3.93 -6.25 41.15
CA PRO A 191 3.72 -6.78 42.49
C PRO A 191 2.81 -5.92 43.40
N LEU A 192 2.87 -4.60 43.30
CA LEU A 192 2.05 -3.77 44.23
C LEU A 192 1.87 -2.32 43.79
N SER A 193 2.96 -1.62 43.47
CA SER A 193 2.85 -0.16 43.21
C SER A 193 1.86 0.17 42.10
N PHE A 194 1.86 -0.61 41.02
CA PHE A 194 0.97 -0.32 39.87
C PHE A 194 -0.50 -0.28 40.32
N ALA A 195 -0.95 -1.33 40.99
CA ALA A 195 -2.36 -1.39 41.40
C ALA A 195 -2.69 -0.30 42.41
N GLN A 196 -1.75 0.01 43.31
CA GLN A 196 -2.04 1.05 44.30
C GLN A 196 -2.29 2.39 43.62
N GLY A 197 -1.55 2.69 42.56
CA GLY A 197 -1.77 3.96 41.89
C GLY A 197 -3.10 4.01 41.18
N VAL A 198 -3.39 2.99 40.38
CA VAL A 198 -4.62 3.03 39.58
C VAL A 198 -5.84 2.99 40.47
N SER A 199 -5.82 2.18 41.53
CA SER A 199 -7.01 2.07 42.37
C SER A 199 -7.29 3.37 43.12
N LEU A 200 -6.23 4.06 43.57
CA LEU A 200 -6.39 5.39 44.17
C LEU A 200 -7.08 6.33 43.19
N HIS A 201 -6.58 6.38 41.96
CA HIS A 201 -7.11 7.33 40.99
C HIS A 201 -8.55 6.97 40.61
N ALA A 202 -8.82 5.68 40.34
CA ALA A 202 -10.16 5.27 39.93
C ALA A 202 -11.17 5.52 41.04
N LEU A 203 -10.82 5.20 42.30
CA LEU A 203 -11.75 5.46 43.38
C LEU A 203 -11.83 6.94 43.71
N GLY A 204 -10.80 7.70 43.34
CA GLY A 204 -10.92 9.16 43.35
C GLY A 204 -11.98 9.62 42.36
N MET A 205 -11.94 9.08 41.14
CA MET A 205 -12.98 9.39 40.15
C MET A 205 -14.37 9.10 40.71
N VAL A 206 -14.53 7.97 41.41
CA VAL A 206 -15.83 7.64 42.01
C VAL A 206 -16.21 8.68 43.06
N THR A 207 -15.36 8.87 44.06
CA THR A 207 -15.77 9.62 45.25
C THR A 207 -15.71 11.13 45.02
N ASN A 208 -15.00 11.59 43.99
CA ASN A 208 -15.01 13.00 43.63
C ASN A 208 -15.97 13.30 42.48
N GLY A 209 -16.85 12.36 42.14
CA GLY A 209 -18.00 12.65 41.32
C GLY A 209 -17.80 12.61 39.82
N VAL A 210 -16.68 12.10 39.32
CA VAL A 210 -16.49 12.09 37.87
C VAL A 210 -17.62 11.34 37.19
N PHE A 211 -18.02 10.18 37.73
CA PHE A 211 -19.06 9.41 37.06
C PHE A 211 -20.46 9.96 37.31
N ASP A 212 -20.62 10.82 38.32
CA ASP A 212 -21.90 11.50 38.52
C ASP A 212 -22.05 12.64 37.52
N ARG A 213 -21.00 13.42 37.33
CA ARG A 213 -21.02 14.51 36.35
C ARG A 213 -21.01 13.98 34.92
N HIS A 214 -20.46 12.77 34.72
CA HIS A 214 -20.30 12.18 33.40
C HIS A 214 -20.79 10.75 33.42
N PRO A 215 -22.10 10.54 33.53
CA PRO A 215 -22.63 9.18 33.75
C PRO A 215 -22.43 8.24 32.57
N LYS A 216 -22.16 8.73 31.36
CA LYS A 216 -21.91 7.85 30.23
C LYS A 216 -20.45 7.39 30.14
N LEU A 217 -19.57 7.90 31.00
CA LEU A 217 -18.14 7.66 30.88
C LEU A 217 -17.76 6.22 31.20
N GLN A 218 -16.95 5.62 30.34
CA GLN A 218 -16.45 4.26 30.53
C GLN A 218 -14.95 4.33 30.82
N ILE A 219 -14.56 3.83 31.99
CA ILE A 219 -13.17 3.75 32.42
C ILE A 219 -12.81 2.28 32.52
N VAL A 220 -11.67 1.91 31.92
CA VAL A 220 -11.21 0.53 31.90
C VAL A 220 -9.98 0.40 32.81
N LEU A 221 -9.99 -0.61 33.67
CA LEU A 221 -8.87 -0.92 34.55
C LEU A 221 -8.26 -2.26 34.17
N GLY A 222 -6.93 -2.33 34.11
CA GLY A 222 -6.28 -3.60 33.85
C GLY A 222 -6.16 -4.46 35.09
N HIS A 223 -5.56 -5.64 34.89
CA HIS A 223 -5.09 -6.48 36.00
C HIS A 223 -6.23 -6.85 36.95
N LEU A 224 -7.36 -7.22 36.35
CA LEU A 224 -8.59 -7.62 37.05
C LEU A 224 -9.06 -6.58 38.06
N GLY A 225 -8.77 -5.31 37.79
CA GLY A 225 -9.36 -4.25 38.59
C GLY A 225 -8.48 -3.68 39.66
N GLU A 226 -7.17 -3.98 39.63
CA GLU A 226 -6.18 -3.32 40.47
C GLU A 226 -6.56 -3.41 41.95
N HIS A 227 -6.80 -4.64 42.41
CA HIS A 227 -7.19 -4.96 43.79
C HIS A 227 -8.65 -4.70 44.11
N ILE A 228 -9.34 -3.78 43.42
CA ILE A 228 -10.61 -3.27 43.94
C ILE A 228 -11.64 -4.38 44.16
N PRO A 229 -11.82 -5.35 43.26
CA PRO A 229 -12.89 -6.34 43.49
C PRO A 229 -12.71 -7.15 44.77
N PHE A 230 -11.47 -7.36 45.20
CA PHE A 230 -11.21 -8.05 46.46
C PHE A 230 -11.96 -7.40 47.60
N ASP A 231 -12.05 -6.06 47.58
CA ASP A 231 -12.69 -5.31 48.64
C ASP A 231 -14.06 -4.78 48.25
N MET A 232 -14.70 -5.34 47.21
CA MET A 232 -15.98 -4.78 46.81
C MET A 232 -16.96 -4.77 47.98
N TRP A 233 -16.98 -5.84 48.77
CA TRP A 233 -17.85 -5.87 49.95
C TRP A 233 -17.45 -4.80 50.95
N ARG A 234 -16.15 -4.68 51.20
CA ARG A 234 -15.67 -3.82 52.26
C ARG A 234 -15.83 -2.34 51.89
N ILE A 235 -15.47 -1.99 50.64
CA ILE A 235 -15.68 -0.63 50.17
C ILE A 235 -17.17 -0.29 50.20
N ASN A 236 -18.02 -1.20 49.73
CA ASN A 236 -19.45 -0.93 49.69
C ASN A 236 -20.00 -0.72 51.09
N HIS A 237 -19.58 -1.56 52.04
CA HIS A 237 -20.04 -1.43 53.41
C HIS A 237 -19.59 -0.09 53.99
N TRP A 238 -18.34 0.29 53.79
CA TRP A 238 -17.85 1.53 54.39
C TRP A 238 -18.41 2.77 53.69
N PHE A 239 -18.62 2.71 52.36
CA PHE A 239 -19.28 3.84 51.69
C PHE A 239 -20.73 3.97 52.13
N GLU A 240 -21.50 2.89 52.08
CA GLU A 240 -22.94 3.01 52.30
C GLU A 240 -23.28 3.21 53.77
N ASP A 241 -22.55 2.54 54.66
CA ASP A 241 -22.96 2.53 56.06
C ASP A 241 -22.24 3.55 56.92
N ILE A 242 -21.11 4.10 56.47
CA ILE A 242 -20.36 5.02 57.30
C ILE A 242 -20.00 6.31 56.56
N LYS A 243 -19.32 6.21 55.41
CA LYS A 243 -18.85 7.44 54.76
C LYS A 243 -20.01 8.29 54.23
N LYS A 244 -21.07 7.67 53.70
CA LYS A 244 -22.15 8.49 53.16
C LYS A 244 -22.94 9.15 54.30
N PRO A 245 -23.25 8.45 55.39
CA PRO A 245 -23.82 9.15 56.55
C PRO A 245 -22.95 10.29 57.06
N LEU A 246 -21.63 10.21 56.88
CA LEU A 246 -20.75 11.28 57.32
C LEU A 246 -20.46 12.30 56.22
N GLY A 247 -21.17 12.22 55.09
CA GLY A 247 -21.07 13.29 54.11
C GLY A 247 -20.73 12.92 52.68
N LEU A 248 -20.18 11.72 52.43
CA LEU A 248 -19.90 11.31 51.06
C LEU A 248 -21.18 11.36 50.23
N SER A 249 -21.13 12.04 49.09
CA SER A 249 -22.36 12.37 48.36
C SER A 249 -22.41 11.80 46.96
N CYS A 250 -21.54 10.87 46.60
CA CYS A 250 -21.68 10.25 45.28
C CYS A 250 -23.02 9.53 45.21
N LYS A 251 -23.65 9.63 44.04
CA LYS A 251 -25.06 9.26 43.91
C LYS A 251 -25.30 7.75 43.98
N LEU A 252 -24.35 6.95 43.49
CA LEU A 252 -24.53 5.51 43.35
C LEU A 252 -23.65 4.74 44.33
N THR A 253 -23.91 3.43 44.42
CA THR A 253 -23.03 2.55 45.17
C THR A 253 -21.83 2.17 44.32
N ILE A 254 -20.77 1.69 45.00
CA ILE A 254 -19.61 1.23 44.24
C ILE A 254 -20.00 0.11 43.28
N ARG A 255 -20.97 -0.73 43.65
CA ARG A 255 -21.38 -1.78 42.72
C ARG A 255 -22.07 -1.18 41.50
N GLU A 256 -22.85 -0.12 41.69
CA GLU A 256 -23.50 0.50 40.54
C GLU A 256 -22.48 1.15 39.61
N TYR A 257 -21.42 1.75 40.15
CA TYR A 257 -20.39 2.29 39.26
C TYR A 257 -19.67 1.19 38.49
N PHE A 258 -19.47 0.03 39.12
CA PHE A 258 -18.87 -1.09 38.38
C PHE A 258 -19.81 -1.72 37.38
N ALA A 259 -21.12 -1.45 37.49
CA ALA A 259 -22.08 -1.92 36.51
C ALA A 259 -22.26 -0.95 35.33
N ARG A 260 -22.05 0.34 35.55
CA ARG A 260 -22.40 1.36 34.57
C ARG A 260 -21.21 2.09 33.96
N ASN A 261 -20.10 2.20 34.69
CA ASN A 261 -18.99 3.03 34.26
C ASN A 261 -17.66 2.31 34.19
N LEU A 262 -17.42 1.28 35.00
CA LEU A 262 -16.09 0.69 35.08
C LEU A 262 -16.05 -0.67 34.40
N TRP A 263 -14.86 -0.99 33.88
CA TRP A 263 -14.54 -2.27 33.27
C TRP A 263 -13.24 -2.77 33.87
N ILE A 264 -13.06 -4.10 33.88
CA ILE A 264 -11.77 -4.68 34.23
C ILE A 264 -11.32 -5.59 33.09
N THR A 265 -9.99 -5.71 32.92
CA THR A 265 -9.45 -6.63 31.93
C THR A 265 -8.62 -7.69 32.61
N THR A 266 -8.32 -8.76 31.87
CA THR A 266 -7.50 -9.85 32.41
C THR A 266 -6.00 -9.63 32.19
N SER A 267 -5.58 -8.41 31.83
CA SER A 267 -4.18 -8.19 31.53
C SER A 267 -3.29 -8.60 32.71
N GLY A 268 -2.23 -9.34 32.40
CA GLY A 268 -1.24 -9.68 33.42
C GLY A 268 -1.79 -10.41 34.63
N HIS A 269 -2.93 -11.07 34.51
CA HIS A 269 -3.54 -11.70 35.69
C HIS A 269 -4.31 -12.94 35.22
N PHE A 270 -3.54 -13.97 34.85
CA PHE A 270 -4.09 -15.15 34.22
C PHE A 270 -4.46 -16.18 35.27
N SER A 271 -5.35 -15.75 36.17
CA SER A 271 -5.70 -16.48 37.37
C SER A 271 -7.14 -16.95 37.25
N THR A 272 -7.32 -18.26 37.09
CA THR A 272 -8.66 -18.80 37.00
C THR A 272 -9.44 -18.54 38.28
N SER A 273 -8.77 -18.64 39.42
CA SER A 273 -9.48 -18.45 40.68
C SER A 273 -9.89 -16.99 40.85
N THR A 274 -9.03 -16.06 40.46
CA THR A 274 -9.38 -14.66 40.61
C THR A 274 -10.44 -14.27 39.59
N LEU A 275 -10.37 -14.81 38.37
CA LEU A 275 -11.42 -14.55 37.40
C LEU A 275 -12.78 -15.05 37.88
N GLN A 276 -12.82 -16.27 38.42
CA GLN A 276 -14.09 -16.80 38.94
C GLN A 276 -14.65 -15.91 40.04
N PHE A 277 -13.78 -15.44 40.93
CA PHE A 277 -14.19 -14.51 41.98
C PHE A 277 -14.80 -13.25 41.39
N CYS A 278 -14.18 -12.74 40.31
CA CYS A 278 -14.67 -11.54 39.66
C CYS A 278 -15.96 -11.78 38.90
N LEU A 279 -16.25 -13.02 38.49
CA LEU A 279 -17.56 -13.27 37.90
C LEU A 279 -18.66 -12.89 38.88
N GLY A 280 -18.44 -13.13 40.18
CA GLY A 280 -19.40 -12.71 41.18
C GLY A 280 -19.31 -11.21 41.47
N GLU A 281 -18.11 -10.69 41.69
CA GLU A 281 -18.02 -9.31 42.20
C GLU A 281 -18.17 -8.27 41.11
N VAL A 282 -17.85 -8.60 39.86
CA VAL A 282 -17.89 -7.64 38.77
C VAL A 282 -18.83 -8.09 37.66
N GLY A 283 -18.80 -9.36 37.29
CA GLY A 283 -19.71 -9.88 36.29
C GLY A 283 -19.11 -9.95 34.91
N ALA A 284 -19.39 -11.04 34.18
CA ALA A 284 -18.77 -11.24 32.88
C ALA A 284 -19.09 -10.13 31.88
N ASP A 285 -20.22 -9.43 32.04
CA ASP A 285 -20.52 -8.36 31.10
C ASP A 285 -19.54 -7.19 31.18
N ARG A 286 -18.76 -7.08 32.26
CA ARG A 286 -17.86 -5.96 32.47
C ARG A 286 -16.39 -6.39 32.55
N ILE A 287 -16.07 -7.58 32.04
CA ILE A 287 -14.71 -8.13 32.05
C ILE A 287 -14.27 -8.32 30.61
N LEU A 288 -13.03 -7.93 30.32
CA LEU A 288 -12.47 -7.99 28.97
C LEU A 288 -11.17 -8.78 28.98
N PHE A 289 -11.01 -9.68 28.01
CA PHE A 289 -9.70 -10.28 27.83
C PHE A 289 -8.68 -9.21 27.48
N SER A 290 -7.46 -9.37 28.00
CA SER A 290 -6.30 -8.60 27.53
C SER A 290 -5.05 -9.35 28.00
N ILE A 291 -3.89 -8.95 27.45
CA ILE A 291 -2.65 -9.70 27.61
C ILE A 291 -1.63 -8.94 28.47
N ASP A 292 -1.42 -7.65 28.17
CA ASP A 292 -0.27 -6.85 28.64
C ASP A 292 1.02 -7.23 27.89
N TYR A 293 0.91 -7.43 26.60
CA TYR A 293 2.08 -7.68 25.74
C TYR A 293 2.87 -6.39 25.56
N PRO A 294 4.22 -6.45 25.54
CA PRO A 294 5.04 -7.67 25.62
C PRO A 294 5.56 -7.95 27.03
N PHE A 295 5.05 -7.24 28.03
CA PHE A 295 5.43 -7.53 29.40
C PHE A 295 5.04 -8.95 29.77
N GLU A 296 3.87 -9.39 29.31
CA GLU A 296 3.41 -10.76 29.26
C GLU A 296 3.54 -11.26 27.83
N ASN A 297 3.70 -12.57 27.65
CA ASN A 297 3.70 -13.13 26.31
C ASN A 297 2.33 -13.69 25.94
N PHE A 298 2.10 -13.80 24.62
CA PHE A 298 0.82 -14.32 24.13
C PHE A 298 0.56 -15.73 24.63
N SER A 299 1.58 -16.59 24.64
CA SER A 299 1.36 -17.99 24.98
C SER A 299 0.78 -18.13 26.39
N ASP A 300 1.35 -17.41 27.36
CA ASP A 300 0.82 -17.47 28.72
C ASP A 300 -0.64 -17.03 28.77
N ALA A 301 -0.94 -15.86 28.18
CA ALA A 301 -2.29 -15.32 28.28
C ALA A 301 -3.29 -16.19 27.54
N CYS A 302 -2.90 -16.63 26.35
CA CYS A 302 -3.86 -17.26 25.45
C CYS A 302 -4.03 -18.74 25.76
N THR A 303 -2.96 -19.44 26.14
CA THR A 303 -3.17 -20.83 26.57
C THR A 303 -4.06 -20.88 27.81
N TRP A 304 -3.88 -19.90 28.71
CA TRP A 304 -4.74 -19.82 29.88
C TRP A 304 -6.18 -19.54 29.48
N TYR A 305 -6.40 -18.50 28.67
CA TYR A 305 -7.76 -18.13 28.34
C TYR A 305 -8.45 -19.21 27.54
N ASP A 306 -7.80 -19.69 26.48
CA ASP A 306 -8.40 -20.73 25.66
C ASP A 306 -8.73 -21.97 26.48
N GLY A 307 -7.96 -22.23 27.53
CA GLY A 307 -8.18 -23.41 28.36
C GLY A 307 -9.26 -23.28 29.41
N LEU A 308 -9.86 -22.10 29.58
CA LEU A 308 -10.81 -21.89 30.66
C LEU A 308 -12.03 -22.78 30.52
N ALA A 309 -12.31 -23.55 31.57
CA ALA A 309 -13.46 -24.45 31.62
C ALA A 309 -14.63 -23.71 32.26
N ILE A 310 -15.09 -22.69 31.54
CA ILE A 310 -16.21 -21.86 31.98
C ILE A 310 -17.29 -21.88 30.90
N ASN A 311 -18.43 -21.29 31.24
CA ASN A 311 -19.59 -21.36 30.35
C ASN A 311 -19.32 -20.64 29.05
N ASP A 312 -19.97 -21.12 27.98
CA ASP A 312 -19.60 -20.64 26.64
C ASP A 312 -20.04 -19.20 26.41
N VAL A 313 -21.13 -18.76 27.05
CA VAL A 313 -21.62 -17.39 26.86
C VAL A 313 -20.58 -16.40 27.37
N ASP A 314 -20.15 -16.58 28.61
CA ASP A 314 -19.19 -15.65 29.20
C ASP A 314 -17.82 -15.78 28.55
N LYS A 315 -17.44 -16.98 28.11
CA LYS A 315 -16.14 -17.11 27.46
C LYS A 315 -16.08 -16.28 26.19
N ARG A 316 -17.18 -16.29 25.43
CA ARG A 316 -17.25 -15.49 24.22
C ARG A 316 -17.33 -13.99 24.52
N LYS A 317 -18.09 -13.62 25.55
CA LYS A 317 -18.22 -12.20 25.91
C LYS A 317 -16.88 -11.64 26.34
N ILE A 318 -16.22 -12.31 27.29
CA ILE A 318 -14.95 -11.81 27.79
C ILE A 318 -13.89 -11.87 26.71
N GLY A 319 -13.90 -12.94 25.89
CA GLY A 319 -12.85 -13.12 24.89
C GLY A 319 -12.89 -12.12 23.76
N LYS A 320 -14.09 -11.70 23.34
CA LYS A 320 -14.19 -10.80 22.20
C LYS A 320 -15.48 -9.97 22.13
N ASP A 321 -16.62 -10.54 22.51
CA ASP A 321 -17.88 -9.87 22.17
C ASP A 321 -18.09 -8.61 23.02
N ASN A 322 -17.63 -8.59 24.27
CA ASN A 322 -17.74 -7.36 25.06
C ASN A 322 -16.97 -6.23 24.40
N ALA A 323 -15.74 -6.51 23.97
CA ALA A 323 -14.91 -5.48 23.35
C ALA A 323 -15.48 -5.07 22.00
N LYS A 324 -16.01 -6.03 21.23
CA LYS A 324 -16.58 -5.69 19.92
C LYS A 324 -17.68 -4.66 20.06
N LYS A 325 -18.48 -4.79 21.11
CA LYS A 325 -19.60 -3.84 21.33
C LYS A 325 -19.08 -2.54 21.96
N LEU A 326 -18.22 -2.64 22.97
CA LEU A 326 -17.73 -1.46 23.67
C LEU A 326 -16.95 -0.55 22.75
N PHE A 327 -16.07 -1.11 21.92
CA PHE A 327 -15.22 -0.33 21.03
C PHE A 327 -15.80 -0.24 19.63
N LYS A 328 -17.04 -0.65 19.44
CA LYS A 328 -17.76 -0.51 18.17
C LYS A 328 -16.94 -1.07 17.02
N LEU A 329 -16.42 -2.26 17.23
CA LEU A 329 -15.42 -2.74 16.29
C LEU A 329 -16.07 -3.19 15.00
N PRO A 330 -15.44 -2.91 13.86
CA PRO A 330 -15.89 -3.50 12.60
C PRO A 330 -15.60 -4.99 12.59
N GLN A 331 -16.05 -5.65 11.52
CA GLN A 331 -15.61 -7.02 11.30
C GLN A 331 -14.10 -7.04 11.22
N PHE A 332 -13.51 -7.81 12.12
CA PHE A 332 -12.03 -7.98 12.11
C PHE A 332 -11.74 -9.46 11.84
N TYR A 333 -10.46 -9.80 11.80
CA TYR A 333 -10.06 -11.18 11.51
C TYR A 333 -10.71 -12.15 12.48
N GLN A 334 -11.55 -13.04 11.94
CA GLN A 334 -12.17 -14.13 12.68
C GLN A 334 -13.11 -13.63 13.79
N SER A 335 -13.63 -12.41 13.63
CA SER A 335 -14.55 -11.82 14.61
C SER A 335 -15.85 -12.62 14.74
N MET B 2 18.14 14.02 -18.79
CA MET B 2 18.28 13.48 -17.43
C MET B 2 18.62 12.00 -17.50
N LEU B 3 19.77 11.62 -16.95
CA LEU B 3 20.14 10.21 -16.90
C LEU B 3 19.46 9.51 -15.72
N GLY B 4 19.40 8.17 -15.82
CA GLY B 4 18.84 7.35 -14.78
C GLY B 4 17.33 7.33 -14.67
N LYS B 5 16.62 7.76 -15.70
CA LYS B 5 15.17 7.76 -15.63
C LYS B 5 14.63 6.35 -15.39
N VAL B 6 13.48 6.27 -14.74
CA VAL B 6 12.82 5.02 -14.41
C VAL B 6 11.46 5.00 -15.11
N ALA B 7 11.15 3.90 -15.80
CA ALA B 7 9.85 3.76 -16.47
C ALA B 7 9.22 2.43 -16.06
N LEU B 8 7.88 2.41 -16.00
CA LEU B 8 7.23 1.24 -15.40
C LEU B 8 5.87 0.90 -16.02
N GLU B 9 5.62 1.30 -17.28
CA GLU B 9 4.51 0.71 -18.01
C GLU B 9 5.07 0.10 -19.28
N GLU B 10 5.93 -0.89 -19.11
CA GLU B 10 6.85 -1.32 -20.17
C GLU B 10 6.61 -2.81 -20.39
N ALA B 11 6.10 -3.16 -21.57
CA ALA B 11 5.49 -4.46 -21.80
C ALA B 11 6.42 -5.45 -22.48
N PHE B 12 6.14 -6.72 -22.23
CA PHE B 12 6.73 -7.84 -22.93
C PHE B 12 5.65 -8.87 -23.23
N ALA B 13 5.96 -9.77 -24.17
CA ALA B 13 5.09 -10.89 -24.53
C ALA B 13 5.92 -12.17 -24.50
N LEU B 14 5.22 -13.32 -24.54
CA LEU B 14 5.93 -14.59 -24.53
C LEU B 14 6.39 -14.97 -25.94
N PRO B 15 7.63 -15.43 -26.11
CA PRO B 15 8.10 -15.82 -27.44
C PRO B 15 7.23 -16.87 -28.12
N ARG B 16 6.59 -17.77 -27.36
CA ARG B 16 5.78 -18.81 -28.00
C ARG B 16 4.52 -18.25 -28.67
N HIS B 17 4.20 -16.97 -28.43
CA HIS B 17 3.05 -16.32 -29.04
C HIS B 17 3.43 -15.41 -30.20
N LYS B 18 4.65 -15.55 -30.74
CA LYS B 18 5.17 -14.54 -31.66
C LYS B 18 4.23 -14.31 -32.86
N GLU B 19 3.64 -15.40 -33.39
CA GLU B 19 2.76 -15.24 -34.55
C GLU B 19 1.48 -14.50 -34.18
N ARG B 20 0.89 -14.84 -33.03
CA ARG B 20 -0.30 -14.12 -32.58
C ARG B 20 0.04 -12.67 -32.27
N THR B 21 1.21 -12.44 -31.66
CA THR B 21 1.64 -11.08 -31.34
C THR B 21 1.82 -10.25 -32.60
N ARG B 22 2.48 -10.80 -33.62
CA ARG B 22 2.69 -10.06 -34.85
C ARG B 22 1.36 -9.77 -35.54
N TRP B 23 0.42 -10.72 -35.48
CA TRP B 23 -0.89 -10.45 -36.08
C TRP B 23 -1.56 -9.25 -35.42
N TRP B 24 -1.67 -9.28 -34.08
CA TRP B 24 -2.43 -8.24 -33.39
C TRP B 24 -1.77 -6.88 -33.50
N ALA B 25 -0.45 -6.85 -33.61
CA ALA B 25 0.25 -5.58 -33.77
C ALA B 25 -0.13 -4.88 -35.07
N GLY B 26 -0.73 -5.59 -36.03
CA GLY B 26 -1.17 -4.97 -37.27
C GLY B 26 -2.10 -3.78 -37.10
N LEU B 27 -2.78 -3.67 -35.95
CA LEU B 27 -3.74 -2.60 -35.72
C LEU B 27 -3.18 -1.42 -34.94
N PHE B 28 -2.05 -1.57 -34.24
CA PHE B 28 -1.56 -0.46 -33.43
C PHE B 28 -0.08 -0.19 -33.64
N ALA B 29 0.55 -0.80 -34.65
CA ALA B 29 1.94 -0.54 -34.95
C ALA B 29 2.09 -0.42 -36.45
N ILE B 30 2.81 0.62 -36.90
CA ILE B 30 3.02 0.78 -38.33
C ILE B 30 4.06 -0.23 -38.86
N ASP B 31 4.94 -0.74 -38.00
CA ASP B 31 5.87 -1.80 -38.37
C ASP B 31 5.65 -2.93 -37.38
N PRO B 32 4.69 -3.83 -37.64
CA PRO B 32 4.39 -4.89 -36.68
C PRO B 32 5.51 -5.91 -36.52
N ASP B 33 6.37 -6.08 -37.53
CA ASP B 33 7.51 -6.97 -37.35
C ASP B 33 8.46 -6.41 -36.29
N LYS B 34 8.72 -5.10 -36.34
CA LYS B 34 9.54 -4.46 -35.32
C LYS B 34 8.86 -4.53 -33.95
N HIS B 35 7.54 -4.30 -33.91
CA HIS B 35 6.81 -4.37 -32.65
C HIS B 35 6.93 -5.74 -32.01
N ALA B 36 6.70 -6.80 -32.79
CA ALA B 36 6.80 -8.16 -32.24
C ALA B 36 8.22 -8.45 -31.77
N ALA B 37 9.22 -8.05 -32.54
CA ALA B 37 10.60 -8.32 -32.14
C ALA B 37 10.93 -7.59 -30.85
N GLU B 38 10.40 -6.38 -30.71
CA GLU B 38 10.77 -5.58 -29.54
C GLU B 38 9.98 -6.00 -28.30
N ILE B 39 8.68 -6.30 -28.45
CA ILE B 39 7.93 -6.71 -27.28
C ILE B 39 8.38 -8.08 -26.78
N ASN B 40 8.94 -8.92 -27.67
CA ASN B 40 9.44 -10.23 -27.24
C ASN B 40 10.84 -10.18 -26.65
N ASP B 41 11.60 -9.13 -26.91
CA ASP B 41 12.97 -9.01 -26.42
C ASP B 41 13.00 -8.40 -25.02
N ILE B 42 13.87 -8.95 -24.18
CA ILE B 42 14.02 -8.51 -22.80
C ILE B 42 15.35 -7.80 -22.57
N THR B 43 16.45 -8.37 -23.06
CA THR B 43 17.79 -7.92 -22.66
C THR B 43 18.64 -7.32 -23.78
N GLU B 44 18.17 -7.33 -25.03
CA GLU B 44 19.05 -6.83 -26.09
C GLU B 44 18.64 -5.44 -26.55
N GLN B 45 17.75 -5.35 -27.54
CA GLN B 45 17.32 -4.04 -28.03
C GLN B 45 16.71 -3.20 -26.92
N ARG B 46 15.95 -3.83 -26.01
CA ARG B 46 15.32 -3.08 -24.92
C ARG B 46 16.36 -2.31 -24.12
N ILE B 47 17.40 -3.01 -23.69
CA ILE B 47 18.45 -2.35 -22.91
C ILE B 47 19.26 -1.39 -23.77
N LYS B 48 19.43 -1.69 -25.06
CA LYS B 48 20.11 -0.75 -25.95
C LYS B 48 19.38 0.59 -26.01
N TYR B 49 18.04 0.55 -26.09
CA TYR B 49 17.27 1.80 -26.05
C TYR B 49 17.45 2.51 -24.72
N MET B 50 17.40 1.76 -23.62
CA MET B 50 17.60 2.37 -22.31
C MET B 50 18.95 3.06 -22.23
N ASN B 51 20.00 2.39 -22.73
CA ASN B 51 21.34 2.99 -22.80
C ASN B 51 21.35 4.28 -23.61
N GLU B 52 20.67 4.29 -24.76
CA GLU B 52 20.75 5.42 -25.67
C GLU B 52 19.99 6.63 -25.15
N HIS B 53 18.94 6.42 -24.33
CA HIS B 53 17.98 7.47 -24.04
C HIS B 53 17.94 7.84 -22.57
N GLY B 54 18.99 7.52 -21.81
CA GLY B 54 19.06 7.96 -20.42
C GLY B 54 18.06 7.29 -19.51
N VAL B 55 17.72 6.03 -19.75
CA VAL B 55 16.80 5.28 -18.90
C VAL B 55 17.61 4.27 -18.11
N GLY B 56 17.68 4.48 -16.79
CA GLY B 56 18.49 3.59 -15.97
C GLY B 56 17.81 2.28 -15.66
N TYR B 57 16.49 2.28 -15.54
CA TYR B 57 15.79 1.14 -14.97
C TYR B 57 14.38 1.09 -15.52
N THR B 58 13.91 -0.10 -15.90
CA THR B 58 12.50 -0.24 -16.24
C THR B 58 11.91 -1.44 -15.50
N ILE B 59 10.66 -1.29 -15.08
CA ILE B 59 9.88 -2.39 -14.52
C ILE B 59 9.01 -2.95 -15.62
N LEU B 60 9.13 -4.25 -15.87
CA LEU B 60 8.47 -4.91 -16.99
C LEU B 60 7.15 -5.52 -16.56
N SER B 61 6.22 -5.61 -17.51
CA SER B 61 4.91 -6.20 -17.22
C SER B 61 4.40 -6.90 -18.47
N TYR B 62 3.48 -7.84 -18.25
CA TYR B 62 2.92 -8.62 -19.35
C TYR B 62 1.96 -7.77 -20.18
N THR B 63 2.07 -7.89 -21.50
CA THR B 63 1.30 -7.04 -22.39
C THR B 63 -0.21 -7.27 -22.26
N ALA B 64 -0.97 -6.25 -22.63
CA ALA B 64 -2.42 -6.37 -22.66
C ALA B 64 -2.86 -7.05 -23.96
N PRO B 65 -3.98 -7.80 -23.93
CA PRO B 65 -4.84 -8.05 -22.77
C PRO B 65 -4.24 -9.06 -21.80
N GLY B 66 -3.29 -9.85 -22.25
CA GLY B 66 -2.59 -10.77 -21.37
C GLY B 66 -3.53 -11.73 -20.69
N VAL B 67 -3.28 -12.00 -19.41
CA VAL B 67 -4.05 -13.02 -18.72
C VAL B 67 -5.50 -12.62 -18.57
N GLN B 68 -5.79 -11.32 -18.58
CA GLN B 68 -7.17 -10.87 -18.46
C GLN B 68 -8.01 -11.24 -19.68
N ASP B 69 -7.39 -11.64 -20.80
CA ASP B 69 -8.13 -12.12 -21.96
C ASP B 69 -8.60 -13.57 -21.81
N VAL B 70 -8.09 -14.29 -20.83
CA VAL B 70 -8.28 -15.74 -20.73
C VAL B 70 -9.40 -16.00 -19.73
N TRP B 71 -10.54 -16.51 -20.21
CA TRP B 71 -11.70 -16.65 -19.33
C TRP B 71 -11.85 -18.03 -18.71
N ASP B 72 -11.05 -19.00 -19.11
CA ASP B 72 -10.99 -20.26 -18.38
C ASP B 72 -10.06 -20.11 -17.19
N PRO B 73 -10.54 -20.27 -15.96
CA PRO B 73 -9.67 -20.00 -14.79
C PRO B 73 -8.41 -20.86 -14.73
N LYS B 74 -8.48 -22.15 -15.05
CA LYS B 74 -7.28 -22.98 -14.98
C LYS B 74 -6.25 -22.55 -16.03
N GLU B 75 -6.69 -22.26 -17.26
CA GLU B 75 -5.77 -21.77 -18.28
C GLU B 75 -5.13 -20.46 -17.87
N ALA B 76 -5.93 -19.54 -17.32
CA ALA B 76 -5.43 -18.22 -16.99
C ALA B 76 -4.41 -18.28 -15.86
N GLN B 77 -4.69 -19.07 -14.82
CA GLN B 77 -3.74 -19.25 -13.74
C GLN B 77 -2.43 -19.85 -14.25
N ALA B 78 -2.53 -20.89 -15.08
CA ALA B 78 -1.33 -21.52 -15.62
C ALA B 78 -0.51 -20.53 -16.43
N LEU B 79 -1.18 -19.65 -17.19
CA LEU B 79 -0.46 -18.64 -17.96
C LEU B 79 0.21 -17.63 -17.05
N ALA B 80 -0.47 -17.18 -16.00
CA ALA B 80 0.13 -16.21 -15.09
C ALA B 80 1.38 -16.79 -14.43
N VAL B 81 1.30 -18.04 -13.96
CA VAL B 81 2.47 -18.70 -13.39
C VAL B 81 3.58 -18.79 -14.42
N GLU B 82 3.26 -19.25 -15.64
CA GLU B 82 4.25 -19.35 -16.70
C GLU B 82 4.92 -18.01 -16.96
N VAL B 83 4.13 -16.95 -17.03
CA VAL B 83 4.68 -15.63 -17.35
C VAL B 83 5.60 -15.15 -16.22
N ASN B 84 5.17 -15.31 -14.97
CA ASN B 84 5.98 -14.84 -13.84
C ASN B 84 7.31 -15.57 -13.77
N ASP B 85 7.30 -16.91 -13.85
CA ASP B 85 8.55 -17.66 -13.85
C ASP B 85 9.42 -17.26 -15.04
N TYR B 86 8.79 -17.06 -16.20
CA TYR B 86 9.54 -16.70 -17.41
C TYR B 86 10.28 -15.38 -17.21
N ILE B 87 9.58 -14.35 -16.74
CA ILE B 87 10.18 -13.03 -16.71
C ILE B 87 11.20 -12.92 -15.58
N ALA B 88 10.94 -13.55 -14.44
CA ALA B 88 11.95 -13.62 -13.38
C ALA B 88 13.25 -14.21 -13.89
N ASP B 89 13.18 -15.30 -14.64
CA ASP B 89 14.40 -15.89 -15.18
C ASP B 89 15.04 -14.98 -16.23
N ALA B 90 14.21 -14.32 -17.05
CA ALA B 90 14.74 -13.54 -18.16
C ALA B 90 15.50 -12.32 -17.71
N ILE B 91 15.12 -11.72 -16.57
CA ILE B 91 15.72 -10.47 -16.15
C ILE B 91 16.83 -10.67 -15.13
N LYS B 92 17.12 -11.91 -14.74
CA LYS B 92 17.86 -12.13 -13.50
C LYS B 92 19.30 -11.64 -13.53
N ALA B 93 19.89 -11.48 -14.71
CA ALA B 93 21.27 -11.00 -14.77
C ALA B 93 21.39 -9.49 -14.66
N HIS B 94 20.28 -8.75 -14.64
CA HIS B 94 20.33 -7.28 -14.70
C HIS B 94 19.51 -6.63 -13.59
N PRO B 95 19.83 -6.89 -12.32
CA PRO B 95 19.06 -6.27 -11.24
C PRO B 95 19.20 -4.76 -11.16
N ASP B 96 20.23 -4.16 -11.78
CA ASP B 96 20.34 -2.71 -11.80
C ASP B 96 19.69 -2.07 -13.01
N ARG B 97 19.10 -2.86 -13.92
CA ARG B 97 18.38 -2.32 -15.06
C ARG B 97 16.92 -2.72 -15.12
N LEU B 98 16.55 -3.89 -14.63
CA LEU B 98 15.22 -4.46 -14.89
C LEU B 98 14.58 -4.98 -13.62
N GLY B 99 13.32 -4.59 -13.42
CA GLY B 99 12.44 -5.21 -12.46
C GLY B 99 11.22 -5.76 -13.18
N ALA B 100 10.32 -6.37 -12.40
CA ALA B 100 9.11 -6.92 -12.99
C ALA B 100 7.92 -6.75 -12.05
N PHE B 101 6.76 -6.50 -12.64
CA PHE B 101 5.49 -6.57 -11.96
C PHE B 101 4.90 -7.97 -12.12
N ALA B 102 4.16 -8.40 -11.11
CA ALA B 102 3.47 -9.68 -11.16
C ALA B 102 2.36 -9.66 -12.22
N THR B 103 2.25 -10.77 -12.93
CA THR B 103 1.13 -11.07 -13.80
C THR B 103 0.20 -12.02 -13.05
N LEU B 104 -1.09 -11.74 -13.08
CA LEU B 104 -2.04 -12.44 -12.23
C LEU B 104 -3.25 -12.89 -13.02
N SER B 105 -3.74 -14.08 -12.71
CA SER B 105 -5.13 -14.41 -13.03
C SER B 105 -6.01 -13.86 -11.93
N MET B 106 -7.03 -13.09 -12.32
CA MET B 106 -7.89 -12.41 -11.36
C MET B 106 -9.29 -13.02 -11.34
N HIS B 107 -9.37 -14.33 -11.55
CA HIS B 107 -10.65 -15.03 -11.44
C HIS B 107 -11.05 -15.22 -9.99
N ASP B 108 -10.07 -15.48 -9.11
CA ASP B 108 -10.36 -15.76 -7.72
C ASP B 108 -9.42 -14.99 -6.80
N PRO B 109 -9.96 -14.19 -5.88
CA PRO B 109 -9.11 -13.34 -5.03
C PRO B 109 -8.03 -14.10 -4.27
N LYS B 110 -8.37 -15.23 -3.66
CA LYS B 110 -7.38 -15.96 -2.89
C LYS B 110 -6.29 -16.55 -3.78
N GLU B 111 -6.67 -17.05 -4.96
CA GLU B 111 -5.69 -17.57 -5.91
C GLU B 111 -4.75 -16.46 -6.37
N ALA B 112 -5.30 -15.28 -6.66
CA ALA B 112 -4.47 -14.16 -7.09
C ALA B 112 -3.57 -13.67 -5.96
N ALA B 113 -4.12 -13.57 -4.74
CA ALA B 113 -3.30 -13.18 -3.59
C ALA B 113 -2.14 -14.14 -3.39
N GLU B 114 -2.38 -15.44 -3.54
CA GLU B 114 -1.31 -16.42 -3.32
C GLU B 114 -0.23 -16.31 -4.40
N GLU B 115 -0.62 -16.07 -5.65
CA GLU B 115 0.39 -15.96 -6.69
C GLU B 115 1.17 -14.66 -6.56
N LEU B 116 0.51 -13.57 -6.15
CA LEU B 116 1.23 -12.33 -5.92
C LEU B 116 2.26 -12.50 -4.81
N ARG B 117 1.85 -13.11 -3.70
CA ARG B 117 2.79 -13.37 -2.61
C ARG B 117 3.93 -14.28 -3.05
N ARG B 118 3.62 -15.31 -3.84
CA ARG B 118 4.65 -16.23 -4.32
C ARG B 118 5.77 -15.48 -5.04
N VAL B 119 5.41 -14.60 -5.98
CA VAL B 119 6.42 -14.03 -6.86
C VAL B 119 7.06 -12.76 -6.27
N VAL B 120 6.33 -11.98 -5.47
CA VAL B 120 6.98 -10.91 -4.72
C VAL B 120 8.03 -11.50 -3.79
N THR B 121 7.68 -12.58 -3.09
CA THR B 121 8.62 -13.13 -2.10
C THR B 121 9.78 -13.85 -2.76
N LYS B 122 9.50 -14.67 -3.78
CA LYS B 122 10.54 -15.51 -4.37
C LYS B 122 11.41 -14.74 -5.35
N TYR B 123 10.82 -13.79 -6.09
CA TYR B 123 11.51 -13.14 -7.19
C TYR B 123 11.79 -11.66 -6.96
N GLY B 124 11.27 -11.09 -5.88
CA GLY B 124 11.42 -9.66 -5.66
C GLY B 124 10.67 -8.79 -6.66
N PHE B 125 9.53 -9.28 -7.17
CA PHE B 125 8.71 -8.44 -8.03
C PHE B 125 8.25 -7.20 -7.28
N LYS B 126 8.06 -6.11 -8.03
CA LYS B 126 7.90 -4.78 -7.46
C LYS B 126 6.45 -4.40 -7.19
N GLY B 127 5.51 -5.27 -7.51
CA GLY B 127 4.11 -4.97 -7.48
C GLY B 127 3.39 -5.87 -8.46
N ALA B 128 2.17 -5.47 -8.81
CA ALA B 128 1.36 -6.19 -9.78
C ALA B 128 0.91 -5.22 -10.87
N LEU B 129 0.77 -5.75 -12.07
CA LEU B 129 0.13 -5.02 -13.16
C LEU B 129 -0.91 -5.93 -13.79
N VAL B 130 -2.13 -5.42 -13.86
CA VAL B 130 -3.30 -6.16 -14.33
C VAL B 130 -4.00 -5.32 -15.39
N ASN B 131 -4.40 -5.97 -16.47
CA ASN B 131 -5.03 -5.27 -17.59
C ASN B 131 -6.55 -5.18 -17.39
N ASP B 132 -6.93 -4.36 -16.42
CA ASP B 132 -8.34 -3.98 -16.15
C ASP B 132 -9.12 -5.25 -15.77
N THR B 133 -10.32 -5.45 -16.31
CA THR B 133 -11.18 -6.53 -15.81
C THR B 133 -10.77 -7.88 -16.37
N GLN B 134 -11.03 -8.92 -15.59
CA GLN B 134 -10.76 -10.29 -16.01
C GLN B 134 -11.94 -10.81 -16.83
N ARG B 135 -11.67 -11.26 -18.06
CA ARG B 135 -12.69 -11.90 -18.87
C ARG B 135 -13.11 -13.23 -18.23
N ALA B 136 -14.41 -13.49 -18.22
CA ALA B 136 -14.92 -14.66 -17.52
C ALA B 136 -16.23 -15.10 -18.15
N GLY B 137 -16.73 -16.24 -17.68
CA GLY B 137 -17.99 -16.79 -18.16
C GLY B 137 -17.84 -17.51 -19.47
N ALA B 138 -18.99 -17.86 -20.04
CA ALA B 138 -19.01 -18.47 -21.37
C ALA B 138 -18.70 -17.41 -22.43
N ASP B 139 -17.88 -17.79 -23.41
CA ASP B 139 -17.44 -16.91 -24.49
C ASP B 139 -16.61 -15.74 -23.96
N GLY B 140 -16.30 -15.74 -22.67
CA GLY B 140 -15.54 -14.66 -22.08
C GLY B 140 -16.19 -13.31 -22.18
N ASP B 141 -17.52 -13.25 -22.10
CA ASP B 141 -18.22 -11.98 -22.20
C ASP B 141 -18.53 -11.34 -20.85
N ASP B 142 -18.23 -12.02 -19.74
CA ASP B 142 -18.39 -11.38 -18.44
C ASP B 142 -17.12 -10.62 -18.05
N MET B 143 -17.25 -9.78 -17.02
CA MET B 143 -16.17 -8.90 -16.57
C MET B 143 -16.06 -8.98 -15.06
N ILE B 144 -14.88 -9.30 -14.56
CA ILE B 144 -14.63 -9.29 -13.12
C ILE B 144 -13.93 -7.98 -12.76
N PHE B 145 -14.59 -7.16 -11.96
CA PHE B 145 -14.03 -5.97 -11.33
C PHE B 145 -13.52 -6.33 -9.93
N TYR B 146 -12.63 -5.49 -9.41
CA TYR B 146 -11.95 -5.80 -8.15
C TYR B 146 -12.33 -4.84 -7.02
N ASP B 147 -13.50 -4.20 -7.09
CA ASP B 147 -13.91 -3.25 -6.06
C ASP B 147 -14.98 -3.80 -5.11
N GLY B 148 -15.40 -5.05 -5.29
CA GLY B 148 -16.37 -5.66 -4.39
C GLY B 148 -15.70 -6.24 -3.16
N PRO B 149 -16.53 -6.60 -2.18
CA PRO B 149 -15.98 -7.03 -0.88
C PRO B 149 -15.20 -8.33 -0.95
N GLU B 150 -15.49 -9.19 -1.92
CA GLU B 150 -14.76 -10.44 -2.06
C GLU B 150 -13.29 -10.25 -2.40
N TRP B 151 -12.90 -9.05 -2.83
CA TRP B 151 -11.50 -8.79 -3.16
C TRP B 151 -10.71 -8.26 -1.98
N ASP B 152 -11.37 -8.05 -0.83
CA ASP B 152 -10.68 -7.58 0.36
C ASP B 152 -9.52 -8.50 0.74
N VAL B 153 -9.70 -9.81 0.62
CA VAL B 153 -8.62 -10.74 0.93
C VAL B 153 -7.42 -10.49 0.03
N PHE B 154 -7.66 -10.10 -1.22
CA PHE B 154 -6.56 -9.80 -2.13
C PHE B 154 -5.88 -8.49 -1.73
N TRP B 155 -6.67 -7.43 -1.51
CA TRP B 155 -6.07 -6.14 -1.23
C TRP B 155 -5.30 -6.16 0.09
N SER B 156 -5.73 -6.97 1.05
CA SER B 156 -4.96 -7.12 2.28
C SER B 156 -3.61 -7.76 2.02
N THR B 157 -3.52 -8.67 1.05
CA THR B 157 -2.22 -9.23 0.70
C THR B 157 -1.34 -8.15 0.07
N VAL B 158 -1.93 -7.30 -0.78
CA VAL B 158 -1.17 -6.25 -1.43
C VAL B 158 -0.59 -5.28 -0.40
N THR B 159 -1.38 -4.89 0.59
CA THR B 159 -0.86 -3.96 1.60
C THR B 159 0.09 -4.65 2.57
N ASP B 160 -0.10 -5.94 2.83
CA ASP B 160 0.85 -6.67 3.67
C ASP B 160 2.22 -6.75 3.00
N LEU B 161 2.24 -7.04 1.70
CA LEU B 161 3.50 -7.01 0.96
C LEU B 161 3.99 -5.59 0.73
N ASP B 162 3.09 -4.61 0.80
CA ASP B 162 3.40 -3.19 0.61
C ASP B 162 4.02 -2.94 -0.76
N VAL B 163 3.35 -3.39 -1.81
CA VAL B 163 3.78 -3.10 -3.17
C VAL B 163 2.60 -2.51 -3.91
N PRO B 164 2.83 -1.67 -4.92
CA PRO B 164 1.70 -1.07 -5.66
C PRO B 164 1.09 -2.02 -6.68
N PHE B 165 -0.10 -1.64 -7.13
CA PHE B 165 -0.89 -2.38 -8.11
C PHE B 165 -1.17 -1.42 -9.26
N TYR B 166 -0.69 -1.76 -10.46
CA TYR B 166 -0.82 -0.92 -11.64
C TYR B 166 -2.06 -1.38 -12.41
N LEU B 167 -3.04 -0.48 -12.54
CA LEU B 167 -4.30 -0.80 -13.21
C LEU B 167 -4.20 -0.30 -14.66
N HIS B 168 -3.85 -1.21 -15.58
CA HIS B 168 -3.56 -1.02 -17.00
C HIS B 168 -4.83 -1.28 -17.83
N PRO B 169 -4.98 -0.64 -18.98
CA PRO B 169 -6.18 -0.88 -19.80
C PRO B 169 -6.12 -2.19 -20.56
N ARG B 170 -7.26 -2.48 -21.18
CA ARG B 170 -7.53 -3.67 -21.98
C ARG B 170 -8.53 -3.25 -23.04
N ASN B 171 -8.41 -3.82 -24.25
CA ASN B 171 -9.35 -3.54 -25.34
C ASN B 171 -10.77 -3.93 -24.93
N PRO B 172 -11.79 -3.22 -25.43
CA PRO B 172 -13.17 -3.70 -25.23
C PRO B 172 -13.39 -4.99 -26.00
N THR B 173 -14.19 -5.89 -25.43
CA THR B 173 -14.44 -7.19 -26.02
C THR B 173 -15.93 -7.51 -25.99
N GLY B 174 -16.29 -8.51 -26.80
CA GLY B 174 -17.61 -9.10 -26.71
C GLY B 174 -18.72 -8.13 -27.08
N SER B 175 -19.78 -8.14 -26.27
CA SER B 175 -20.98 -7.38 -26.56
C SER B 175 -20.73 -5.87 -26.44
N ILE B 176 -19.96 -5.45 -25.43
CA ILE B 176 -19.64 -4.03 -25.30
C ILE B 176 -18.87 -3.54 -26.52
N HIS B 177 -17.91 -4.34 -26.98
CA HIS B 177 -17.21 -3.96 -28.21
C HIS B 177 -18.19 -3.85 -29.36
N GLU B 178 -19.10 -4.81 -29.50
CA GLU B 178 -20.07 -4.78 -30.60
C GLU B 178 -20.93 -3.53 -30.52
N LYS B 179 -21.45 -3.23 -29.33
CA LYS B 179 -22.46 -2.18 -29.23
C LYS B 179 -21.86 -0.78 -29.35
N LEU B 180 -20.66 -0.56 -28.80
CA LEU B 180 -20.10 0.79 -28.71
C LEU B 180 -18.93 1.06 -29.64
N TRP B 181 -18.06 0.06 -29.83
CA TRP B 181 -16.78 0.34 -30.52
C TRP B 181 -16.66 -0.24 -31.93
N ALA B 182 -17.42 -1.27 -32.28
CA ALA B 182 -17.21 -1.86 -33.63
C ALA B 182 -17.40 -0.83 -34.75
N LYS B 183 -18.40 0.04 -34.65
CA LYS B 183 -18.71 1.04 -35.70
C LYS B 183 -17.86 2.31 -35.59
N ARG B 184 -17.01 2.42 -34.57
CA ARG B 184 -16.09 3.59 -34.43
C ARG B 184 -14.78 3.03 -33.87
N SER B 185 -14.25 2.02 -34.56
CA SER B 185 -13.08 1.18 -34.18
C SER B 185 -11.75 1.93 -34.13
N TRP B 186 -11.66 3.15 -34.66
CA TRP B 186 -10.43 3.98 -34.61
C TRP B 186 -10.23 4.56 -33.19
N LEU B 187 -11.26 4.53 -32.33
CA LEU B 187 -11.20 5.03 -30.94
C LEU B 187 -10.79 3.89 -29.99
N ILE B 188 -10.67 2.67 -30.49
CA ILE B 188 -10.26 1.55 -29.60
C ILE B 188 -8.77 1.75 -29.25
N GLY B 189 -8.43 1.59 -27.98
CA GLY B 189 -7.03 1.74 -27.52
C GLY B 189 -6.75 3.12 -26.95
N PRO B 190 -5.53 3.65 -27.12
CA PRO B 190 -5.15 4.97 -26.60
C PRO B 190 -6.11 6.14 -26.87
N PRO B 191 -6.69 6.31 -28.08
CA PRO B 191 -7.59 7.44 -28.34
C PRO B 191 -8.75 7.62 -27.34
N LEU B 192 -9.34 6.54 -26.82
CA LEU B 192 -10.50 6.71 -25.91
C LEU B 192 -10.83 5.46 -25.07
N SER B 193 -10.98 4.30 -25.70
CA SER B 193 -11.48 3.11 -24.96
C SER B 193 -10.62 2.77 -23.75
N PHE B 194 -9.30 2.85 -23.88
CA PHE B 194 -8.40 2.48 -22.76
C PHE B 194 -8.74 3.28 -21.50
N ALA B 195 -8.77 4.61 -21.62
CA ALA B 195 -9.00 5.46 -20.46
C ALA B 195 -10.40 5.27 -19.90
N GLN B 196 -11.38 5.03 -20.76
CA GLN B 196 -12.74 4.81 -20.27
C GLN B 196 -12.81 3.58 -19.39
N GLY B 197 -12.08 2.52 -19.75
CA GLY B 197 -12.08 1.32 -18.94
C GLY B 197 -11.42 1.52 -17.58
N VAL B 198 -10.19 2.03 -17.59
CA VAL B 198 -9.45 2.15 -16.32
C VAL B 198 -10.12 3.15 -15.39
N SER B 199 -10.63 4.27 -15.93
CA SER B 199 -11.19 5.29 -15.06
C SER B 199 -12.47 4.78 -14.39
N LEU B 200 -13.28 4.02 -15.12
CA LEU B 200 -14.45 3.37 -14.51
C LEU B 200 -14.02 2.46 -13.37
N HIS B 201 -13.02 1.62 -13.62
CA HIS B 201 -12.59 0.65 -12.62
C HIS B 201 -11.96 1.33 -11.41
N ALA B 202 -11.09 2.32 -11.66
CA ALA B 202 -10.45 3.02 -10.55
C ALA B 202 -11.45 3.81 -9.72
N LEU B 203 -12.38 4.50 -10.38
CA LEU B 203 -13.37 5.25 -9.62
C LEU B 203 -14.39 4.32 -8.96
N GLY B 204 -14.55 3.11 -9.49
CA GLY B 204 -15.28 2.08 -8.76
C GLY B 204 -14.59 1.71 -7.46
N MET B 205 -13.27 1.51 -7.52
CA MET B 205 -12.51 1.25 -6.29
C MET B 205 -12.71 2.38 -5.27
N VAL B 206 -12.66 3.63 -5.73
CA VAL B 206 -12.85 4.78 -4.83
C VAL B 206 -14.24 4.75 -4.20
N THR B 207 -15.28 4.74 -5.04
CA THR B 207 -16.63 4.91 -4.52
C THR B 207 -17.12 3.70 -3.75
N ASN B 208 -16.59 2.51 -4.05
CA ASN B 208 -16.97 1.30 -3.33
C ASN B 208 -16.08 1.06 -2.11
N GLY B 209 -15.25 2.04 -1.73
CA GLY B 209 -14.57 2.03 -0.45
C GLY B 209 -13.30 1.21 -0.37
N VAL B 210 -12.72 0.81 -1.51
CA VAL B 210 -11.50 -0.01 -1.49
C VAL B 210 -10.41 0.70 -0.70
N PHE B 211 -10.24 2.00 -0.91
CA PHE B 211 -9.19 2.73 -0.23
C PHE B 211 -9.57 3.08 1.20
N ASP B 212 -10.83 2.88 1.59
CA ASP B 212 -11.20 3.02 2.99
C ASP B 212 -10.86 1.74 3.76
N ARG B 213 -11.14 0.57 3.16
CA ARG B 213 -10.81 -0.69 3.80
C ARG B 213 -9.31 -0.99 3.74
N HIS B 214 -8.59 -0.41 2.78
CA HIS B 214 -7.16 -0.66 2.61
C HIS B 214 -6.46 0.68 2.43
N PRO B 215 -6.34 1.46 3.50
CA PRO B 215 -5.80 2.82 3.36
C PRO B 215 -4.34 2.88 2.92
N LYS B 216 -3.59 1.79 3.04
CA LYS B 216 -2.21 1.84 2.59
C LYS B 216 -2.06 1.42 1.13
N LEU B 217 -3.16 1.08 0.47
CA LEU B 217 -3.10 0.55 -0.89
C LEU B 217 -2.69 1.65 -1.88
N GLN B 218 -1.72 1.32 -2.73
CA GLN B 218 -1.22 2.22 -3.76
C GLN B 218 -1.61 1.66 -5.12
N ILE B 219 -2.43 2.43 -5.86
CA ILE B 219 -2.87 2.09 -7.21
C ILE B 219 -2.24 3.08 -8.17
N VAL B 220 -1.61 2.55 -9.23
CA VAL B 220 -0.94 3.38 -10.23
C VAL B 220 -1.78 3.37 -11.51
N LEU B 221 -2.02 4.55 -12.06
CA LEU B 221 -2.74 4.74 -13.32
C LEU B 221 -1.79 5.31 -14.36
N GLY B 222 -1.82 4.75 -15.58
CA GLY B 222 -1.04 5.29 -16.66
C GLY B 222 -1.73 6.47 -17.35
N HIS B 223 -1.03 7.02 -18.34
CA HIS B 223 -1.62 7.98 -19.27
C HIS B 223 -2.14 9.21 -18.53
N LEU B 224 -1.34 9.67 -17.55
CA LEU B 224 -1.62 10.85 -16.73
C LEU B 224 -2.96 10.76 -16.01
N GLY B 225 -3.39 9.54 -15.69
CA GLY B 225 -4.58 9.36 -14.87
C GLY B 225 -5.87 9.08 -15.62
N GLU B 226 -5.80 8.74 -16.91
CA GLU B 226 -6.94 8.18 -17.63
C GLU B 226 -8.16 9.10 -17.55
N HIS B 227 -7.94 10.37 -17.89
CA HIS B 227 -8.95 11.42 -17.94
C HIS B 227 -9.25 12.04 -16.59
N ILE B 228 -9.03 11.29 -15.49
CA ILE B 228 -9.63 11.69 -14.20
C ILE B 228 -9.21 13.09 -13.76
N PRO B 229 -7.94 13.50 -13.83
CA PRO B 229 -7.60 14.83 -13.32
C PRO B 229 -8.30 15.97 -14.05
N PHE B 230 -8.67 15.78 -15.33
CA PHE B 230 -9.43 16.81 -16.03
C PHE B 230 -10.70 17.16 -15.26
N ASP B 231 -11.32 16.16 -14.64
CA ASP B 231 -12.57 16.36 -13.93
C ASP B 231 -12.39 16.38 -12.41
N MET B 232 -11.19 16.67 -11.92
CA MET B 232 -11.00 16.65 -10.48
C MET B 232 -11.99 17.59 -9.80
N TRP B 233 -12.14 18.82 -10.32
CA TRP B 233 -13.11 19.74 -9.75
C TRP B 233 -14.53 19.19 -9.87
N ARG B 234 -14.87 18.66 -11.05
CA ARG B 234 -16.25 18.25 -11.34
C ARG B 234 -16.62 17.02 -10.52
N ILE B 235 -15.73 16.03 -10.48
CA ILE B 235 -15.94 14.85 -9.63
C ILE B 235 -16.04 15.23 -8.16
N ASN B 236 -15.14 16.10 -7.69
CA ASN B 236 -15.17 16.48 -6.27
C ASN B 236 -16.48 17.16 -5.92
N HIS B 237 -16.90 18.13 -6.74
CA HIS B 237 -18.17 18.82 -6.51
C HIS B 237 -19.33 17.83 -6.46
N TRP B 238 -19.42 16.93 -7.45
CA TRP B 238 -20.59 16.05 -7.50
C TRP B 238 -20.55 14.99 -6.39
N PHE B 239 -19.35 14.51 -6.03
CA PHE B 239 -19.24 13.60 -4.89
C PHE B 239 -19.65 14.28 -3.58
N GLU B 240 -19.04 15.44 -3.29
CA GLU B 240 -19.19 16.04 -1.97
C GLU B 240 -20.55 16.71 -1.81
N ASP B 241 -21.04 17.38 -2.85
CA ASP B 241 -22.22 18.23 -2.73
C ASP B 241 -23.53 17.52 -3.05
N ILE B 242 -23.49 16.39 -3.74
CA ILE B 242 -24.73 15.77 -4.24
C ILE B 242 -24.74 14.27 -3.98
N LYS B 243 -23.74 13.54 -4.46
CA LYS B 243 -23.81 12.08 -4.39
C LYS B 243 -23.63 11.58 -2.96
N LYS B 244 -22.78 12.22 -2.16
CA LYS B 244 -22.61 11.76 -0.79
C LYS B 244 -23.87 11.99 0.03
N PRO B 245 -24.54 13.17 -0.06
CA PRO B 245 -25.86 13.28 0.58
C PRO B 245 -26.84 12.20 0.16
N LEU B 246 -26.84 11.80 -1.11
CA LEU B 246 -27.76 10.78 -1.58
C LEU B 246 -27.34 9.36 -1.21
N GLY B 247 -26.15 9.16 -0.65
CA GLY B 247 -25.80 7.83 -0.19
C GLY B 247 -24.39 7.33 -0.47
N LEU B 248 -23.62 8.04 -1.31
CA LEU B 248 -22.23 7.66 -1.52
C LEU B 248 -21.48 7.71 -0.19
N SER B 249 -20.82 6.61 0.15
CA SER B 249 -20.33 6.41 1.50
C SER B 249 -18.82 6.38 1.63
N CYS B 250 -18.06 6.61 0.55
CA CYS B 250 -16.61 6.67 0.71
C CYS B 250 -16.24 7.85 1.61
N LYS B 251 -15.19 7.66 2.41
CA LYS B 251 -14.92 8.49 3.57
C LYS B 251 -14.11 9.74 3.26
N LEU B 252 -13.33 9.75 2.19
CA LEU B 252 -12.46 10.87 1.87
C LEU B 252 -12.91 11.52 0.58
N THR B 253 -12.30 12.67 0.27
CA THR B 253 -12.55 13.32 -0.99
C THR B 253 -11.72 12.66 -2.09
N ILE B 254 -12.06 12.98 -3.34
CA ILE B 254 -11.26 12.45 -4.44
C ILE B 254 -9.84 13.00 -4.39
N ARG B 255 -9.69 14.25 -3.96
CA ARG B 255 -8.34 14.82 -3.83
C ARG B 255 -7.54 14.07 -2.77
N GLU B 256 -8.20 13.65 -1.69
CA GLU B 256 -7.49 12.93 -0.63
C GLU B 256 -7.03 11.57 -1.12
N TYR B 257 -7.86 10.87 -1.91
CA TYR B 257 -7.41 9.60 -2.48
C TYR B 257 -6.26 9.82 -3.46
N PHE B 258 -6.26 10.94 -4.19
CA PHE B 258 -5.15 11.21 -5.10
C PHE B 258 -3.87 11.61 -4.38
N ALA B 259 -3.97 12.04 -3.12
CA ALA B 259 -2.78 12.33 -2.33
C ALA B 259 -2.27 11.11 -1.58
N ARG B 260 -3.14 10.15 -1.28
CA ARG B 260 -2.80 9.06 -0.36
C ARG B 260 -2.69 7.70 -1.02
N ASN B 261 -3.46 7.44 -2.08
CA ASN B 261 -3.56 6.09 -2.62
C ASN B 261 -3.26 5.98 -4.10
N LEU B 262 -3.35 7.06 -4.86
CA LEU B 262 -3.21 7.01 -6.30
C LEU B 262 -1.93 7.66 -6.79
N TRP B 263 -1.42 7.12 -7.90
CA TRP B 263 -0.28 7.63 -8.64
C TRP B 263 -0.68 7.71 -10.10
N ILE B 264 -0.09 8.66 -10.84
CA ILE B 264 -0.27 8.69 -12.28
C ILE B 264 1.10 8.66 -12.94
N THR B 265 1.17 8.05 -14.13
CA THR B 265 2.43 8.06 -14.90
C THR B 265 2.22 8.82 -16.20
N THR B 266 3.35 9.14 -16.84
CA THR B 266 3.34 9.84 -18.11
C THR B 266 3.29 8.90 -19.32
N SER B 267 2.96 7.62 -19.11
CA SER B 267 2.99 6.68 -20.23
C SER B 267 2.11 7.16 -21.37
N GLY B 268 2.65 7.12 -22.59
CA GLY B 268 1.92 7.50 -23.79
C GLY B 268 1.28 8.88 -23.75
N HIS B 269 1.78 9.78 -22.92
CA HIS B 269 1.15 11.08 -22.78
C HIS B 269 2.24 12.13 -22.56
N PHE B 270 2.99 12.37 -23.64
CA PHE B 270 4.17 13.21 -23.60
C PHE B 270 3.77 14.66 -23.87
N SER B 271 2.90 15.14 -22.99
CA SER B 271 2.19 16.41 -23.11
C SER B 271 2.65 17.34 -22.01
N THR B 272 3.48 18.32 -22.37
CA THR B 272 3.88 19.34 -21.42
C THR B 272 2.66 20.07 -20.87
N SER B 273 1.66 20.29 -21.73
CA SER B 273 0.43 20.97 -21.32
C SER B 273 -0.32 20.17 -20.27
N THR B 274 -0.58 18.88 -20.53
CA THR B 274 -1.32 18.09 -19.56
C THR B 274 -0.48 17.82 -18.32
N LEU B 275 0.84 17.68 -18.46
CA LEU B 275 1.67 17.49 -17.28
C LEU B 275 1.58 18.69 -16.36
N GLN B 276 1.67 19.90 -16.92
CA GLN B 276 1.60 21.12 -16.10
C GLN B 276 0.26 21.21 -15.38
N PHE B 277 -0.82 20.91 -16.10
CA PHE B 277 -2.13 20.84 -15.47
C PHE B 277 -2.12 19.87 -14.31
N CYS B 278 -1.43 18.73 -14.47
CA CYS B 278 -1.41 17.71 -13.44
C CYS B 278 -0.52 18.09 -12.26
N LEU B 279 0.49 18.95 -12.49
CA LEU B 279 1.25 19.49 -11.37
C LEU B 279 0.32 20.19 -10.38
N GLY B 280 -0.66 20.93 -10.88
CA GLY B 280 -1.62 21.57 -9.99
C GLY B 280 -2.60 20.59 -9.38
N GLU B 281 -3.22 19.75 -10.22
CA GLU B 281 -4.31 18.92 -9.73
C GLU B 281 -3.83 17.72 -8.93
N VAL B 282 -2.62 17.22 -9.20
CA VAL B 282 -2.12 15.99 -8.58
C VAL B 282 -0.84 16.23 -7.80
N GLY B 283 0.11 16.98 -8.37
CA GLY B 283 1.33 17.29 -7.67
C GLY B 283 2.49 16.42 -8.11
N ALA B 284 3.69 17.00 -8.19
CA ALA B 284 4.85 16.27 -8.68
C ALA B 284 5.19 15.08 -7.81
N ASP B 285 4.78 15.06 -6.54
CA ASP B 285 5.16 13.95 -5.68
C ASP B 285 4.43 12.66 -6.03
N ARG B 286 3.33 12.73 -6.79
CA ARG B 286 2.55 11.55 -7.14
C ARG B 286 2.54 11.27 -8.64
N ILE B 287 3.50 11.82 -9.38
CA ILE B 287 3.59 11.64 -10.83
C ILE B 287 4.89 10.90 -11.14
N LEU B 288 4.82 9.90 -12.02
CA LEU B 288 5.95 9.06 -12.37
C LEU B 288 6.18 9.08 -13.87
N PHE B 289 7.43 9.25 -14.29
CA PHE B 289 7.74 9.04 -15.71
C PHE B 289 7.42 7.60 -16.11
N SER B 290 6.90 7.44 -17.32
CA SER B 290 6.70 6.10 -17.94
C SER B 290 6.67 6.27 -19.45
N ILE B 291 6.92 5.19 -20.20
CA ILE B 291 7.05 5.32 -21.68
C ILE B 291 5.87 4.69 -22.42
N ASP B 292 5.49 3.46 -22.04
CA ASP B 292 4.47 2.59 -22.68
C ASP B 292 5.13 1.90 -23.89
N TYR B 293 6.37 1.44 -23.70
CA TYR B 293 7.14 0.73 -24.75
C TYR B 293 6.60 -0.69 -24.85
N PRO B 294 6.55 -1.32 -26.04
CA PRO B 294 6.95 -0.68 -27.30
C PRO B 294 5.81 -0.01 -28.11
N PHE B 295 4.63 0.17 -27.51
CA PHE B 295 3.52 0.87 -28.20
C PHE B 295 4.03 2.26 -28.54
N GLU B 296 4.71 2.88 -27.58
CA GLU B 296 5.46 4.10 -27.79
C GLU B 296 6.94 3.77 -27.90
N ASN B 297 7.69 4.62 -28.59
CA ASN B 297 9.13 4.42 -28.67
C ASN B 297 9.87 5.29 -27.64
N PHE B 298 11.08 4.84 -27.29
CA PHE B 298 11.90 5.55 -26.31
C PHE B 298 12.19 6.97 -26.75
N SER B 299 12.51 7.16 -28.03
CA SER B 299 12.88 8.50 -28.49
C SER B 299 11.78 9.51 -28.19
N ASP B 300 10.53 9.16 -28.49
CA ASP B 300 9.44 10.09 -28.25
C ASP B 300 9.34 10.46 -26.77
N ALA B 301 9.36 9.47 -25.90
CA ALA B 301 9.15 9.70 -24.47
C ALA B 301 10.32 10.46 -23.86
N CYS B 302 11.53 10.08 -24.25
CA CYS B 302 12.72 10.57 -23.57
C CYS B 302 13.21 11.90 -24.13
N THR B 303 13.08 12.15 -25.44
CA THR B 303 13.38 13.48 -25.93
C THR B 303 12.43 14.50 -25.33
N TRP B 304 11.16 14.13 -25.19
CA TRP B 304 10.20 15.01 -24.52
C TRP B 304 10.61 15.24 -23.07
N TYR B 305 10.84 14.15 -22.32
CA TYR B 305 11.05 14.34 -20.89
C TYR B 305 12.36 15.08 -20.64
N ASP B 306 13.43 14.69 -21.34
CA ASP B 306 14.72 15.35 -21.14
C ASP B 306 14.64 16.84 -21.48
N GLY B 307 13.81 17.20 -22.45
CA GLY B 307 13.66 18.59 -22.86
C GLY B 307 12.74 19.43 -22.00
N LEU B 308 12.10 18.84 -21.00
CA LEU B 308 11.12 19.59 -20.22
C LEU B 308 11.78 20.75 -19.50
N ALA B 309 11.23 21.95 -19.68
CA ALA B 309 11.69 23.15 -18.98
C ALA B 309 10.77 23.37 -17.79
N ILE B 310 11.01 22.60 -16.73
CA ILE B 310 10.32 22.77 -15.45
C ILE B 310 11.39 22.75 -14.36
N ASN B 311 10.99 23.10 -13.15
CA ASN B 311 11.96 23.28 -12.07
C ASN B 311 12.71 21.98 -11.81
N ASP B 312 13.97 22.13 -11.40
CA ASP B 312 14.89 21.00 -11.31
C ASP B 312 14.36 19.91 -10.37
N VAL B 313 13.79 20.31 -9.23
CA VAL B 313 13.45 19.33 -8.20
C VAL B 313 12.28 18.44 -8.67
N ASP B 314 11.24 19.06 -9.20
CA ASP B 314 10.08 18.27 -9.69
C ASP B 314 10.50 17.37 -10.85
N LYS B 315 11.40 17.86 -11.70
CA LYS B 315 11.85 17.07 -12.87
C LYS B 315 12.56 15.80 -12.39
N ARG B 316 13.36 15.91 -11.33
CA ARG B 316 14.11 14.75 -10.78
C ARG B 316 13.14 13.79 -10.09
N LYS B 317 12.15 14.33 -9.38
CA LYS B 317 11.16 13.50 -8.67
C LYS B 317 10.40 12.64 -9.68
N ILE B 318 9.85 13.30 -10.71
CA ILE B 318 9.03 12.59 -11.72
C ILE B 318 9.90 11.67 -12.58
N GLY B 319 11.12 12.09 -12.90
CA GLY B 319 11.94 11.30 -13.79
C GLY B 319 12.49 10.03 -13.17
N LYS B 320 12.82 10.07 -11.87
CA LYS B 320 13.38 8.89 -11.24
C LYS B 320 13.22 8.82 -9.72
N ASP B 321 13.25 9.94 -9.02
CA ASP B 321 13.40 9.81 -7.57
C ASP B 321 12.12 9.33 -6.89
N ASN B 322 10.95 9.68 -7.41
CA ASN B 322 9.71 9.12 -6.88
C ASN B 322 9.70 7.60 -7.00
N ALA B 323 10.07 7.09 -8.19
CA ALA B 323 10.07 5.65 -8.42
C ALA B 323 11.17 4.94 -7.63
N LYS B 324 12.34 5.58 -7.49
CA LYS B 324 13.43 4.93 -6.77
C LYS B 324 13.01 4.57 -5.35
N LYS B 325 12.22 5.46 -4.75
CA LYS B 325 11.75 5.20 -3.37
C LYS B 325 10.54 4.29 -3.37
N LEU B 326 9.57 4.54 -4.25
CA LEU B 326 8.34 3.75 -4.22
C LEU B 326 8.62 2.27 -4.48
N PHE B 327 9.54 1.98 -5.39
CA PHE B 327 9.82 0.59 -5.78
C PHE B 327 11.14 0.07 -5.25
N LYS B 328 11.77 0.81 -4.35
CA LYS B 328 12.96 0.37 -3.63
C LYS B 328 14.04 -0.11 -4.59
N LEU B 329 14.39 0.76 -5.53
CA LEU B 329 15.41 0.42 -6.51
C LEU B 329 16.77 0.32 -5.82
N PRO B 330 17.70 -0.44 -6.38
CA PRO B 330 19.04 -0.53 -5.77
C PRO B 330 19.74 0.81 -5.76
N GLN B 331 20.47 1.10 -4.67
CA GLN B 331 21.42 2.20 -4.69
C GLN B 331 22.50 1.90 -5.71
N PHE B 332 22.96 2.92 -6.42
CA PHE B 332 24.01 2.85 -7.44
C PHE B 332 23.55 2.19 -8.74
N TYR B 333 22.25 1.98 -8.94
CA TYR B 333 21.82 1.32 -10.18
C TYR B 333 22.32 2.07 -11.42
N GLN B 334 22.46 3.40 -11.34
CA GLN B 334 22.88 4.19 -12.49
C GLN B 334 24.31 3.89 -12.93
N SER B 335 25.11 3.22 -12.09
CA SER B 335 26.47 2.89 -12.54
C SER B 335 26.46 1.90 -13.68
N GLU B 336 25.32 1.26 -13.95
CA GLU B 336 25.17 0.31 -15.03
C GLU B 336 24.38 0.87 -16.19
N ASP B 337 24.20 2.19 -16.28
CA ASP B 337 23.27 2.69 -17.27
C ASP B 337 23.85 2.77 -18.68
N HIS B 338 25.14 2.46 -18.86
CA HIS B 338 25.78 2.42 -20.18
C HIS B 338 25.57 3.72 -20.94
N HIS B 339 25.53 4.86 -20.25
CA HIS B 339 25.12 6.08 -20.91
C HIS B 339 26.16 6.52 -21.93
N HIS B 340 25.68 7.19 -22.97
CA HIS B 340 26.45 7.49 -24.17
C HIS B 340 27.35 8.70 -24.01
N MET C 2 44.75 -23.63 29.67
CA MET C 2 43.38 -23.81 30.13
C MET C 2 42.81 -25.12 29.61
N LEU C 3 42.23 -25.92 30.51
CA LEU C 3 41.60 -27.18 30.14
C LEU C 3 40.11 -26.95 29.86
N GLY C 4 39.52 -27.90 29.15
CA GLY C 4 38.10 -27.85 28.86
C GLY C 4 37.70 -26.85 27.79
N LYS C 5 38.64 -26.47 26.91
CA LYS C 5 38.31 -25.52 25.85
C LYS C 5 37.28 -26.11 24.90
N VAL C 6 36.52 -25.23 24.26
CA VAL C 6 35.50 -25.61 23.28
C VAL C 6 35.87 -24.95 21.96
N ALA C 7 35.80 -25.73 20.87
CA ALA C 7 36.07 -25.22 19.53
C ALA C 7 34.97 -25.69 18.59
N LEU C 8 34.64 -24.85 17.59
CA LEU C 8 33.45 -25.14 16.80
C LEU C 8 33.55 -24.70 15.36
N GLU C 9 34.76 -24.55 14.81
CA GLU C 9 34.87 -24.47 13.35
C GLU C 9 35.77 -25.59 12.91
N GLU C 10 35.33 -26.83 13.15
CA GLU C 10 36.19 -28.00 13.09
C GLU C 10 35.62 -28.98 12.09
N ALA C 11 36.37 -29.25 11.02
CA ALA C 11 35.80 -29.84 9.82
C ALA C 11 36.03 -31.35 9.75
N PHE C 12 35.13 -32.01 9.02
CA PHE C 12 35.29 -33.38 8.58
C PHE C 12 34.83 -33.50 7.13
N ALA C 13 35.24 -34.60 6.47
CA ALA C 13 34.81 -34.93 5.12
C ALA C 13 34.32 -36.38 5.10
N LEU C 14 33.69 -36.75 4.01
CA LEU C 14 33.18 -38.11 3.86
C LEU C 14 34.29 -39.05 3.39
N PRO C 15 34.41 -40.23 4.00
CA PRO C 15 35.45 -41.17 3.56
C PRO C 15 35.35 -41.55 2.10
N ARG C 16 34.13 -41.62 1.54
CA ARG C 16 34.02 -42.01 0.14
C ARG C 16 34.60 -40.97 -0.82
N HIS C 17 34.90 -39.76 -0.33
CA HIS C 17 35.45 -38.70 -1.15
C HIS C 17 36.97 -38.59 -1.03
N LYS C 18 37.63 -39.63 -0.52
CA LYS C 18 39.03 -39.55 -0.13
C LYS C 18 39.90 -38.99 -1.26
N GLU C 19 39.72 -39.48 -2.48
CA GLU C 19 40.58 -39.05 -3.58
C GLU C 19 40.34 -37.61 -3.94
N ARG C 20 39.06 -37.23 -4.08
CA ARG C 20 38.71 -35.83 -4.28
C ARG C 20 39.27 -34.96 -3.17
N THR C 21 39.04 -35.37 -1.91
CA THR C 21 39.55 -34.63 -0.76
C THR C 21 41.06 -34.43 -0.84
N ARG C 22 41.80 -35.49 -1.20
CA ARG C 22 43.25 -35.37 -1.29
C ARG C 22 43.66 -34.46 -2.45
N TRP C 23 42.93 -34.52 -3.56
CA TRP C 23 43.26 -33.64 -4.68
C TRP C 23 43.14 -32.18 -4.29
N TRP C 24 42.03 -31.80 -3.65
CA TRP C 24 41.82 -30.40 -3.33
C TRP C 24 42.78 -29.93 -2.24
N ALA C 25 43.15 -30.83 -1.32
CA ALA C 25 44.07 -30.45 -0.25
C ALA C 25 45.43 -29.99 -0.74
N GLY C 26 45.75 -30.21 -2.02
CA GLY C 26 47.02 -29.75 -2.57
C GLY C 26 47.19 -28.24 -2.56
N LEU C 27 46.10 -27.49 -2.41
CA LEU C 27 46.15 -26.04 -2.47
C LEU C 27 46.24 -25.37 -1.11
N PHE C 28 45.97 -26.09 -0.01
CA PHE C 28 45.97 -25.45 1.30
C PHE C 28 46.62 -26.27 2.40
N ALA C 29 47.21 -27.41 2.08
CA ALA C 29 47.89 -28.23 3.07
C ALA C 29 49.25 -28.60 2.53
N ILE C 30 50.29 -28.37 3.32
CA ILE C 30 51.63 -28.73 2.85
C ILE C 30 51.85 -30.23 2.91
N ASP C 31 50.99 -30.97 3.63
CA ASP C 31 51.01 -32.43 3.65
C ASP C 31 49.60 -32.91 3.35
N PRO C 32 49.26 -33.02 2.06
CA PRO C 32 47.86 -33.35 1.70
C PRO C 32 47.41 -34.72 2.16
N ASP C 33 48.33 -35.68 2.26
CA ASP C 33 47.97 -37.01 2.76
C ASP C 33 47.56 -36.95 4.22
N LYS C 34 48.32 -36.22 5.04
CA LYS C 34 47.95 -36.03 6.43
C LYS C 34 46.65 -35.25 6.54
N HIS C 35 46.47 -34.23 5.70
CA HIS C 35 45.23 -33.46 5.76
C HIS C 35 44.02 -34.33 5.46
N ALA C 36 44.11 -35.13 4.40
CA ALA C 36 42.99 -36.00 4.06
C ALA C 36 42.72 -37.00 5.16
N ALA C 37 43.77 -37.56 5.76
CA ALA C 37 43.59 -38.52 6.84
C ALA C 37 42.92 -37.87 8.04
N GLU C 38 43.34 -36.67 8.40
CA GLU C 38 42.82 -36.04 9.60
C GLU C 38 41.40 -35.51 9.38
N ILE C 39 41.11 -35.00 8.19
CA ILE C 39 39.76 -34.49 7.97
C ILE C 39 38.75 -35.63 7.88
N ASN C 40 39.18 -36.81 7.44
CA ASN C 40 38.30 -37.97 7.38
C ASN C 40 38.14 -38.65 8.74
N ASP C 41 39.08 -38.43 9.66
CA ASP C 41 39.02 -39.07 10.97
C ASP C 41 38.09 -38.32 11.93
N ILE C 42 37.32 -39.08 12.70
CA ILE C 42 36.34 -38.53 13.62
C ILE C 42 36.74 -38.77 15.07
N THR C 43 37.09 -40.01 15.42
CA THR C 43 37.25 -40.36 16.83
C THR C 43 38.65 -40.77 17.25
N GLU C 44 39.60 -40.89 16.31
CA GLU C 44 40.91 -41.37 16.71
C GLU C 44 41.91 -40.22 16.92
N GLN C 45 42.59 -39.81 15.86
CA GLN C 45 43.52 -38.70 15.96
C GLN C 45 42.84 -37.45 16.50
N ARG C 46 41.59 -37.21 16.10
CA ARG C 46 40.89 -36.00 16.50
C ARG C 46 40.78 -35.91 18.01
N ILE C 47 40.32 -36.99 18.65
CA ILE C 47 40.18 -36.96 20.11
C ILE C 47 41.54 -37.00 20.80
N LYS C 48 42.54 -37.64 20.18
CA LYS C 48 43.87 -37.61 20.75
C LYS C 48 44.43 -36.20 20.81
N TYR C 49 44.24 -35.41 19.73
CA TYR C 49 44.63 -34.01 19.77
C TYR C 49 43.88 -33.26 20.85
N MET C 50 42.57 -33.50 20.96
CA MET C 50 41.77 -32.83 21.99
C MET C 50 42.34 -33.10 23.37
N ASN C 51 42.69 -34.36 23.65
CA ASN C 51 43.20 -34.72 24.97
C ASN C 51 44.55 -34.06 25.23
N GLU C 52 45.39 -33.94 24.21
CA GLU C 52 46.74 -33.45 24.43
C GLU C 52 46.80 -31.93 24.58
N HIS C 53 45.83 -31.20 24.02
CA HIS C 53 45.89 -29.75 23.97
C HIS C 53 44.76 -29.08 24.76
N GLY C 54 44.15 -29.79 25.70
CA GLY C 54 43.20 -29.17 26.61
C GLY C 54 41.90 -28.74 25.97
N VAL C 55 41.39 -29.51 25.01
CA VAL C 55 40.12 -29.23 24.37
C VAL C 55 39.12 -30.27 24.87
N GLY C 56 38.14 -29.82 25.64
CA GLY C 56 37.14 -30.75 26.15
C GLY C 56 36.08 -31.13 25.14
N TYR C 57 35.78 -30.23 24.21
CA TYR C 57 34.60 -30.42 23.36
C TYR C 57 34.79 -29.69 22.05
N THR C 58 34.49 -30.35 20.94
CA THR C 58 34.44 -29.70 19.65
C THR C 58 33.14 -30.06 18.93
N ILE C 59 32.59 -29.08 18.21
CA ILE C 59 31.42 -29.25 17.36
C ILE C 59 31.91 -29.37 15.93
N LEU C 60 31.54 -30.45 15.27
CA LEU C 60 32.07 -30.76 13.94
C LEU C 60 31.13 -30.25 12.86
N SER C 61 31.71 -29.91 11.71
CA SER C 61 30.97 -29.41 10.57
C SER C 61 31.56 -29.98 9.29
N TYR C 62 30.75 -29.98 8.22
CA TYR C 62 31.17 -30.51 6.94
C TYR C 62 32.09 -29.53 6.23
N THR C 63 33.16 -30.07 5.63
CA THR C 63 34.21 -29.27 5.03
C THR C 63 33.68 -28.40 3.90
N ALA C 64 34.36 -27.26 3.67
CA ALA C 64 34.02 -26.39 2.55
C ALA C 64 34.69 -26.89 1.27
N PRO C 65 34.06 -26.69 0.10
CA PRO C 65 32.77 -26.00 -0.09
C PRO C 65 31.56 -26.85 0.32
N GLY C 66 31.76 -28.17 0.37
CA GLY C 66 30.71 -29.05 0.85
C GLY C 66 29.47 -29.01 -0.02
N VAL C 67 28.31 -28.95 0.62
CA VAL C 67 27.06 -28.98 -0.11
C VAL C 67 26.87 -27.70 -0.93
N GLN C 68 27.51 -26.60 -0.53
CA GLN C 68 27.34 -25.36 -1.26
C GLN C 68 28.06 -25.38 -2.60
N ASP C 69 28.90 -26.38 -2.86
CA ASP C 69 29.46 -26.56 -4.19
C ASP C 69 28.52 -27.26 -5.16
N VAL C 70 27.45 -27.88 -4.67
CA VAL C 70 26.60 -28.74 -5.51
C VAL C 70 25.42 -27.92 -6.03
N TRP C 71 25.39 -27.65 -7.33
CA TRP C 71 24.39 -26.79 -7.93
C TRP C 71 23.15 -27.54 -8.42
N ASP C 72 23.13 -28.86 -8.35
CA ASP C 72 21.90 -29.60 -8.66
C ASP C 72 21.12 -29.81 -7.36
N PRO C 73 19.88 -29.33 -7.26
CA PRO C 73 19.20 -29.37 -5.95
C PRO C 73 19.00 -30.77 -5.39
N LYS C 74 18.63 -31.74 -6.24
CA LYS C 74 18.43 -33.09 -5.73
C LYS C 74 19.73 -33.68 -5.20
N GLU C 75 20.83 -33.54 -5.95
CA GLU C 75 22.11 -34.05 -5.50
C GLU C 75 22.58 -33.34 -4.23
N ALA C 76 22.38 -32.02 -4.17
CA ALA C 76 22.73 -31.26 -2.98
C ALA C 76 21.96 -31.76 -1.75
N GLN C 77 20.65 -31.91 -1.89
CA GLN C 77 19.83 -32.35 -0.77
C GLN C 77 20.24 -33.75 -0.31
N ALA C 78 20.45 -34.66 -1.26
CA ALA C 78 20.84 -36.01 -0.91
C ALA C 78 22.17 -36.04 -0.15
N LEU C 79 23.12 -35.19 -0.56
CA LEU C 79 24.41 -35.17 0.11
C LEU C 79 24.28 -34.63 1.53
N ALA C 80 23.47 -33.59 1.71
CA ALA C 80 23.28 -33.05 3.06
C ALA C 80 22.70 -34.09 3.98
N VAL C 81 21.65 -34.77 3.53
CA VAL C 81 21.05 -35.87 4.29
C VAL C 81 22.12 -36.92 4.62
N GLU C 82 22.87 -37.34 3.60
CA GLU C 82 23.91 -38.35 3.78
C GLU C 82 24.94 -37.93 4.82
N VAL C 83 25.38 -36.66 4.76
CA VAL C 83 26.40 -36.20 5.69
C VAL C 83 25.84 -36.12 7.12
N ASN C 84 24.61 -35.64 7.27
CA ASN C 84 24.04 -35.51 8.61
C ASN C 84 23.89 -36.86 9.28
N ASP C 85 23.31 -37.84 8.58
CA ASP C 85 23.19 -39.19 9.13
C ASP C 85 24.56 -39.77 9.44
N TYR C 86 25.52 -39.58 8.52
CA TYR C 86 26.87 -40.10 8.72
C TYR C 86 27.50 -39.57 10.00
N ILE C 87 27.46 -38.25 10.19
CA ILE C 87 28.21 -37.70 11.32
C ILE C 87 27.51 -37.98 12.64
N ALA C 88 26.16 -38.00 12.64
CA ALA C 88 25.44 -38.37 13.85
C ALA C 88 25.87 -39.76 14.32
N ASP C 89 25.91 -40.71 13.38
CA ASP C 89 26.34 -42.06 13.72
C ASP C 89 27.82 -42.08 14.13
N ALA C 90 28.66 -41.33 13.42
CA ALA C 90 30.10 -41.41 13.64
C ALA C 90 30.51 -40.90 15.02
N ILE C 91 29.78 -39.93 15.58
CA ILE C 91 30.17 -39.35 16.87
C ILE C 91 29.43 -39.96 18.04
N LYS C 92 28.54 -40.93 17.80
CA LYS C 92 27.55 -41.33 18.80
C LYS C 92 28.19 -41.91 20.06
N ALA C 93 29.43 -42.38 20.01
CA ALA C 93 30.06 -42.97 21.18
C ALA C 93 30.76 -41.96 22.07
N HIS C 94 30.84 -40.69 21.65
CA HIS C 94 31.58 -39.67 22.39
C HIS C 94 30.70 -38.46 22.67
N PRO C 95 29.56 -38.65 23.35
CA PRO C 95 28.63 -37.54 23.57
C PRO C 95 29.22 -36.42 24.40
N ASP C 96 30.20 -36.72 25.23
CA ASP C 96 30.82 -35.72 26.09
C ASP C 96 31.98 -35.00 25.42
N ARG C 97 32.40 -35.43 24.24
CA ARG C 97 33.53 -34.80 23.55
C ARG C 97 33.19 -34.21 22.19
N LEU C 98 32.16 -34.71 21.50
CA LEU C 98 31.90 -34.33 20.13
C LEU C 98 30.42 -34.03 19.94
N GLY C 99 30.14 -32.87 19.36
CA GLY C 99 28.85 -32.53 18.83
C GLY C 99 28.97 -32.25 17.33
N ALA C 100 27.83 -31.89 16.74
CA ALA C 100 27.81 -31.63 15.31
C ALA C 100 26.91 -30.46 14.99
N PHE C 101 27.27 -29.74 13.92
CA PHE C 101 26.39 -28.78 13.26
C PHE C 101 25.73 -29.45 12.06
N ALA C 102 24.49 -29.03 11.79
CA ALA C 102 23.79 -29.51 10.61
C ALA C 102 24.48 -29.06 9.33
N THR C 103 24.46 -29.94 8.33
CA THR C 103 24.86 -29.66 6.96
C THR C 103 23.59 -29.55 6.11
N LEU C 104 23.51 -28.51 5.27
CA LEU C 104 22.27 -28.23 4.58
C LEU C 104 22.50 -27.91 3.11
N SER C 105 21.60 -28.39 2.26
CA SER C 105 21.45 -27.80 0.95
C SER C 105 20.60 -26.55 1.08
N MET C 106 21.12 -25.44 0.57
CA MET C 106 20.42 -24.14 0.71
C MET C 106 19.82 -23.67 -0.63
N HIS C 107 19.40 -24.61 -1.47
CA HIS C 107 18.68 -24.24 -2.70
C HIS C 107 17.28 -23.75 -2.40
N ASP C 108 16.64 -24.29 -1.38
CA ASP C 108 15.23 -23.99 -1.13
C ASP C 108 15.00 -23.79 0.36
N PRO C 109 14.43 -22.64 0.76
CA PRO C 109 14.31 -22.35 2.20
C PRO C 109 13.50 -23.37 2.98
N LYS C 110 12.31 -23.78 2.47
CA LYS C 110 11.49 -24.76 3.17
C LYS C 110 12.22 -26.09 3.29
N GLU C 111 12.85 -26.54 2.20
CA GLU C 111 13.62 -27.77 2.22
C GLU C 111 14.73 -27.72 3.27
N ALA C 112 15.48 -26.62 3.30
CA ALA C 112 16.56 -26.50 4.27
C ALA C 112 16.02 -26.44 5.70
N ALA C 113 14.88 -25.75 5.89
CA ALA C 113 14.32 -25.65 7.23
C ALA C 113 13.89 -27.03 7.74
N GLU C 114 13.30 -27.86 6.87
CA GLU C 114 12.87 -29.19 7.29
C GLU C 114 14.07 -30.06 7.65
N GLU C 115 15.14 -30.02 6.85
CA GLU C 115 16.29 -30.86 7.17
C GLU C 115 16.98 -30.40 8.45
N LEU C 116 17.02 -29.08 8.70
CA LEU C 116 17.58 -28.61 9.95
C LEU C 116 16.73 -29.07 11.14
N ARG C 117 15.41 -28.93 11.02
CA ARG C 117 14.53 -29.41 12.08
C ARG C 117 14.72 -30.92 12.29
N ARG C 118 14.83 -31.68 11.20
CA ARG C 118 14.98 -33.13 11.32
C ARG C 118 16.19 -33.49 12.16
N VAL C 119 17.35 -32.93 11.82
CA VAL C 119 18.58 -33.40 12.48
C VAL C 119 18.77 -32.74 13.84
N VAL C 120 18.26 -31.53 14.06
CA VAL C 120 18.35 -30.96 15.40
C VAL C 120 17.50 -31.78 16.37
N THR C 121 16.28 -32.13 15.97
CA THR C 121 15.42 -32.84 16.89
C THR C 121 15.86 -34.30 17.06
N LYS C 122 16.25 -34.97 15.98
CA LYS C 122 16.58 -36.39 16.08
C LYS C 122 17.97 -36.64 16.67
N TYR C 123 18.95 -35.81 16.31
CA TYR C 123 20.34 -36.08 16.68
C TYR C 123 20.90 -35.12 17.71
N GLY C 124 20.19 -34.07 18.07
CA GLY C 124 20.73 -33.11 19.02
C GLY C 124 21.86 -32.27 18.45
N PHE C 125 21.84 -32.02 17.15
CA PHE C 125 22.84 -31.12 16.56
C PHE C 125 22.73 -29.74 17.19
N LYS C 126 23.87 -29.05 17.27
CA LYS C 126 23.97 -27.81 18.03
C LYS C 126 23.64 -26.55 17.22
N GLY C 127 23.29 -26.70 15.96
CA GLY C 127 23.08 -25.56 15.07
C GLY C 127 23.32 -25.99 13.64
N ALA C 128 23.58 -25.01 12.77
CA ALA C 128 23.89 -25.28 11.37
C ALA C 128 25.18 -24.57 11.01
N LEU C 129 25.93 -25.16 10.07
CA LEU C 129 27.12 -24.53 9.50
C LEU C 129 27.03 -24.66 7.98
N VAL C 130 27.16 -23.53 7.28
CA VAL C 130 26.91 -23.44 5.86
C VAL C 130 28.05 -22.66 5.26
N ASN C 131 28.57 -23.12 4.11
CA ASN C 131 29.74 -22.52 3.50
C ASN C 131 29.31 -21.44 2.52
N ASP C 132 28.86 -20.33 3.10
CA ASP C 132 28.52 -19.09 2.38
C ASP C 132 27.40 -19.40 1.37
N THR C 133 27.47 -18.86 0.15
CA THR C 133 26.35 -18.96 -0.77
C THR C 133 26.26 -20.35 -1.37
N GLN C 134 25.04 -20.71 -1.77
CA GLN C 134 24.78 -21.99 -2.42
C GLN C 134 24.96 -21.84 -3.93
N ARG C 135 25.88 -22.60 -4.51
CA ARG C 135 26.00 -22.62 -5.97
C ARG C 135 24.72 -23.13 -6.60
N ALA C 136 24.31 -22.47 -7.68
CA ALA C 136 23.05 -22.85 -8.37
C ALA C 136 23.05 -22.30 -9.79
N GLY C 137 21.92 -22.44 -10.47
CA GLY C 137 21.73 -21.93 -11.84
C GLY C 137 22.40 -22.79 -12.88
N ALA C 138 22.46 -22.27 -14.10
CA ALA C 138 23.11 -22.93 -15.25
C ALA C 138 24.61 -23.04 -14.97
N ASP C 139 25.13 -24.28 -14.92
CA ASP C 139 26.57 -24.60 -14.72
C ASP C 139 27.09 -24.18 -13.34
N GLY C 140 26.22 -23.98 -12.35
CA GLY C 140 26.61 -23.57 -10.99
C GLY C 140 27.31 -22.22 -10.94
N ASP C 141 26.99 -21.29 -11.86
CA ASP C 141 27.67 -19.97 -11.83
C ASP C 141 26.85 -19.00 -10.99
N ASP C 142 25.62 -19.37 -10.65
CA ASP C 142 24.76 -18.48 -9.83
C ASP C 142 25.07 -18.69 -8.34
N MET C 143 24.64 -17.75 -7.51
CA MET C 143 24.89 -17.79 -6.08
C MET C 143 23.61 -17.47 -5.35
N ILE C 144 23.25 -18.29 -4.37
CA ILE C 144 22.09 -18.04 -3.53
C ILE C 144 22.57 -17.45 -2.20
N PHE C 145 22.18 -16.19 -1.94
CA PHE C 145 22.34 -15.55 -0.65
C PHE C 145 21.07 -15.76 0.17
N TYR C 146 21.20 -15.67 1.50
CA TYR C 146 20.11 -15.99 2.40
C TYR C 146 19.52 -14.75 3.08
N ASP C 147 19.66 -13.58 2.47
CA ASP C 147 19.16 -12.36 3.11
C ASP C 147 17.90 -11.82 2.46
N GLY C 148 17.33 -12.53 1.49
CA GLY C 148 16.10 -12.12 0.86
C GLY C 148 14.88 -12.59 1.64
N PRO C 149 13.71 -12.00 1.32
CA PRO C 149 12.49 -12.36 2.09
C PRO C 149 12.11 -13.82 1.96
N GLU C 150 12.54 -14.50 0.89
CA GLU C 150 12.18 -15.90 0.72
C GLU C 150 12.81 -16.78 1.79
N TRP C 151 13.85 -16.30 2.46
CA TRP C 151 14.52 -17.06 3.50
C TRP C 151 13.89 -16.87 4.88
N ASP C 152 12.84 -16.04 5.00
CA ASP C 152 12.20 -15.86 6.29
C ASP C 152 11.68 -17.18 6.85
N VAL C 153 11.11 -18.03 6.00
CA VAL C 153 10.59 -19.31 6.50
C VAL C 153 11.72 -20.15 7.09
N PHE C 154 12.94 -20.05 6.53
CA PHE C 154 14.06 -20.78 7.10
C PHE C 154 14.51 -20.15 8.42
N TRP C 155 14.72 -18.83 8.44
CA TRP C 155 15.22 -18.23 9.66
C TRP C 155 14.23 -18.38 10.80
N SER C 156 12.94 -18.42 10.49
CA SER C 156 11.92 -18.67 11.51
C SER C 156 12.09 -20.06 12.13
N THR C 157 12.45 -21.06 11.32
CA THR C 157 12.73 -22.38 11.88
C THR C 157 14.01 -22.35 12.74
N VAL C 158 15.03 -21.60 12.30
CA VAL C 158 16.26 -21.52 13.10
C VAL C 158 15.97 -20.96 14.49
N THR C 159 15.18 -19.88 14.57
CA THR C 159 14.90 -19.30 15.88
C THR C 159 13.91 -20.15 16.67
N ASP C 160 12.98 -20.82 15.98
CA ASP C 160 12.09 -21.76 16.66
C ASP C 160 12.89 -22.82 17.39
N LEU C 161 13.86 -23.43 16.70
CA LEU C 161 14.74 -24.39 17.32
C LEU C 161 15.72 -23.74 18.29
N ASP C 162 15.97 -22.44 18.13
CA ASP C 162 16.86 -21.66 19.00
C ASP C 162 18.27 -22.26 19.01
N VAL C 163 18.83 -22.38 17.81
CA VAL C 163 20.21 -22.82 17.64
C VAL C 163 20.93 -21.84 16.73
N PRO C 164 22.23 -21.65 16.88
CA PRO C 164 22.96 -20.70 16.04
C PRO C 164 23.23 -21.26 14.64
N PHE C 165 23.63 -20.33 13.77
CA PHE C 165 23.95 -20.62 12.37
C PHE C 165 25.33 -20.04 12.11
N TYR C 166 26.29 -20.90 11.74
CA TYR C 166 27.68 -20.52 11.53
C TYR C 166 27.88 -20.28 10.04
N LEU C 167 28.22 -19.05 9.67
CA LEU C 167 28.36 -18.67 8.26
C LEU C 167 29.84 -18.75 7.94
N HIS C 168 30.24 -19.86 7.37
CA HIS C 168 31.57 -20.29 7.01
C HIS C 168 31.88 -19.86 5.58
N PRO C 169 33.15 -19.61 5.23
CA PRO C 169 33.48 -19.24 3.85
C PRO C 169 33.49 -20.42 2.89
N ARG C 170 33.53 -20.09 1.60
CA ARG C 170 33.93 -21.04 0.58
C ARG C 170 34.73 -20.32 -0.49
N ASN C 171 35.50 -21.09 -1.27
CA ASN C 171 36.30 -20.52 -2.34
C ASN C 171 35.42 -19.80 -3.36
N PRO C 172 35.96 -18.77 -4.02
CA PRO C 172 35.24 -18.18 -5.17
C PRO C 172 35.23 -19.16 -6.33
N THR C 173 34.13 -19.15 -7.07
CA THR C 173 33.93 -20.08 -8.18
C THR C 173 33.41 -19.34 -9.41
N GLY C 174 33.49 -20.02 -10.55
CA GLY C 174 32.85 -19.53 -11.75
C GLY C 174 33.40 -18.20 -12.23
N SER C 175 32.48 -17.36 -12.73
CA SER C 175 32.91 -16.12 -13.37
C SER C 175 33.52 -15.16 -12.37
N ILE C 176 33.05 -15.15 -11.12
CA ILE C 176 33.67 -14.29 -10.11
C ILE C 176 35.13 -14.69 -9.90
N HIS C 177 35.37 -16.00 -9.77
CA HIS C 177 36.73 -16.50 -9.69
C HIS C 177 37.56 -16.02 -10.87
N GLU C 178 37.03 -16.16 -12.08
CA GLU C 178 37.82 -15.80 -13.26
C GLU C 178 38.14 -14.31 -13.28
N LYS C 179 37.19 -13.46 -12.89
CA LYS C 179 37.35 -12.03 -13.07
C LYS C 179 38.29 -11.42 -12.02
N LEU C 180 38.26 -11.94 -10.78
CA LEU C 180 38.93 -11.31 -9.66
C LEU C 180 40.08 -12.11 -9.08
N TRP C 181 40.01 -13.45 -9.11
CA TRP C 181 40.90 -14.25 -8.29
C TRP C 181 41.88 -15.10 -9.08
N ALA C 182 41.55 -15.52 -10.31
CA ALA C 182 42.37 -16.47 -11.04
C ALA C 182 43.77 -15.93 -11.28
N LYS C 183 43.88 -14.63 -11.51
CA LYS C 183 45.17 -13.98 -11.76
C LYS C 183 45.87 -13.53 -10.48
N ARG C 184 45.25 -13.69 -9.31
CA ARG C 184 45.94 -13.44 -8.03
C ARG C 184 45.52 -14.54 -7.05
N SER C 185 45.78 -15.78 -7.45
CA SER C 185 45.15 -16.93 -6.80
C SER C 185 45.80 -17.28 -5.46
N TRP C 186 46.95 -16.69 -5.13
CA TRP C 186 47.48 -16.93 -3.80
C TRP C 186 46.64 -16.26 -2.73
N LEU C 187 45.71 -15.40 -3.16
CA LEU C 187 44.85 -14.67 -2.20
C LEU C 187 43.57 -15.48 -1.94
N ILE C 188 43.38 -16.58 -2.66
CA ILE C 188 42.18 -17.44 -2.46
C ILE C 188 42.28 -18.12 -1.10
N GLY C 189 41.19 -18.11 -0.33
CA GLY C 189 41.17 -18.79 0.98
C GLY C 189 41.42 -17.84 2.13
N PRO C 190 42.10 -18.29 3.21
CA PRO C 190 42.38 -17.44 4.37
C PRO C 190 43.01 -16.07 4.11
N PRO C 191 43.98 -15.89 3.18
CA PRO C 191 44.57 -14.58 2.96
C PRO C 191 43.58 -13.44 2.67
N LEU C 192 42.48 -13.70 1.95
CA LEU C 192 41.56 -12.58 1.61
C LEU C 192 40.17 -13.04 1.18
N SER C 193 40.09 -13.90 0.16
CA SER C 193 38.79 -14.26 -0.46
C SER C 193 37.76 -14.77 0.56
N PHE C 194 38.18 -15.59 1.51
CA PHE C 194 37.25 -16.17 2.51
C PHE C 194 36.51 -15.06 3.26
N ALA C 195 37.24 -14.13 3.85
CA ALA C 195 36.61 -13.07 4.66
C ALA C 195 35.77 -12.15 3.77
N GLN C 196 36.20 -11.91 2.54
CA GLN C 196 35.41 -11.04 1.68
C GLN C 196 34.04 -11.65 1.42
N GLY C 197 33.99 -12.97 1.23
CA GLY C 197 32.69 -13.59 0.98
C GLY C 197 31.78 -13.54 2.20
N VAL C 198 32.29 -13.97 3.35
CA VAL C 198 31.44 -14.03 4.54
C VAL C 198 31.00 -12.64 4.97
N SER C 199 31.90 -11.65 4.94
CA SER C 199 31.51 -10.31 5.39
C SER C 199 30.44 -9.72 4.47
N LEU C 200 30.54 -9.95 3.16
CA LEU C 200 29.49 -9.52 2.25
C LEU C 200 28.15 -10.11 2.64
N HIS C 201 28.13 -11.42 2.91
CA HIS C 201 26.88 -12.12 3.18
C HIS C 201 26.31 -11.71 4.54
N ALA C 202 27.17 -11.63 5.55
CA ALA C 202 26.71 -11.26 6.89
C ALA C 202 26.20 -9.82 6.90
N LEU C 203 26.92 -8.90 6.26
CA LEU C 203 26.43 -7.52 6.24
C LEU C 203 25.25 -7.35 5.29
N GLY C 204 25.05 -8.29 4.37
CA GLY C 204 23.79 -8.33 3.64
C GLY C 204 22.65 -8.71 4.54
N MET C 205 22.86 -9.70 5.42
CA MET C 205 21.85 -10.04 6.41
C MET C 205 21.51 -8.84 7.28
N VAL C 206 22.53 -8.11 7.72
CA VAL C 206 22.31 -6.91 8.53
C VAL C 206 21.44 -5.90 7.77
N THR C 207 21.91 -5.48 6.59
CA THR C 207 21.28 -4.34 5.93
C THR C 207 19.95 -4.70 5.28
N ASN C 208 19.76 -5.96 4.90
CA ASN C 208 18.50 -6.40 4.34
C ASN C 208 17.51 -6.85 5.42
N GLY C 209 17.85 -6.65 6.69
CA GLY C 209 16.86 -6.74 7.77
C GLY C 209 16.63 -8.12 8.31
N VAL C 210 17.51 -9.09 8.02
CA VAL C 210 17.31 -10.45 8.53
C VAL C 210 17.18 -10.45 10.04
N PHE C 211 18.07 -9.73 10.73
CA PHE C 211 18.03 -9.70 12.19
C PHE C 211 16.89 -8.85 12.75
N ASP C 212 16.26 -8.00 11.92
CA ASP C 212 15.08 -7.29 12.39
C ASP C 212 13.85 -8.17 12.31
N ARG C 213 13.73 -8.99 11.25
CA ARG C 213 12.63 -9.94 11.16
C ARG C 213 12.83 -11.13 12.07
N HIS C 214 14.07 -11.41 12.48
CA HIS C 214 14.41 -12.59 13.27
C HIS C 214 15.37 -12.17 14.38
N PRO C 215 14.89 -11.37 15.35
CA PRO C 215 15.79 -10.79 16.35
C PRO C 215 16.40 -11.81 17.30
N LYS C 216 15.87 -13.03 17.37
CA LYS C 216 16.49 -14.09 18.17
C LYS C 216 17.68 -14.74 17.47
N LEU C 217 17.87 -14.48 16.18
CA LEU C 217 18.83 -15.24 15.38
C LEU C 217 20.27 -14.98 15.80
N GLN C 218 21.03 -16.05 16.03
CA GLN C 218 22.45 -15.95 16.37
C GLN C 218 23.27 -16.42 15.18
N ILE C 219 24.09 -15.53 14.64
CA ILE C 219 24.97 -15.83 13.52
C ILE C 219 26.40 -15.79 14.04
N VAL C 220 27.16 -16.85 13.74
CA VAL C 220 28.54 -16.97 14.22
C VAL C 220 29.48 -16.80 13.04
N LEU C 221 30.49 -15.95 13.20
CA LEU C 221 31.49 -15.71 12.17
C LEU C 221 32.86 -16.17 12.65
N GLY C 222 33.61 -16.82 11.77
CA GLY C 222 34.95 -17.24 12.12
C GLY C 222 35.98 -16.13 11.93
N HIS C 223 37.22 -16.46 12.29
CA HIS C 223 38.37 -15.65 11.87
C HIS C 223 38.25 -14.23 12.41
N LEU C 224 37.78 -14.15 13.67
CA LEU C 224 37.62 -12.90 14.42
C LEU C 224 36.70 -11.90 13.70
N GLY C 225 35.78 -12.40 12.89
CA GLY C 225 34.73 -11.57 12.34
C GLY C 225 34.93 -11.16 10.91
N GLU C 226 35.85 -11.81 10.18
CA GLU C 226 35.94 -11.66 8.73
C GLU C 226 36.08 -10.18 8.33
N HIS C 227 37.06 -9.51 8.94
CA HIS C 227 37.40 -8.10 8.74
C HIS C 227 36.46 -7.12 9.44
N ILE C 228 35.22 -7.51 9.74
CA ILE C 228 34.23 -6.50 10.08
C ILE C 228 34.61 -5.65 11.29
N PRO C 229 35.12 -6.23 12.39
CA PRO C 229 35.40 -5.37 13.55
C PRO C 229 36.41 -4.27 13.27
N PHE C 230 37.33 -4.49 12.32
CA PHE C 230 38.29 -3.46 11.97
C PHE C 230 37.58 -2.18 11.56
N ASP C 231 36.45 -2.31 10.87
CA ASP C 231 35.70 -1.18 10.38
C ASP C 231 34.45 -0.91 11.23
N MET C 232 34.43 -1.36 12.49
CA MET C 232 33.24 -1.09 13.29
C MET C 232 32.94 0.40 13.34
N TRP C 233 33.97 1.23 13.52
CA TRP C 233 33.74 2.67 13.56
C TRP C 233 33.26 3.20 12.22
N ARG C 234 33.88 2.72 11.13
CA ARG C 234 33.62 3.26 9.80
C ARG C 234 32.25 2.82 9.29
N ILE C 235 31.93 1.54 9.45
CA ILE C 235 30.59 1.05 9.11
C ILE C 235 29.54 1.79 9.93
N ASN C 236 29.78 1.93 11.24
CA ASN C 236 28.78 2.57 12.09
C ASN C 236 28.53 4.01 11.64
N HIS C 237 29.61 4.75 11.38
CA HIS C 237 29.49 6.14 10.96
C HIS C 237 28.75 6.22 9.63
N TRP C 238 29.11 5.40 8.65
CA TRP C 238 28.45 5.52 7.36
C TRP C 238 26.99 5.04 7.42
N PHE C 239 26.70 4.00 8.21
CA PHE C 239 25.32 3.55 8.36
C PHE C 239 24.46 4.62 9.05
N GLU C 240 24.92 5.12 10.20
CA GLU C 240 24.05 5.98 11.00
C GLU C 240 23.96 7.38 10.43
N ASP C 241 25.05 7.91 9.89
CA ASP C 241 25.11 9.32 9.55
C ASP C 241 24.79 9.60 8.10
N ILE C 242 24.86 8.60 7.24
CA ILE C 242 24.70 8.82 5.80
C ILE C 242 23.69 7.83 5.21
N LYS C 243 23.95 6.53 5.35
CA LYS C 243 23.13 5.56 4.61
C LYS C 243 21.69 5.52 5.13
N LYS C 244 21.49 5.52 6.44
CA LYS C 244 20.12 5.51 6.94
C LYS C 244 19.35 6.76 6.55
N PRO C 245 19.91 7.97 6.66
CA PRO C 245 19.20 9.14 6.10
C PRO C 245 18.85 9.00 4.63
N LEU C 246 19.68 8.29 3.84
CA LEU C 246 19.39 8.08 2.42
C LEU C 246 18.40 6.94 2.16
N GLY C 247 18.11 6.11 3.16
CA GLY C 247 17.11 5.09 2.97
C GLY C 247 17.38 3.73 3.60
N LEU C 248 18.60 3.48 4.08
CA LEU C 248 18.87 2.21 4.73
C LEU C 248 17.92 2.03 5.92
N SER C 249 17.25 0.87 5.96
CA SER C 249 16.11 0.71 6.85
C SER C 249 16.34 -0.27 8.01
N CYS C 250 17.53 -0.83 8.16
CA CYS C 250 17.74 -1.72 9.30
C CYS C 250 17.60 -0.96 10.62
N LYS C 251 17.06 -1.64 11.62
CA LYS C 251 16.58 -0.92 12.80
C LYS C 251 17.68 -0.64 13.82
N LEU C 252 18.73 -1.46 13.87
CA LEU C 252 19.75 -1.30 14.88
C LEU C 252 21.06 -0.79 14.26
N THR C 253 21.95 -0.33 15.14
CA THR C 253 23.31 0.00 14.70
C THR C 253 24.14 -1.27 14.55
N ILE C 254 25.25 -1.15 13.84
CA ILE C 254 26.12 -2.33 13.68
C ILE C 254 26.60 -2.83 15.03
N ARG C 255 26.87 -1.91 15.97
CA ARG C 255 27.31 -2.31 17.31
C ARG C 255 26.19 -3.05 18.02
N GLU C 256 24.94 -2.62 17.82
CA GLU C 256 23.82 -3.32 18.45
C GLU C 256 23.63 -4.72 17.89
N TYR C 257 23.83 -4.91 16.58
CA TYR C 257 23.75 -6.28 16.04
C TYR C 257 24.87 -7.15 16.57
N PHE C 258 26.05 -6.59 16.79
CA PHE C 258 27.16 -7.36 17.36
C PHE C 258 26.95 -7.68 18.83
N ALA C 259 26.05 -6.99 19.51
CA ALA C 259 25.76 -7.34 20.88
C ALA C 259 24.59 -8.32 20.99
N ARG C 260 23.68 -8.29 20.04
CA ARG C 260 22.45 -9.06 20.14
C ARG C 260 22.45 -10.30 19.25
N ASN C 261 23.10 -10.25 18.08
CA ASN C 261 22.90 -11.28 17.09
C ASN C 261 24.18 -11.96 16.59
N LEU C 262 25.34 -11.33 16.73
CA LEU C 262 26.55 -11.83 16.10
C LEU C 262 27.56 -12.34 17.14
N TRP C 263 28.34 -13.33 16.72
CA TRP C 263 29.46 -13.86 17.49
C TRP C 263 30.66 -13.96 16.56
N ILE C 264 31.85 -13.87 17.14
CA ILE C 264 33.07 -14.10 16.37
C ILE C 264 33.89 -15.17 17.09
N THR C 265 34.58 -15.98 16.30
CA THR C 265 35.48 -16.97 16.87
C THR C 265 36.93 -16.66 16.52
N THR C 266 37.84 -17.31 17.22
CA THR C 266 39.27 -17.14 16.98
C THR C 266 39.83 -18.11 15.94
N SER C 267 38.97 -18.78 15.17
CA SER C 267 39.45 -19.76 14.18
C SER C 267 40.48 -19.14 13.25
N GLY C 268 41.58 -19.86 13.06
CA GLY C 268 42.63 -19.44 12.15
C GLY C 268 43.16 -18.04 12.37
N HIS C 269 43.02 -17.49 13.56
CA HIS C 269 43.41 -16.10 13.77
C HIS C 269 43.96 -15.97 15.19
N PHE C 270 45.14 -16.54 15.37
CA PHE C 270 45.74 -16.70 16.70
C PHE C 270 46.57 -15.46 17.02
N SER C 271 45.88 -14.33 16.98
CA SER C 271 46.49 -13.01 17.03
C SER C 271 46.12 -12.36 18.35
N THR C 272 47.08 -12.31 19.28
CA THR C 272 46.89 -11.55 20.50
C THR C 272 46.57 -10.09 20.20
N SER C 273 47.17 -9.54 19.14
CA SER C 273 46.91 -8.15 18.76
C SER C 273 45.47 -7.94 18.32
N THR C 274 44.99 -8.78 17.41
CA THR C 274 43.63 -8.59 16.91
C THR C 274 42.61 -8.95 17.99
N LEU C 275 42.91 -9.97 18.81
CA LEU C 275 42.01 -10.34 19.90
C LEU C 275 41.85 -9.19 20.88
N GLN C 276 42.96 -8.54 21.24
CA GLN C 276 42.90 -7.39 22.14
C GLN C 276 42.04 -6.28 21.55
N PHE C 277 42.26 -5.95 20.27
CA PHE C 277 41.43 -4.96 19.60
C PHE C 277 39.96 -5.35 19.68
N CYS C 278 39.67 -6.64 19.48
CA CYS C 278 38.29 -7.13 19.53
C CYS C 278 37.70 -7.10 20.94
N LEU C 279 38.53 -7.20 21.98
CA LEU C 279 38.03 -7.02 23.34
C LEU C 279 37.34 -5.67 23.51
N GLY C 280 37.89 -4.62 22.90
CA GLY C 280 37.23 -3.32 22.95
C GLY C 280 36.05 -3.22 22.00
N GLU C 281 36.26 -3.59 20.74
CA GLU C 281 35.23 -3.31 19.73
C GLU C 281 34.05 -4.26 19.81
N VAL C 282 34.27 -5.50 20.21
CA VAL C 282 33.26 -6.53 20.21
C VAL C 282 32.88 -6.93 21.64
N GLY C 283 33.89 -7.20 22.46
CA GLY C 283 33.65 -7.55 23.85
C GLY C 283 33.80 -9.03 24.10
N ALA C 284 34.40 -9.39 25.24
CA ALA C 284 34.72 -10.78 25.51
C ALA C 284 33.49 -11.68 25.55
N ASP C 285 32.31 -11.12 25.85
CA ASP C 285 31.10 -11.94 25.94
C ASP C 285 30.64 -12.50 24.59
N ARG C 286 31.13 -11.97 23.46
CA ARG C 286 30.68 -12.44 22.16
C ARG C 286 31.83 -13.02 21.34
N ILE C 287 32.93 -13.39 21.98
CA ILE C 287 34.07 -14.02 21.30
C ILE C 287 34.20 -15.45 21.78
N LEU C 288 34.40 -16.37 20.84
CA LEU C 288 34.50 -17.81 21.10
C LEU C 288 35.85 -18.33 20.60
N PHE C 289 36.54 -19.11 21.43
CA PHE C 289 37.69 -19.84 20.92
C PHE C 289 37.23 -20.81 19.83
N SER C 290 38.07 -21.01 18.81
CA SER C 290 37.92 -22.08 17.83
C SER C 290 39.27 -22.24 17.14
N ILE C 291 39.41 -23.33 16.38
CA ILE C 291 40.71 -23.75 15.85
C ILE C 291 40.77 -23.63 14.32
N ASP C 292 39.74 -24.11 13.62
CA ASP C 292 39.74 -24.37 12.17
C ASP C 292 40.60 -25.58 11.83
N TYR C 293 40.47 -26.62 12.63
CA TYR C 293 41.12 -27.90 12.32
C TYR C 293 40.39 -28.56 11.16
N PRO C 294 41.11 -29.25 10.25
CA PRO C 294 42.56 -29.48 10.27
C PRO C 294 43.36 -28.55 9.37
N PHE C 295 42.69 -27.53 8.82
CA PHE C 295 43.43 -26.52 8.06
C PHE C 295 44.45 -25.83 8.96
N GLU C 296 44.10 -25.62 10.22
CA GLU C 296 45.02 -25.27 11.28
C GLU C 296 45.22 -26.49 12.16
N ASN C 297 46.35 -26.55 12.86
CA ASN C 297 46.60 -27.64 13.79
C ASN C 297 46.32 -27.21 15.24
N PHE C 298 45.99 -28.22 16.07
CA PHE C 298 45.67 -27.96 17.47
C PHE C 298 46.79 -27.23 18.19
N SER C 299 48.05 -27.61 17.91
CA SER C 299 49.16 -27.05 18.69
C SER C 299 49.29 -25.55 18.48
N ASP C 300 49.12 -25.08 17.25
CA ASP C 300 49.17 -23.64 17.00
C ASP C 300 48.08 -22.93 17.79
N ALA C 301 46.83 -23.40 17.67
CA ALA C 301 45.70 -22.71 18.30
C ALA C 301 45.78 -22.76 19.82
N CYS C 302 46.11 -23.93 20.37
CA CYS C 302 45.99 -24.12 21.81
C CYS C 302 47.22 -23.60 22.55
N THR C 303 48.42 -23.69 21.96
CA THR C 303 49.58 -23.05 22.56
C THR C 303 49.37 -21.54 22.65
N TRP C 304 48.82 -20.95 21.59
CA TRP C 304 48.52 -19.53 21.62
C TRP C 304 47.50 -19.21 22.71
N TYR C 305 46.36 -19.91 22.70
CA TYR C 305 45.30 -19.53 23.62
C TYR C 305 45.71 -19.78 25.06
N ASP C 306 46.33 -20.93 25.33
CA ASP C 306 46.73 -21.26 26.69
C ASP C 306 47.73 -20.24 27.25
N GLY C 307 48.56 -19.67 26.38
CA GLY C 307 49.52 -18.68 26.82
C GLY C 307 49.03 -17.24 26.89
N LEU C 308 47.77 -16.97 26.54
CA LEU C 308 47.28 -15.60 26.53
C LEU C 308 47.36 -14.96 27.90
N ALA C 309 48.04 -13.82 27.98
CA ALA C 309 48.26 -13.11 29.24
C ALA C 309 47.21 -12.02 29.41
N ILE C 310 45.97 -12.45 29.57
CA ILE C 310 44.83 -11.56 29.77
C ILE C 310 44.11 -11.98 31.04
N ASN C 311 43.12 -11.18 31.44
CA ASN C 311 42.47 -11.39 32.73
C ASN C 311 41.75 -12.74 32.76
N ASP C 312 41.67 -13.29 33.98
CA ASP C 312 41.22 -14.67 34.17
C ASP C 312 39.78 -14.88 33.71
N VAL C 313 38.90 -13.91 33.99
CA VAL C 313 37.47 -14.12 33.73
C VAL C 313 37.18 -14.11 32.23
N ASP C 314 37.79 -13.19 31.49
CA ASP C 314 37.56 -13.15 30.04
C ASP C 314 38.18 -14.35 29.36
N LYS C 315 39.36 -14.78 29.83
CA LYS C 315 40.00 -15.94 29.23
C LYS C 315 39.12 -17.17 29.34
N ARG C 316 38.44 -17.33 30.48
CA ARG C 316 37.55 -18.46 30.67
C ARG C 316 36.28 -18.33 29.85
N LYS C 317 35.73 -17.12 29.76
CA LYS C 317 34.59 -16.89 28.88
C LYS C 317 34.91 -17.30 27.44
N ILE C 318 36.01 -16.77 26.90
CA ILE C 318 36.31 -17.00 25.50
C ILE C 318 36.72 -18.46 25.27
N GLY C 319 37.44 -19.04 26.23
CA GLY C 319 37.95 -20.39 26.05
C GLY C 319 36.87 -21.46 26.08
N LYS C 320 35.81 -21.25 26.88
CA LYS C 320 34.82 -22.32 27.02
C LYS C 320 33.46 -21.88 27.53
N ASP C 321 33.41 -20.92 28.47
CA ASP C 321 32.14 -20.64 29.14
C ASP C 321 31.13 -19.96 28.22
N ASN C 322 31.59 -19.07 27.34
CA ASN C 322 30.67 -18.49 26.37
C ASN C 322 30.01 -19.57 25.52
N ALA C 323 30.81 -20.54 25.04
CA ALA C 323 30.24 -21.57 24.18
C ALA C 323 29.40 -22.56 24.96
N LYS C 324 29.78 -22.84 26.21
CA LYS C 324 28.96 -23.73 27.05
C LYS C 324 27.54 -23.20 27.18
N LYS C 325 27.38 -21.91 27.45
CA LYS C 325 26.05 -21.32 27.58
C LYS C 325 25.36 -21.16 26.22
N LEU C 326 26.08 -20.73 25.18
CA LEU C 326 25.44 -20.47 23.89
C LEU C 326 24.88 -21.75 23.28
N PHE C 327 25.65 -22.83 23.33
CA PHE C 327 25.23 -24.08 22.72
C PHE C 327 24.63 -25.05 23.73
N LYS C 328 24.52 -24.64 25.01
CA LYS C 328 23.86 -25.43 26.05
C LYS C 328 24.46 -26.83 26.12
N LEU C 329 25.74 -26.88 26.46
CA LEU C 329 26.50 -28.13 26.44
C LEU C 329 26.29 -28.95 27.71
N MET D 2 -19.65 40.06 -14.46
CA MET D 2 -19.90 40.52 -15.85
C MET D 2 -21.40 40.40 -16.15
N LEU D 3 -21.96 41.40 -16.83
CA LEU D 3 -23.38 41.42 -17.16
C LEU D 3 -23.60 40.92 -18.58
N GLY D 4 -24.84 40.48 -18.84
CA GLY D 4 -25.22 40.04 -20.16
C GLY D 4 -24.67 38.69 -20.58
N LYS D 5 -24.34 37.85 -19.62
CA LYS D 5 -23.80 36.52 -19.94
C LYS D 5 -24.85 35.70 -20.67
N VAL D 6 -24.38 34.78 -21.51
CA VAL D 6 -25.24 33.85 -22.25
C VAL D 6 -24.94 32.45 -21.75
N ALA D 7 -25.99 31.69 -21.45
CA ALA D 7 -25.83 30.27 -21.08
C ALA D 7 -26.75 29.44 -21.97
N LEU D 8 -26.36 28.17 -22.20
CA LEU D 8 -27.08 27.39 -23.21
C LEU D 8 -27.04 25.89 -22.98
N GLU D 9 -26.84 25.43 -21.74
CA GLU D 9 -27.09 24.03 -21.40
C GLU D 9 -28.08 24.01 -20.25
N GLU D 10 -29.21 24.66 -20.48
CA GLU D 10 -30.16 25.00 -19.42
C GLU D 10 -31.47 24.30 -19.70
N ALA D 11 -31.92 23.47 -18.76
CA ALA D 11 -32.91 22.46 -19.03
C ALA D 11 -34.29 22.82 -18.49
N PHE D 12 -35.31 22.27 -19.13
CA PHE D 12 -36.69 22.29 -18.63
C PHE D 12 -37.30 20.91 -18.80
N ALA D 13 -38.39 20.67 -18.07
CA ALA D 13 -39.19 19.47 -18.20
C ALA D 13 -40.63 19.85 -18.49
N LEU D 14 -41.42 18.88 -18.98
CA LEU D 14 -42.86 19.09 -19.12
C LEU D 14 -43.53 18.96 -17.76
N PRO D 15 -44.35 19.93 -17.37
CA PRO D 15 -44.95 19.87 -16.01
C PRO D 15 -45.81 18.65 -15.75
N ARG D 16 -46.33 17.98 -16.78
CA ARG D 16 -47.17 16.80 -16.55
C ARG D 16 -46.38 15.57 -16.14
N HIS D 17 -45.05 15.59 -16.27
CA HIS D 17 -44.23 14.40 -16.01
C HIS D 17 -43.80 14.39 -14.54
N LYS D 18 -44.78 14.11 -13.67
CA LYS D 18 -44.57 14.19 -12.23
C LYS D 18 -43.54 13.17 -11.74
N GLU D 19 -43.61 11.94 -12.24
CA GLU D 19 -42.76 10.87 -11.73
C GLU D 19 -41.42 10.79 -12.44
N ARG D 20 -41.42 10.92 -13.77
CA ARG D 20 -40.15 10.90 -14.49
C ARG D 20 -39.23 12.02 -14.04
N THR D 21 -39.79 13.14 -13.58
CA THR D 21 -38.98 14.18 -12.95
C THR D 21 -38.53 13.75 -11.56
N ARG D 22 -39.39 13.07 -10.81
CA ARG D 22 -39.01 12.57 -9.49
C ARG D 22 -37.86 11.58 -9.57
N TRP D 23 -37.90 10.69 -10.57
CA TRP D 23 -36.85 9.68 -10.72
C TRP D 23 -35.51 10.35 -11.02
N TRP D 24 -35.45 11.16 -12.08
CA TRP D 24 -34.21 11.83 -12.44
C TRP D 24 -33.66 12.66 -11.29
N ALA D 25 -34.53 13.27 -10.49
CA ALA D 25 -34.07 14.08 -9.37
C ALA D 25 -33.52 13.22 -8.24
N GLY D 26 -34.05 12.01 -8.06
CA GLY D 26 -33.56 11.11 -7.03
C GLY D 26 -32.13 10.66 -7.25
N LEU D 27 -31.61 10.81 -8.46
CA LEU D 27 -30.22 10.46 -8.72
C LEU D 27 -29.30 11.67 -8.66
N PHE D 28 -29.78 12.86 -9.06
CA PHE D 28 -28.89 13.99 -9.29
C PHE D 28 -29.24 15.22 -8.47
N ALA D 29 -30.15 15.14 -7.50
CA ALA D 29 -30.57 16.32 -6.76
C ALA D 29 -30.79 15.99 -5.29
N ILE D 30 -30.32 16.87 -4.41
CA ILE D 30 -30.50 16.66 -2.97
C ILE D 30 -31.84 17.18 -2.48
N ASP D 31 -32.47 18.11 -3.20
CA ASP D 31 -33.79 18.64 -2.86
C ASP D 31 -34.71 18.37 -4.03
N PRO D 32 -35.35 17.20 -4.08
CA PRO D 32 -36.19 16.88 -5.25
C PRO D 32 -37.34 17.83 -5.45
N ASP D 33 -37.82 18.48 -4.38
CA ASP D 33 -38.91 19.44 -4.51
C ASP D 33 -38.43 20.70 -5.23
N LYS D 34 -37.35 21.31 -4.74
CA LYS D 34 -36.82 22.50 -5.38
C LYS D 34 -36.40 22.22 -6.82
N HIS D 35 -35.83 21.02 -7.07
CA HIS D 35 -35.43 20.67 -8.43
C HIS D 35 -36.62 20.63 -9.38
N ALA D 36 -37.66 19.90 -8.98
CA ALA D 36 -38.87 19.78 -9.81
C ALA D 36 -39.45 21.18 -10.07
N ALA D 37 -39.57 21.98 -9.01
CA ALA D 37 -40.15 23.34 -9.15
C ALA D 37 -39.33 24.17 -10.13
N GLU D 38 -38.00 24.13 -10.03
CA GLU D 38 -37.12 24.97 -10.87
C GLU D 38 -37.04 24.44 -12.31
N ILE D 39 -37.03 23.12 -12.51
CA ILE D 39 -36.92 22.57 -13.89
C ILE D 39 -38.24 22.78 -14.65
N ASN D 40 -39.36 22.88 -13.94
CA ASN D 40 -40.68 23.09 -14.59
C ASN D 40 -40.87 24.56 -14.95
N ASP D 41 -40.33 25.47 -14.13
CA ASP D 41 -40.46 26.95 -14.31
C ASP D 41 -39.73 27.41 -15.57
N ILE D 42 -40.33 28.36 -16.30
CA ILE D 42 -39.72 28.90 -17.55
C ILE D 42 -39.54 30.42 -17.44
N THR D 43 -40.50 31.12 -16.82
CA THR D 43 -40.48 32.58 -16.87
C THR D 43 -40.34 33.26 -15.51
N GLU D 44 -40.42 32.53 -14.41
CA GLU D 44 -40.44 33.19 -13.10
C GLU D 44 -39.10 33.11 -12.38
N GLN D 45 -38.90 32.06 -11.57
CA GLN D 45 -37.66 31.92 -10.81
C GLN D 45 -36.45 31.89 -11.73
N ARG D 46 -36.62 31.37 -12.94
CA ARG D 46 -35.51 31.28 -13.89
C ARG D 46 -35.04 32.65 -14.35
N ILE D 47 -35.98 33.57 -14.57
CA ILE D 47 -35.59 34.93 -14.95
C ILE D 47 -35.13 35.72 -13.74
N LYS D 48 -35.67 35.40 -12.56
CA LYS D 48 -35.20 36.00 -11.31
C LYS D 48 -33.72 35.69 -11.07
N TYR D 49 -33.33 34.42 -11.26
CA TYR D 49 -31.93 34.03 -11.14
C TYR D 49 -31.08 34.74 -12.18
N MET D 50 -31.54 34.77 -13.43
CA MET D 50 -30.85 35.47 -14.50
C MET D 50 -30.62 36.94 -14.14
N ASN D 51 -31.61 37.56 -13.48
CA ASN D 51 -31.47 38.97 -13.11
C ASN D 51 -30.49 39.16 -11.96
N GLU D 52 -30.46 38.21 -11.02
CA GLU D 52 -29.59 38.39 -9.86
C GLU D 52 -28.13 38.10 -10.18
N HIS D 53 -27.86 37.37 -11.26
CA HIS D 53 -26.51 36.83 -11.49
C HIS D 53 -25.93 37.27 -12.83
N GLY D 54 -26.47 38.32 -13.45
CA GLY D 54 -25.87 38.88 -14.64
C GLY D 54 -25.94 38.01 -15.88
N VAL D 55 -26.98 37.19 -16.02
CA VAL D 55 -27.18 36.38 -17.22
C VAL D 55 -28.22 37.08 -18.08
N GLY D 56 -27.81 37.56 -19.26
CA GLY D 56 -28.72 38.30 -20.11
C GLY D 56 -29.66 37.43 -20.91
N TYR D 57 -29.25 36.20 -21.21
CA TYR D 57 -29.97 35.37 -22.16
C TYR D 57 -29.61 33.92 -21.91
N THR D 58 -30.61 33.04 -21.94
CA THR D 58 -30.34 31.60 -21.89
C THR D 58 -31.11 30.89 -23.00
N ILE D 59 -30.47 29.92 -23.62
CA ILE D 59 -31.09 29.06 -24.62
C ILE D 59 -31.51 27.77 -23.92
N LEU D 60 -32.81 27.50 -23.91
CA LEU D 60 -33.36 26.41 -23.11
C LEU D 60 -33.45 25.13 -23.93
N SER D 61 -33.36 24.00 -23.24
CA SER D 61 -33.30 22.70 -23.86
C SER D 61 -34.05 21.69 -23.02
N TYR D 62 -34.50 20.61 -23.66
CA TYR D 62 -35.29 19.60 -22.97
C TYR D 62 -34.41 18.67 -22.13
N THR D 63 -34.88 18.38 -20.92
CA THR D 63 -34.14 17.58 -19.95
C THR D 63 -33.68 16.25 -20.53
N ALA D 64 -32.58 15.74 -19.97
CA ALA D 64 -32.13 14.39 -20.26
C ALA D 64 -32.84 13.39 -19.35
N PRO D 65 -33.02 12.13 -19.81
CA PRO D 65 -32.67 11.64 -21.15
C PRO D 65 -33.63 12.12 -22.24
N GLY D 66 -34.81 12.56 -21.83
CA GLY D 66 -35.73 13.17 -22.76
C GLY D 66 -36.23 12.21 -23.83
N VAL D 67 -36.33 12.71 -25.06
CA VAL D 67 -36.83 11.93 -26.18
C VAL D 67 -35.88 10.79 -26.51
N GLN D 68 -34.58 10.93 -26.20
CA GLN D 68 -33.66 9.85 -26.49
C GLN D 68 -33.90 8.62 -25.63
N ASP D 69 -34.74 8.73 -24.59
CA ASP D 69 -35.11 7.57 -23.78
C ASP D 69 -36.25 6.77 -24.37
N VAL D 70 -36.88 7.24 -25.45
CA VAL D 70 -38.12 6.65 -25.97
C VAL D 70 -37.77 5.83 -27.21
N TRP D 71 -37.86 4.51 -27.10
CA TRP D 71 -37.48 3.62 -28.20
C TRP D 71 -38.60 3.37 -29.20
N ASP D 72 -39.85 3.72 -28.87
CA ASP D 72 -40.95 3.63 -29.82
C ASP D 72 -40.94 4.87 -30.70
N PRO D 73 -40.67 4.73 -31.99
CA PRO D 73 -40.46 5.93 -32.84
C PRO D 73 -41.62 6.90 -32.83
N LYS D 74 -42.85 6.41 -32.83
CA LYS D 74 -43.99 7.33 -32.94
C LYS D 74 -44.23 8.05 -31.63
N GLU D 75 -44.08 7.35 -30.50
CA GLU D 75 -44.14 8.02 -29.21
C GLU D 75 -42.98 9.01 -29.05
N ALA D 76 -41.81 8.67 -29.59
CA ALA D 76 -40.66 9.57 -29.50
C ALA D 76 -40.88 10.82 -30.35
N GLN D 77 -41.28 10.64 -31.62
CA GLN D 77 -41.54 11.78 -32.48
C GLN D 77 -42.64 12.67 -31.90
N ALA D 78 -43.70 12.06 -31.36
CA ALA D 78 -44.77 12.86 -30.77
C ALA D 78 -44.28 13.69 -29.60
N LEU D 79 -43.38 13.14 -28.79
CA LEU D 79 -42.86 13.90 -27.64
C LEU D 79 -42.02 15.08 -28.12
N ALA D 80 -41.18 14.88 -29.13
CA ALA D 80 -40.37 15.98 -29.65
C ALA D 80 -41.25 17.10 -30.20
N VAL D 81 -42.34 16.74 -30.89
CA VAL D 81 -43.28 17.75 -31.36
C VAL D 81 -43.97 18.43 -30.19
N GLU D 82 -44.44 17.64 -29.22
CA GLU D 82 -45.09 18.23 -28.05
C GLU D 82 -44.16 19.16 -27.30
N VAL D 83 -42.90 18.74 -27.09
CA VAL D 83 -41.97 19.57 -26.35
C VAL D 83 -41.68 20.86 -27.12
N ASN D 84 -41.44 20.74 -28.43
CA ASN D 84 -41.06 21.91 -29.21
C ASN D 84 -42.17 22.96 -29.24
N ASP D 85 -43.43 22.52 -29.38
CA ASP D 85 -44.52 23.48 -29.34
C ASP D 85 -44.69 24.07 -27.95
N TYR D 86 -44.51 23.24 -26.92
CA TYR D 86 -44.69 23.71 -25.54
C TYR D 86 -43.72 24.83 -25.20
N ILE D 87 -42.43 24.64 -25.48
CA ILE D 87 -41.44 25.62 -25.02
C ILE D 87 -41.51 26.89 -25.87
N ALA D 88 -41.72 26.75 -27.17
CA ALA D 88 -41.84 27.93 -28.02
C ALA D 88 -42.96 28.83 -27.54
N ASP D 89 -44.06 28.23 -27.09
CA ASP D 89 -45.16 29.00 -26.51
C ASP D 89 -44.77 29.59 -25.16
N ALA D 90 -44.11 28.80 -24.31
CA ALA D 90 -43.83 29.24 -22.95
C ALA D 90 -42.85 30.41 -22.88
N ILE D 91 -42.03 30.61 -23.92
CA ILE D 91 -40.99 31.63 -23.91
C ILE D 91 -41.32 32.83 -24.77
N LYS D 92 -42.54 32.88 -25.34
CA LYS D 92 -42.81 33.87 -26.38
C LYS D 92 -42.86 35.30 -25.83
N ALA D 93 -43.18 35.49 -24.57
CA ALA D 93 -43.24 36.83 -23.98
C ALA D 93 -41.91 37.28 -23.40
N HIS D 94 -40.82 36.58 -23.72
CA HIS D 94 -39.50 36.98 -23.23
C HIS D 94 -38.45 36.84 -24.32
N PRO D 95 -38.64 37.44 -25.50
CA PRO D 95 -37.70 37.19 -26.60
C PRO D 95 -36.33 37.82 -26.37
N ASP D 96 -36.22 38.80 -25.47
CA ASP D 96 -34.94 39.40 -25.12
C ASP D 96 -34.18 38.60 -24.07
N ARG D 97 -34.80 37.60 -23.46
CA ARG D 97 -34.15 36.81 -22.42
C ARG D 97 -34.04 35.32 -22.73
N LEU D 98 -34.96 34.76 -23.52
CA LEU D 98 -35.02 33.31 -23.67
C LEU D 98 -35.08 32.90 -25.13
N GLY D 99 -34.28 31.88 -25.46
CA GLY D 99 -34.40 31.16 -26.72
C GLY D 99 -34.54 29.68 -26.44
N ALA D 100 -34.52 28.89 -27.51
CA ALA D 100 -34.69 27.46 -27.34
C ALA D 100 -33.92 26.69 -28.40
N PHE D 101 -33.48 25.50 -28.00
CA PHE D 101 -32.95 24.50 -28.91
C PHE D 101 -34.05 23.53 -29.30
N ALA D 102 -33.95 23.00 -30.52
CA ALA D 102 -34.89 21.98 -30.95
C ALA D 102 -34.72 20.71 -30.13
N THR D 103 -35.84 20.06 -29.85
CA THR D 103 -35.86 18.69 -29.34
C THR D 103 -36.26 17.77 -30.50
N LEU D 104 -35.57 16.64 -30.60
CA LEU D 104 -35.68 15.81 -31.79
C LEU D 104 -35.81 14.34 -31.41
N SER D 105 -36.67 13.63 -32.12
CA SER D 105 -36.55 12.18 -32.18
C SER D 105 -35.51 11.84 -33.23
N MET D 106 -34.52 11.03 -32.85
CA MET D 106 -33.42 10.69 -33.75
C MET D 106 -33.50 9.24 -34.21
N HIS D 107 -34.73 8.71 -34.32
CA HIS D 107 -34.94 7.38 -34.89
C HIS D 107 -34.68 7.37 -36.39
N ASP D 108 -34.99 8.46 -37.09
CA ASP D 108 -34.89 8.51 -38.54
C ASP D 108 -34.25 9.82 -38.97
N PRO D 109 -33.15 9.77 -39.75
CA PRO D 109 -32.52 11.01 -40.22
C PRO D 109 -33.45 11.99 -40.92
N LYS D 110 -34.32 11.49 -41.80
CA LYS D 110 -35.21 12.38 -42.54
C LYS D 110 -36.28 12.97 -41.65
N GLU D 111 -36.88 12.15 -40.78
CA GLU D 111 -37.85 12.64 -39.82
C GLU D 111 -37.24 13.72 -38.92
N ALA D 112 -36.11 13.41 -38.28
CA ALA D 112 -35.46 14.39 -37.43
C ALA D 112 -35.16 15.67 -38.18
N ALA D 113 -34.67 15.55 -39.42
CA ALA D 113 -34.36 16.74 -40.21
C ALA D 113 -35.59 17.61 -40.41
N GLU D 114 -36.72 16.99 -40.74
CA GLU D 114 -37.93 17.78 -41.00
C GLU D 114 -38.40 18.50 -39.75
N GLU D 115 -38.32 17.85 -38.59
CA GLU D 115 -38.76 18.49 -37.36
C GLU D 115 -37.80 19.61 -36.95
N LEU D 116 -36.50 19.42 -37.16
CA LEU D 116 -35.56 20.51 -36.89
C LEU D 116 -35.85 21.70 -37.79
N ARG D 117 -36.12 21.46 -39.08
CA ARG D 117 -36.46 22.56 -39.97
C ARG D 117 -37.79 23.20 -39.59
N ARG D 118 -38.73 22.41 -39.07
CA ARG D 118 -40.04 22.98 -38.70
C ARG D 118 -39.91 23.98 -37.57
N VAL D 119 -39.18 23.61 -36.52
CA VAL D 119 -39.14 24.46 -35.33
C VAL D 119 -38.12 25.58 -35.44
N VAL D 120 -37.06 25.40 -36.22
CA VAL D 120 -36.19 26.51 -36.54
C VAL D 120 -36.95 27.55 -37.38
N THR D 121 -37.74 27.09 -38.35
CA THR D 121 -38.44 28.03 -39.20
C THR D 121 -39.61 28.69 -38.49
N LYS D 122 -40.38 27.90 -37.73
CA LYS D 122 -41.61 28.43 -37.16
C LYS D 122 -41.36 29.20 -35.86
N TYR D 123 -40.37 28.80 -35.07
CA TYR D 123 -40.16 29.40 -33.77
C TYR D 123 -38.82 30.11 -33.62
N GLY D 124 -37.94 30.04 -34.61
CA GLY D 124 -36.64 30.65 -34.47
C GLY D 124 -35.76 30.02 -33.41
N PHE D 125 -35.86 28.70 -33.26
CA PHE D 125 -34.92 28.00 -32.38
C PHE D 125 -33.51 28.17 -32.91
N LYS D 126 -32.54 28.14 -31.99
CA LYS D 126 -31.15 28.49 -32.31
C LYS D 126 -30.29 27.29 -32.66
N GLY D 127 -30.86 26.10 -32.62
CA GLY D 127 -30.12 24.89 -32.94
C GLY D 127 -30.89 23.69 -32.44
N ALA D 128 -30.17 22.59 -32.25
CA ALA D 128 -30.74 21.38 -31.66
C ALA D 128 -29.90 20.95 -30.47
N LEU D 129 -30.54 20.32 -29.50
CA LEU D 129 -29.84 19.65 -28.40
C LEU D 129 -30.38 18.24 -28.28
N VAL D 130 -29.49 17.25 -28.34
CA VAL D 130 -29.84 15.84 -28.35
C VAL D 130 -29.04 15.15 -27.25
N ASN D 131 -29.69 14.30 -26.47
CA ASN D 131 -29.05 13.62 -25.35
C ASN D 131 -28.41 12.31 -25.83
N ASP D 132 -27.34 12.47 -26.60
CA ASP D 132 -26.47 11.37 -27.04
C ASP D 132 -27.26 10.41 -27.91
N THR D 133 -27.19 9.10 -27.69
CA THR D 133 -27.76 8.16 -28.63
C THR D 133 -29.26 7.96 -28.39
N GLN D 134 -29.95 7.59 -29.46
CA GLN D 134 -31.36 7.29 -29.42
C GLN D 134 -31.57 5.84 -29.04
N ARG D 135 -32.30 5.60 -27.95
CA ARG D 135 -32.70 4.24 -27.64
C ARG D 135 -33.59 3.71 -28.75
N ALA D 136 -33.48 2.43 -29.03
CA ALA D 136 -34.22 1.83 -30.12
C ALA D 136 -34.31 0.34 -29.92
N GLY D 137 -35.09 -0.31 -30.79
CA GLY D 137 -35.34 -1.74 -30.68
C GLY D 137 -36.35 -2.05 -29.60
N ALA D 138 -36.68 -3.33 -29.51
CA ALA D 138 -37.53 -3.80 -28.42
C ALA D 138 -36.82 -3.61 -27.09
N ASP D 139 -37.57 -3.18 -26.07
CA ASP D 139 -37.06 -2.90 -24.73
C ASP D 139 -36.09 -1.71 -24.71
N GLY D 140 -35.73 -1.19 -25.88
CA GLY D 140 -34.87 -0.03 -25.96
C GLY D 140 -33.42 -0.26 -25.62
N ASP D 141 -32.92 -1.48 -25.84
CA ASP D 141 -31.53 -1.79 -25.53
C ASP D 141 -30.57 -1.43 -26.64
N ASP D 142 -31.06 -1.09 -27.83
CA ASP D 142 -30.18 -0.69 -28.91
C ASP D 142 -29.88 0.80 -28.81
N MET D 143 -28.88 1.24 -29.58
CA MET D 143 -28.46 2.65 -29.57
C MET D 143 -28.25 3.12 -30.99
N ILE D 144 -28.81 4.27 -31.32
CA ILE D 144 -28.58 4.91 -32.61
C ILE D 144 -27.52 5.99 -32.44
N PHE D 145 -26.39 5.81 -33.11
CA PHE D 145 -25.37 6.85 -33.26
C PHE D 145 -25.59 7.57 -34.59
N TYR D 146 -25.06 8.79 -34.69
CA TYR D 146 -25.31 9.65 -35.85
C TYR D 146 -24.06 9.88 -36.69
N ASP D 147 -23.08 8.98 -36.62
CA ASP D 147 -21.85 9.18 -37.39
C ASP D 147 -21.80 8.37 -38.67
N GLY D 148 -22.85 7.60 -38.98
CA GLY D 148 -22.91 6.85 -40.21
C GLY D 148 -23.36 7.69 -41.40
N PRO D 149 -23.06 7.21 -42.61
CA PRO D 149 -23.40 7.99 -43.82
C PRO D 149 -24.89 8.22 -43.98
N GLU D 150 -25.74 7.39 -43.39
CA GLU D 150 -27.18 7.59 -43.52
C GLU D 150 -27.65 8.84 -42.83
N TRP D 151 -26.82 9.43 -41.97
CA TRP D 151 -27.19 10.69 -41.32
C TRP D 151 -26.75 11.90 -42.12
N ASP D 152 -26.19 11.68 -43.32
CA ASP D 152 -25.75 12.79 -44.14
C ASP D 152 -26.88 13.74 -44.47
N VAL D 153 -28.09 13.21 -44.70
CA VAL D 153 -29.20 14.09 -45.05
C VAL D 153 -29.59 14.96 -43.85
N PHE D 154 -29.37 14.47 -42.62
CA PHE D 154 -29.67 15.28 -41.44
C PHE D 154 -28.61 16.36 -41.23
N TRP D 155 -27.33 15.99 -41.28
CA TRP D 155 -26.28 16.99 -41.12
C TRP D 155 -26.29 18.02 -42.24
N SER D 156 -26.73 17.61 -43.44
CA SER D 156 -26.89 18.56 -44.53
C SER D 156 -27.98 19.57 -44.23
N THR D 157 -29.03 19.15 -43.52
CA THR D 157 -30.06 20.09 -43.07
C THR D 157 -29.50 21.05 -42.04
N VAL D 158 -28.72 20.52 -41.09
CA VAL D 158 -28.16 21.35 -40.03
C VAL D 158 -27.25 22.43 -40.60
N THR D 159 -26.43 22.08 -41.59
CA THR D 159 -25.55 23.08 -42.18
C THR D 159 -26.29 24.03 -43.10
N ASP D 160 -27.38 23.56 -43.73
CA ASP D 160 -28.21 24.47 -44.52
C ASP D 160 -28.85 25.53 -43.63
N LEU D 161 -29.49 25.10 -42.55
CA LEU D 161 -30.01 26.02 -41.54
C LEU D 161 -28.90 26.81 -40.84
N ASP D 162 -27.66 26.29 -40.87
CA ASP D 162 -26.51 26.95 -40.26
C ASP D 162 -26.74 27.23 -38.76
N VAL D 163 -27.21 26.22 -38.05
CA VAL D 163 -27.40 26.30 -36.60
C VAL D 163 -26.59 25.17 -35.95
N PRO D 164 -26.14 25.34 -34.72
CA PRO D 164 -25.34 24.29 -34.07
C PRO D 164 -26.18 23.14 -33.52
N PHE D 165 -25.47 22.05 -33.25
CA PHE D 165 -26.04 20.83 -32.68
C PHE D 165 -25.27 20.55 -31.39
N TYR D 166 -25.98 20.59 -30.27
CA TYR D 166 -25.38 20.40 -28.94
C TYR D 166 -25.55 18.94 -28.56
N LEU D 167 -24.43 18.24 -28.39
CA LEU D 167 -24.44 16.80 -28.09
C LEU D 167 -24.30 16.65 -26.59
N HIS D 168 -25.44 16.49 -25.88
CA HIS D 168 -25.68 16.38 -24.45
C HIS D 168 -25.63 14.92 -24.00
N PRO D 169 -25.24 14.65 -22.77
CA PRO D 169 -25.19 13.26 -22.29
C PRO D 169 -26.56 12.70 -21.94
N ARG D 170 -26.57 11.37 -21.80
CA ARG D 170 -27.69 10.58 -21.37
C ARG D 170 -27.18 9.49 -20.44
N ASN D 171 -28.04 9.03 -19.54
CA ASN D 171 -27.67 7.99 -18.59
C ASN D 171 -27.40 6.66 -19.30
N PRO D 172 -26.64 5.76 -18.68
CA PRO D 172 -26.44 4.45 -19.28
C PRO D 172 -27.60 3.53 -18.94
N THR D 173 -28.02 2.74 -19.93
CA THR D 173 -29.25 1.96 -19.84
C THR D 173 -29.00 0.51 -20.26
N GLY D 174 -29.99 -0.33 -19.97
CA GLY D 174 -30.02 -1.68 -20.51
C GLY D 174 -28.81 -2.52 -20.13
N SER D 175 -28.31 -3.28 -21.11
CA SER D 175 -27.22 -4.22 -20.85
C SER D 175 -25.94 -3.50 -20.44
N ILE D 176 -25.69 -2.33 -21.01
CA ILE D 176 -24.46 -1.59 -20.68
C ILE D 176 -24.51 -1.11 -19.23
N HIS D 177 -25.66 -0.57 -18.79
CA HIS D 177 -25.82 -0.19 -17.40
C HIS D 177 -25.53 -1.37 -16.47
N GLU D 178 -26.11 -2.53 -16.78
CA GLU D 178 -25.97 -3.68 -15.91
C GLU D 178 -24.52 -4.15 -15.84
N LYS D 179 -23.84 -4.19 -16.99
CA LYS D 179 -22.52 -4.78 -17.02
C LYS D 179 -21.46 -3.86 -16.41
N LEU D 180 -21.58 -2.55 -16.61
CA LEU D 180 -20.53 -1.62 -16.22
C LEU D 180 -20.88 -0.72 -15.04
N TRP D 181 -22.14 -0.33 -14.88
CA TRP D 181 -22.44 0.78 -13.98
C TRP D 181 -23.22 0.39 -12.72
N ALA D 182 -23.98 -0.71 -12.74
CA ALA D 182 -24.90 -1.00 -11.64
C ALA D 182 -24.17 -1.17 -10.31
N LYS D 183 -22.98 -1.79 -10.33
CA LYS D 183 -22.25 -2.05 -9.09
C LYS D 183 -21.28 -0.93 -8.72
N ARG D 184 -21.33 0.19 -9.44
CA ARG D 184 -20.54 1.42 -9.13
C ARG D 184 -21.43 2.56 -9.61
N SER D 185 -22.67 2.57 -9.14
CA SER D 185 -23.70 3.46 -9.67
C SER D 185 -23.55 4.90 -9.21
N TRP D 186 -22.73 5.18 -8.18
CA TRP D 186 -22.47 6.57 -7.83
C TRP D 186 -21.66 7.30 -8.88
N LEU D 187 -21.14 6.56 -9.86
CA LEU D 187 -20.36 7.17 -10.96
C LEU D 187 -21.31 7.55 -12.10
N ILE D 188 -22.59 7.18 -12.00
CA ILE D 188 -23.56 7.49 -13.08
C ILE D 188 -23.80 9.01 -13.11
N GLY D 189 -23.78 9.60 -14.30
CA GLY D 189 -24.03 11.04 -14.45
C GLY D 189 -22.75 11.84 -14.52
N PRO D 190 -22.72 13.06 -13.94
CA PRO D 190 -21.55 13.94 -13.97
C PRO D 190 -20.21 13.33 -13.55
N PRO D 191 -20.12 12.50 -12.50
CA PRO D 191 -18.83 11.90 -12.11
C PRO D 191 -18.06 11.18 -13.22
N LEU D 192 -18.74 10.46 -14.13
CA LEU D 192 -17.99 9.71 -15.17
C LEU D 192 -18.84 9.28 -16.38
N SER D 193 -19.97 8.60 -16.13
CA SER D 193 -20.76 8.01 -17.24
C SER D 193 -21.12 9.04 -18.33
N PHE D 194 -21.54 10.25 -17.93
CA PHE D 194 -21.97 11.27 -18.91
C PHE D 194 -20.87 11.58 -19.93
N ALA D 195 -19.66 11.87 -19.45
CA ALA D 195 -18.60 12.23 -20.38
C ALA D 195 -18.18 11.06 -21.25
N GLN D 196 -18.25 9.84 -20.73
CA GLN D 196 -17.82 8.69 -21.52
C GLN D 196 -18.74 8.50 -22.73
N GLY D 197 -20.04 8.79 -22.55
CA GLY D 197 -20.97 8.66 -23.66
C GLY D 197 -20.77 9.72 -24.72
N VAL D 198 -20.69 10.99 -24.31
CA VAL D 198 -20.57 12.07 -25.30
C VAL D 198 -19.23 11.99 -26.04
N SER D 199 -18.14 11.71 -25.32
CA SER D 199 -16.84 11.67 -25.99
C SER D 199 -16.78 10.55 -27.03
N LEU D 200 -17.33 9.38 -26.71
CA LEU D 200 -17.43 8.29 -27.70
C LEU D 200 -18.16 8.74 -28.95
N HIS D 201 -19.32 9.37 -28.78
CA HIS D 201 -20.13 9.78 -29.91
C HIS D 201 -19.45 10.89 -30.71
N ALA D 202 -18.92 11.91 -30.04
CA ALA D 202 -18.30 13.02 -30.76
C ALA D 202 -17.04 12.57 -31.50
N LEU D 203 -16.23 11.71 -30.87
CA LEU D 203 -15.06 11.23 -31.57
C LEU D 203 -15.44 10.22 -32.64
N GLY D 204 -16.60 9.59 -32.49
CA GLY D 204 -17.18 8.84 -33.60
C GLY D 204 -17.47 9.72 -34.80
N MET D 205 -18.04 10.91 -34.56
CA MET D 205 -18.29 11.82 -35.66
C MET D 205 -17.01 12.23 -36.36
N VAL D 206 -15.93 12.48 -35.59
CA VAL D 206 -14.66 12.85 -36.19
C VAL D 206 -14.14 11.73 -37.09
N THR D 207 -13.99 10.53 -36.54
CA THR D 207 -13.26 9.46 -37.22
C THR D 207 -14.09 8.75 -38.27
N ASN D 208 -15.41 8.93 -38.26
CA ASN D 208 -16.26 8.41 -39.32
C ASN D 208 -16.60 9.49 -40.36
N GLY D 209 -15.93 10.63 -40.30
CA GLY D 209 -15.91 11.58 -41.39
C GLY D 209 -17.07 12.56 -41.43
N VAL D 210 -17.85 12.69 -40.37
CA VAL D 210 -18.98 13.64 -40.39
C VAL D 210 -18.48 15.04 -40.73
N PHE D 211 -17.38 15.47 -40.11
CA PHE D 211 -16.92 16.82 -40.37
C PHE D 211 -16.19 16.96 -41.69
N ASP D 212 -15.80 15.85 -42.33
CA ASP D 212 -15.21 15.96 -43.65
C ASP D 212 -16.30 16.10 -44.70
N ARG D 213 -17.39 15.36 -44.51
CA ARG D 213 -18.53 15.47 -45.42
C ARG D 213 -19.30 16.76 -45.19
N HIS D 214 -19.24 17.30 -43.97
CA HIS D 214 -20.02 18.48 -43.57
C HIS D 214 -19.11 19.49 -42.88
N PRO D 215 -18.20 20.11 -43.64
CA PRO D 215 -17.17 20.95 -42.99
C PRO D 215 -17.70 22.16 -42.25
N LYS D 216 -18.95 22.57 -42.51
CA LYS D 216 -19.52 23.74 -41.85
C LYS D 216 -20.26 23.40 -40.56
N LEU D 217 -20.41 22.11 -40.26
CA LEU D 217 -21.20 21.68 -39.11
C LEU D 217 -20.54 22.08 -37.79
N GLN D 218 -21.34 22.60 -36.86
CA GLN D 218 -20.86 23.02 -35.55
C GLN D 218 -21.48 22.13 -34.48
N ILE D 219 -20.64 21.39 -33.75
CA ILE D 219 -21.08 20.52 -32.67
C ILE D 219 -20.57 21.09 -31.35
N VAL D 220 -21.45 21.17 -30.35
CA VAL D 220 -21.15 21.75 -29.06
C VAL D 220 -21.15 20.66 -27.99
N LEU D 221 -20.09 20.61 -27.18
CA LEU D 221 -19.98 19.68 -26.07
C LEU D 221 -19.98 20.43 -24.75
N GLY D 222 -20.69 19.90 -23.77
CA GLY D 222 -20.70 20.48 -22.44
C GLY D 222 -19.50 20.05 -21.61
N HIS D 223 -19.44 20.59 -20.39
CA HIS D 223 -18.58 20.06 -19.34
C HIS D 223 -17.10 20.13 -19.75
N LEU D 224 -16.75 21.24 -20.37
CA LEU D 224 -15.40 21.54 -20.86
C LEU D 224 -14.88 20.45 -21.81
N GLY D 225 -15.79 19.81 -22.52
CA GLY D 225 -15.40 18.90 -23.58
C GLY D 225 -15.38 17.43 -23.23
N GLU D 226 -15.99 17.04 -22.11
CA GLU D 226 -16.22 15.63 -21.81
C GLU D 226 -14.93 14.82 -21.86
N HIS D 227 -13.94 15.27 -21.09
CA HIS D 227 -12.60 14.65 -20.98
C HIS D 227 -11.68 14.93 -22.15
N ILE D 228 -12.20 15.20 -23.35
CA ILE D 228 -11.35 15.15 -24.56
C ILE D 228 -10.15 16.08 -24.48
N PRO D 229 -10.27 17.34 -24.03
CA PRO D 229 -9.07 18.21 -24.06
C PRO D 229 -7.91 17.67 -23.24
N PHE D 230 -8.19 16.92 -22.17
CA PHE D 230 -7.13 16.31 -21.36
C PHE D 230 -6.23 15.43 -22.22
N ASP D 231 -6.79 14.78 -23.22
CA ASP D 231 -6.06 13.87 -24.11
C ASP D 231 -5.80 14.46 -25.50
N MET D 232 -5.91 15.79 -25.68
CA MET D 232 -5.72 16.32 -27.02
C MET D 232 -4.35 15.92 -27.60
N TRP D 233 -3.29 15.99 -26.79
CA TRP D 233 -1.99 15.55 -27.25
C TRP D 233 -2.00 14.08 -27.60
N ARG D 234 -2.64 13.27 -26.76
CA ARG D 234 -2.55 11.82 -26.88
C ARG D 234 -3.39 11.32 -28.04
N ILE D 235 -4.60 11.88 -28.21
CA ILE D 235 -5.42 11.58 -29.38
C ILE D 235 -4.72 12.04 -30.65
N ASN D 236 -4.18 13.26 -30.64
CA ASN D 236 -3.51 13.74 -31.83
C ASN D 236 -2.35 12.84 -32.23
N HIS D 237 -1.55 12.42 -31.25
CA HIS D 237 -0.40 11.56 -31.56
C HIS D 237 -0.85 10.23 -32.13
N TRP D 238 -1.87 9.63 -31.52
CA TRP D 238 -2.27 8.30 -31.99
C TRP D 238 -3.00 8.39 -33.32
N PHE D 239 -3.71 9.48 -33.59
CA PHE D 239 -4.33 9.63 -34.91
C PHE D 239 -3.29 9.88 -35.99
N GLU D 240 -2.43 10.87 -35.78
CA GLU D 240 -1.50 11.27 -36.84
C GLU D 240 -0.42 10.23 -37.08
N ASP D 241 0.08 9.61 -36.01
CA ASP D 241 1.28 8.80 -36.13
C ASP D 241 1.01 7.31 -36.26
N ILE D 242 -0.19 6.84 -35.91
CA ILE D 242 -0.45 5.41 -35.89
C ILE D 242 -1.76 5.09 -36.62
N LYS D 243 -2.87 5.68 -36.19
CA LYS D 243 -4.15 5.31 -36.80
C LYS D 243 -4.21 5.71 -38.28
N LYS D 244 -3.64 6.88 -38.64
CA LYS D 244 -3.74 7.32 -40.03
C LYS D 244 -2.82 6.55 -40.98
N PRO D 245 -1.56 6.23 -40.62
CA PRO D 245 -0.82 5.28 -41.46
C PRO D 245 -1.52 3.94 -41.61
N LEU D 246 -2.41 3.58 -40.70
CA LEU D 246 -3.09 2.30 -40.73
C LEU D 246 -4.52 2.39 -41.24
N GLY D 247 -4.89 3.50 -41.88
CA GLY D 247 -6.17 3.55 -42.56
C GLY D 247 -7.07 4.74 -42.27
N LEU D 248 -6.99 5.31 -41.07
CA LEU D 248 -7.85 6.44 -40.71
C LEU D 248 -7.71 7.54 -41.75
N SER D 249 -8.85 7.96 -42.30
CA SER D 249 -8.86 8.81 -43.49
C SER D 249 -9.30 10.24 -43.21
N CYS D 250 -9.41 10.64 -41.93
CA CYS D 250 -9.64 12.02 -41.55
C CYS D 250 -8.77 12.97 -42.38
N LYS D 251 -9.40 13.96 -43.02
CA LYS D 251 -8.60 14.95 -43.73
C LYS D 251 -7.80 15.82 -42.77
N LEU D 252 -8.34 16.09 -41.59
CA LEU D 252 -7.79 17.08 -40.68
C LEU D 252 -7.25 16.40 -39.43
N THR D 253 -6.54 17.17 -38.61
CA THR D 253 -6.11 16.70 -37.30
C THR D 253 -7.21 16.95 -36.28
N ILE D 254 -7.11 16.28 -35.13
CA ILE D 254 -8.10 16.51 -34.09
C ILE D 254 -8.09 17.97 -33.63
N ARG D 255 -6.93 18.61 -33.63
CA ARG D 255 -6.90 20.03 -33.27
C ARG D 255 -7.63 20.88 -34.30
N GLU D 256 -7.48 20.54 -35.58
CA GLU D 256 -8.17 21.30 -36.62
C GLU D 256 -9.68 21.14 -36.53
N TYR D 257 -10.15 19.95 -36.16
CA TYR D 257 -11.59 19.80 -35.94
C TYR D 257 -12.05 20.61 -34.74
N PHE D 258 -11.23 20.72 -33.70
CA PHE D 258 -11.61 21.55 -32.56
C PHE D 258 -11.54 23.03 -32.88
N ALA D 259 -10.83 23.40 -33.95
CA ALA D 259 -10.76 24.79 -34.40
C ALA D 259 -11.95 25.15 -35.27
N ARG D 260 -12.44 24.19 -36.06
CA ARG D 260 -13.39 24.48 -37.12
C ARG D 260 -14.79 23.96 -36.87
N ASN D 261 -14.96 22.88 -36.11
CA ASN D 261 -16.25 22.22 -35.99
C ASN D 261 -16.75 22.03 -34.58
N LEU D 262 -15.88 21.96 -33.57
CA LEU D 262 -16.32 21.67 -32.22
C LEU D 262 -16.22 22.90 -31.32
N TRP D 263 -17.06 22.89 -30.28
CA TRP D 263 -17.11 23.90 -29.23
C TRP D 263 -17.22 23.19 -27.88
N ILE D 264 -16.74 23.84 -26.83
CA ILE D 264 -16.97 23.33 -25.50
C ILE D 264 -17.60 24.44 -24.66
N THR D 265 -18.38 24.05 -23.67
CA THR D 265 -18.95 24.98 -22.70
C THR D 265 -18.48 24.68 -21.28
N THR D 266 -18.71 25.66 -20.40
CA THR D 266 -18.32 25.52 -19.00
C THR D 266 -19.39 24.88 -18.13
N SER D 267 -20.41 24.25 -18.73
CA SER D 267 -21.49 23.69 -17.95
C SER D 267 -20.97 22.71 -16.91
N GLY D 268 -21.36 22.92 -15.66
CA GLY D 268 -21.05 22.00 -14.58
C GLY D 268 -19.57 21.79 -14.36
N HIS D 269 -18.74 22.72 -14.81
CA HIS D 269 -17.30 22.58 -14.69
C HIS D 269 -16.68 23.94 -14.37
N PHE D 270 -16.91 24.39 -13.14
CA PHE D 270 -16.58 25.75 -12.71
C PHE D 270 -15.18 25.76 -12.12
N SER D 271 -14.25 25.27 -12.94
CA SER D 271 -12.90 24.93 -12.53
C SER D 271 -11.96 25.91 -13.23
N THR D 272 -11.38 26.82 -12.44
CA THR D 272 -10.43 27.75 -13.00
C THR D 272 -9.22 27.00 -13.56
N SER D 273 -8.78 25.96 -12.86
CA SER D 273 -7.66 25.12 -13.30
C SER D 273 -7.94 24.51 -14.68
N THR D 274 -9.10 23.88 -14.84
CA THR D 274 -9.40 23.21 -16.10
C THR D 274 -9.67 24.22 -17.22
N LEU D 275 -10.30 25.35 -16.90
CA LEU D 275 -10.50 26.38 -17.91
C LEU D 275 -9.17 26.89 -18.44
N GLN D 276 -8.23 27.21 -17.55
CA GLN D 276 -6.92 27.68 -17.98
C GLN D 276 -6.24 26.66 -18.89
N PHE D 277 -6.34 25.39 -18.53
CA PHE D 277 -5.79 24.34 -19.37
C PHE D 277 -6.46 24.33 -20.74
N CYS D 278 -7.79 24.52 -20.77
CA CYS D 278 -8.52 24.57 -22.03
C CYS D 278 -8.22 25.81 -22.87
N LEU D 279 -7.76 26.90 -22.25
CA LEU D 279 -7.35 28.03 -23.07
C LEU D 279 -6.21 27.65 -24.00
N GLY D 280 -5.30 26.78 -23.52
CA GLY D 280 -4.27 26.25 -24.37
C GLY D 280 -4.73 25.17 -25.34
N GLU D 281 -5.48 24.19 -24.84
CA GLU D 281 -5.79 23.01 -25.67
C GLU D 281 -6.93 23.27 -26.65
N VAL D 282 -7.84 24.20 -26.35
CA VAL D 282 -9.02 24.45 -27.17
C VAL D 282 -9.07 25.90 -27.64
N GLY D 283 -8.82 26.86 -26.74
CA GLY D 283 -8.76 28.25 -27.13
C GLY D 283 -10.03 29.02 -26.81
N ALA D 284 -9.89 30.29 -26.42
CA ALA D 284 -11.04 31.04 -25.95
C ALA D 284 -12.08 31.26 -27.02
N ASP D 285 -11.68 31.25 -28.30
CA ASP D 285 -12.65 31.47 -29.36
C ASP D 285 -13.66 30.33 -29.46
N ARG D 286 -13.37 29.17 -28.88
CA ARG D 286 -14.22 27.99 -29.02
C ARG D 286 -14.81 27.54 -27.69
N ILE D 287 -14.82 28.40 -26.68
CA ILE D 287 -15.32 28.07 -25.35
C ILE D 287 -16.50 28.99 -25.03
N LEU D 288 -17.57 28.41 -24.48
CA LEU D 288 -18.81 29.13 -24.19
C LEU D 288 -19.16 28.98 -22.72
N PHE D 289 -19.51 30.08 -22.07
CA PHE D 289 -20.08 29.97 -20.74
C PHE D 289 -21.41 29.19 -20.81
N SER D 290 -21.65 28.38 -19.79
CA SER D 290 -22.95 27.73 -19.58
C SER D 290 -22.99 27.25 -18.14
N ILE D 291 -24.18 26.86 -17.67
CA ILE D 291 -24.43 26.61 -16.26
C ILE D 291 -24.75 25.14 -15.99
N ASP D 292 -25.66 24.56 -16.79
CA ASP D 292 -26.34 23.28 -16.54
C ASP D 292 -27.37 23.44 -15.42
N TYR D 293 -28.13 24.52 -15.49
CA TYR D 293 -29.26 24.72 -14.58
C TYR D 293 -30.40 23.77 -14.96
N PRO D 294 -31.10 23.17 -13.97
CA PRO D 294 -31.01 23.37 -12.51
C PRO D 294 -30.20 22.32 -11.78
N PHE D 295 -29.56 21.41 -12.52
CA PHE D 295 -28.62 20.49 -11.89
C PHE D 295 -27.51 21.25 -11.18
N GLU D 296 -27.03 22.33 -11.80
CA GLU D 296 -26.21 23.33 -11.11
C GLU D 296 -27.07 24.57 -10.86
N ASN D 297 -26.67 25.34 -9.86
CA ASN D 297 -27.37 26.58 -9.55
C ASN D 297 -26.63 27.79 -10.12
N PHE D 298 -27.38 28.87 -10.34
CA PHE D 298 -26.81 30.08 -10.93
C PHE D 298 -25.66 30.63 -10.11
N SER D 299 -25.80 30.61 -8.78
CA SER D 299 -24.81 31.24 -7.92
C SER D 299 -23.45 30.60 -8.08
N ASP D 300 -23.38 29.27 -8.09
CA ASP D 300 -22.09 28.61 -8.27
C ASP D 300 -21.45 29.02 -9.60
N ALA D 301 -22.20 28.86 -10.69
CA ALA D 301 -21.65 29.14 -12.01
C ALA D 301 -21.27 30.60 -12.16
N CYS D 302 -22.11 31.50 -11.65
CA CYS D 302 -21.95 32.91 -12.00
C CYS D 302 -20.97 33.62 -11.05
N THR D 303 -20.96 33.27 -9.76
CA THR D 303 -19.93 33.81 -8.88
C THR D 303 -18.56 33.34 -9.33
N TRP D 304 -18.45 32.08 -9.76
CA TRP D 304 -17.19 31.60 -10.32
C TRP D 304 -16.81 32.40 -11.56
N TYR D 305 -17.70 32.49 -12.55
CA TYR D 305 -17.34 33.14 -13.80
C TYR D 305 -17.04 34.61 -13.60
N ASP D 306 -17.93 35.32 -12.90
CA ASP D 306 -17.72 36.75 -12.68
C ASP D 306 -16.41 37.01 -11.95
N GLY D 307 -15.97 36.07 -11.12
CA GLY D 307 -14.76 36.23 -10.34
C GLY D 307 -13.47 35.89 -11.07
N LEU D 308 -13.55 35.40 -12.31
CA LEU D 308 -12.36 34.91 -12.98
C LEU D 308 -11.35 36.03 -13.20
N ALA D 309 -10.11 35.80 -12.74
CA ALA D 309 -9.03 36.77 -12.93
C ALA D 309 -8.28 36.44 -14.22
N ILE D 310 -8.98 36.62 -15.34
CA ILE D 310 -8.42 36.35 -16.66
C ILE D 310 -8.55 37.59 -17.52
N ASN D 311 -7.93 37.54 -18.69
CA ASN D 311 -7.87 38.72 -19.54
C ASN D 311 -9.27 39.12 -20.01
N ASP D 312 -9.44 40.42 -20.27
CA ASP D 312 -10.77 40.95 -20.51
C ASP D 312 -11.33 40.50 -21.85
N VAL D 313 -10.47 40.32 -22.86
CA VAL D 313 -10.95 39.91 -24.17
C VAL D 313 -11.62 38.55 -24.09
N ASP D 314 -10.93 37.58 -23.50
CA ASP D 314 -11.47 36.23 -23.43
C ASP D 314 -12.63 36.14 -22.46
N LYS D 315 -12.60 36.92 -21.38
CA LYS D 315 -13.72 36.90 -20.45
C LYS D 315 -15.00 37.34 -21.13
N ARG D 316 -14.93 38.36 -22.00
CA ARG D 316 -16.10 38.79 -22.74
C ARG D 316 -16.51 37.76 -23.78
N LYS D 317 -15.55 37.21 -24.53
CA LYS D 317 -15.87 36.24 -25.57
C LYS D 317 -16.56 35.01 -24.98
N ILE D 318 -15.95 34.41 -23.97
CA ILE D 318 -16.50 33.20 -23.37
C ILE D 318 -17.82 33.50 -22.67
N GLY D 319 -17.91 34.67 -22.02
CA GLY D 319 -19.09 34.98 -21.25
C GLY D 319 -20.32 35.28 -22.07
N LYS D 320 -20.14 35.90 -23.25
CA LYS D 320 -21.30 36.23 -24.07
C LYS D 320 -21.02 36.39 -25.56
N ASP D 321 -19.87 36.96 -25.93
CA ASP D 321 -19.71 37.38 -27.32
C ASP D 321 -19.53 36.21 -28.27
N ASN D 322 -18.89 35.12 -27.82
CA ASN D 322 -18.83 33.93 -28.68
C ASN D 322 -20.23 33.43 -29.02
N ALA D 323 -21.09 33.32 -28.02
CA ALA D 323 -22.45 32.81 -28.25
C ALA D 323 -23.27 33.76 -29.09
N LYS D 324 -23.12 35.07 -28.86
CA LYS D 324 -23.86 36.06 -29.65
C LYS D 324 -23.58 35.87 -31.14
N LYS D 325 -22.33 35.59 -31.50
CA LYS D 325 -21.97 35.42 -32.90
C LYS D 325 -22.39 34.06 -33.42
N LEU D 326 -22.17 33.01 -32.62
CA LEU D 326 -22.42 31.64 -33.09
C LEU D 326 -23.91 31.39 -33.29
N PHE D 327 -24.75 31.91 -32.39
CA PHE D 327 -26.18 31.72 -32.45
C PHE D 327 -26.90 32.94 -33.05
N LYS D 328 -26.14 33.79 -33.74
CA LYS D 328 -26.65 35.00 -34.43
C LYS D 328 -27.66 35.73 -33.54
N LEU D 329 -27.37 35.75 -32.25
CA LEU D 329 -28.26 36.40 -31.25
C LEU D 329 -28.42 37.87 -31.62
N PRO D 330 -29.64 38.43 -31.48
CA PRO D 330 -29.85 39.85 -31.76
C PRO D 330 -29.68 40.63 -30.46
N GLN D 331 -30.04 41.92 -30.49
CA GLN D 331 -29.94 42.73 -29.26
C GLN D 331 -30.78 42.06 -28.16
N PHE D 332 -30.14 41.84 -27.01
CA PHE D 332 -30.77 41.22 -25.82
C PHE D 332 -30.03 41.73 -24.59
N TYR D 333 -30.67 41.59 -23.42
CA TYR D 333 -30.13 41.89 -22.06
C TYR D 333 -31.19 41.44 -21.04
#